data_2F8K
# 
_entry.id   2F8K 
# 
_audit_conform.dict_name       mmcif_pdbx.dic 
_audit_conform.dict_version    5.377 
_audit_conform.dict_location   http://mmcif.pdb.org/dictionaries/ascii/mmcif_pdbx.dic 
# 
loop_
_database_2.database_id 
_database_2.database_code 
_database_2.pdbx_database_accession 
_database_2.pdbx_DOI 
PDB   2F8K         pdb_00002f8k 10.2210/pdb2f8k/pdb 
NDB   PR0186       ?            ?                   
RCSB  RCSB035585   ?            ?                   
WWPDB D_1000035585 ?            ?                   
# 
_pdbx_database_related.db_name        PDB 
_pdbx_database_related.db_id          2D3D 
_pdbx_database_related.details        'Unbound Vts1 SAM domain' 
_pdbx_database_related.content_type   unspecified 
# 
_pdbx_database_status.entry_id                        2F8K 
_pdbx_database_status.deposit_site                    RCSB 
_pdbx_database_status.process_site                    RCSB 
_pdbx_database_status.recvd_initial_deposition_date   2005-12-02 
_pdbx_database_status.status_code                     REL 
_pdbx_database_status.status_code_sf                  REL 
_pdbx_database_status.status_code_mr                  ? 
_pdbx_database_status.SG_entry                        ? 
_pdbx_database_status.pdb_format_compatible           Y 
_pdbx_database_status.status_code_cs                  ? 
_pdbx_database_status.status_code_nmr_data            ? 
_pdbx_database_status.methods_development_category    ? 
# 
loop_
_audit_author.name 
_audit_author.pdbx_ordinal 
'Aviv, T.'      1 
'Lin, Z.'       2 
'Ben-Ari, G.'   3 
'Smibert, C.A.' 4 
'Sicheri, F.'   5 
# 
_citation.id                        primary 
_citation.title                     'Sequence-specific recognition of RNA hairpins by the SAM domain of Vts1p.' 
_citation.journal_abbrev            Nat.Struct.Mol.Biol. 
_citation.journal_volume            13 
_citation.page_first                168 
_citation.page_last                 176 
_citation.year                      2006 
_citation.journal_id_ASTM           ? 
_citation.country                   US 
_citation.journal_id_ISSN           1545-9993 
_citation.journal_id_CSD            ? 
_citation.book_publisher            ? 
_citation.pdbx_database_id_PubMed   16429151 
_citation.pdbx_database_id_DOI      10.1038/nsmb1053 
# 
loop_
_citation_author.citation_id 
_citation_author.name 
_citation_author.ordinal 
_citation_author.identifier_ORCID 
primary 'Aviv, T.'      1 ? 
primary 'Lin, Z.'       2 ? 
primary 'Ben-Ari, G.'   3 ? 
primary 'Smibert, C.A.' 4 ? 
primary 'Sicheri, F.'   5 ? 
# 
_cell.entry_id           2F8K 
_cell.length_a           27.550 
_cell.length_b           44.530 
_cell.length_c           129.230 
_cell.angle_alpha        90.00 
_cell.angle_beta         90.00 
_cell.angle_gamma        90.00 
_cell.Z_PDB              4 
_cell.pdbx_unique_axis   ? 
# 
_symmetry.entry_id                         2F8K 
_symmetry.space_group_name_H-M             'P 21 21 21' 
_symmetry.pdbx_full_space_group_name_H-M   ? 
_symmetry.cell_setting                     ? 
_symmetry.Int_Tables_number                19 
_symmetry.space_group_name_Hall            ? 
# 
loop_
_entity.id 
_entity.type 
_entity.src_method 
_entity.pdbx_description 
_entity.formula_weight 
_entity.pdbx_number_of_molecules 
_entity.pdbx_ec 
_entity.pdbx_mutation 
_entity.pdbx_fragment 
_entity.details 
1 polymer syn "5'-R(*UP*AP*AP*UP*CP*UP*UP*UP*GP*AP*CP*AP*GP*AP*UP*U)-3'" 5045.008  1   ? ? ? SRE23 
2 polymer man 'Protein VTS1'                                             10079.785 1   ? ? ? ?     
3 water   nat water                                                      18.015    117 ? ? ? ?     
# 
_entity_name_com.entity_id   2 
_entity_name_com.name        'VTI1-2 suppressor protein 1' 
# 
loop_
_entity_poly.entity_id 
_entity_poly.type 
_entity_poly.nstd_linkage 
_entity_poly.nstd_monomer 
_entity_poly.pdbx_seq_one_letter_code 
_entity_poly.pdbx_seq_one_letter_code_can 
_entity_poly.pdbx_strand_id 
_entity_poly.pdbx_target_identifier 
1 polyribonucleotide no no UAAUCUUUGACAGAUU                                                                            
UAAUCUUUGACAGAUU                                                                            B ? 
2 'polypeptide(L)'   no no 
;LSSNSSMNPKSLTDPKLLKNIPMWLKSLRLHKYSDALSGTPWIELIYLDDETLEKKGVLALGARRKLLKAFGIVIDYKER
DLIDRSAY
;
;LSSNSSMNPKSLTDPKLLKNIPMWLKSLRLHKYSDALSGTPWIELIYLDDETLEKKGVLALGARRKLLKAFGIVIDYKER
DLIDRSAY
;
A ? 
# 
loop_
_entity_poly_seq.entity_id 
_entity_poly_seq.num 
_entity_poly_seq.mon_id 
_entity_poly_seq.hetero 
1 1  U   n 
1 2  A   n 
1 3  A   n 
1 4  U   n 
1 5  C   n 
1 6  U   n 
1 7  U   n 
1 8  U   n 
1 9  G   n 
1 10 A   n 
1 11 C   n 
1 12 A   n 
1 13 G   n 
1 14 A   n 
1 15 U   n 
1 16 U   n 
2 1  LEU n 
2 2  SER n 
2 3  SER n 
2 4  ASN n 
2 5  SER n 
2 6  SER n 
2 7  MET n 
2 8  ASN n 
2 9  PRO n 
2 10 LYS n 
2 11 SER n 
2 12 LEU n 
2 13 THR n 
2 14 ASP n 
2 15 PRO n 
2 16 LYS n 
2 17 LEU n 
2 18 LEU n 
2 19 LYS n 
2 20 ASN n 
2 21 ILE n 
2 22 PRO n 
2 23 MET n 
2 24 TRP n 
2 25 LEU n 
2 26 LYS n 
2 27 SER n 
2 28 LEU n 
2 29 ARG n 
2 30 LEU n 
2 31 HIS n 
2 32 LYS n 
2 33 TYR n 
2 34 SER n 
2 35 ASP n 
2 36 ALA n 
2 37 LEU n 
2 38 SER n 
2 39 GLY n 
2 40 THR n 
2 41 PRO n 
2 42 TRP n 
2 43 ILE n 
2 44 GLU n 
2 45 LEU n 
2 46 ILE n 
2 47 TYR n 
2 48 LEU n 
2 49 ASP n 
2 50 ASP n 
2 51 GLU n 
2 52 THR n 
2 53 LEU n 
2 54 GLU n 
2 55 LYS n 
2 56 LYS n 
2 57 GLY n 
2 58 VAL n 
2 59 LEU n 
2 60 ALA n 
2 61 LEU n 
2 62 GLY n 
2 63 ALA n 
2 64 ARG n 
2 65 ARG n 
2 66 LYS n 
2 67 LEU n 
2 68 LEU n 
2 69 LYS n 
2 70 ALA n 
2 71 PHE n 
2 72 GLY n 
2 73 ILE n 
2 74 VAL n 
2 75 ILE n 
2 76 ASP n 
2 77 TYR n 
2 78 LYS n 
2 79 GLU n 
2 80 ARG n 
2 81 ASP n 
2 82 LEU n 
2 83 ILE n 
2 84 ASP n 
2 85 ARG n 
2 86 SER n 
2 87 ALA n 
2 88 TYR n 
# 
_entity_src_gen.entity_id                          2 
_entity_src_gen.pdbx_src_id                        1 
_entity_src_gen.pdbx_alt_source_flag               sample 
_entity_src_gen.pdbx_seq_type                      ? 
_entity_src_gen.pdbx_beg_seq_num                   ? 
_entity_src_gen.pdbx_end_seq_num                   ? 
_entity_src_gen.gene_src_common_name               
;baker's yeast
;
_entity_src_gen.gene_src_genus                     Saccharomyces 
_entity_src_gen.pdbx_gene_src_gene                 VTS1 
_entity_src_gen.gene_src_species                   ? 
_entity_src_gen.gene_src_strain                    ? 
_entity_src_gen.gene_src_tissue                    ? 
_entity_src_gen.gene_src_tissue_fraction           ? 
_entity_src_gen.gene_src_details                   ? 
_entity_src_gen.pdbx_gene_src_fragment             ? 
_entity_src_gen.pdbx_gene_src_scientific_name      'Saccharomyces cerevisiae' 
_entity_src_gen.pdbx_gene_src_ncbi_taxonomy_id     4932 
_entity_src_gen.pdbx_gene_src_variant              ? 
_entity_src_gen.pdbx_gene_src_cell_line            ? 
_entity_src_gen.pdbx_gene_src_atcc                 ? 
_entity_src_gen.pdbx_gene_src_organ                ? 
_entity_src_gen.pdbx_gene_src_organelle            ? 
_entity_src_gen.pdbx_gene_src_cell                 ? 
_entity_src_gen.pdbx_gene_src_cellular_location    ? 
_entity_src_gen.host_org_common_name               ? 
_entity_src_gen.pdbx_host_org_scientific_name      'Escherichia coli BL21' 
_entity_src_gen.pdbx_host_org_ncbi_taxonomy_id     511693 
_entity_src_gen.host_org_genus                     Escherichia 
_entity_src_gen.pdbx_host_org_gene                 ? 
_entity_src_gen.pdbx_host_org_organ                ? 
_entity_src_gen.host_org_species                   'Escherichia coli' 
_entity_src_gen.pdbx_host_org_tissue               ? 
_entity_src_gen.pdbx_host_org_tissue_fraction      ? 
_entity_src_gen.pdbx_host_org_strain               BL21 
_entity_src_gen.pdbx_host_org_variant              ? 
_entity_src_gen.pdbx_host_org_cell_line            ? 
_entity_src_gen.pdbx_host_org_atcc                 ? 
_entity_src_gen.pdbx_host_org_culture_collection   ? 
_entity_src_gen.pdbx_host_org_cell                 ? 
_entity_src_gen.pdbx_host_org_organelle            ? 
_entity_src_gen.pdbx_host_org_cellular_location    ? 
_entity_src_gen.pdbx_host_org_vector_type          plasmid 
_entity_src_gen.pdbx_host_org_vector               ? 
_entity_src_gen.host_org_details                   ? 
_entity_src_gen.expression_system_id               ? 
_entity_src_gen.plasmid_name                       pGEX 
_entity_src_gen.plasmid_details                    ? 
_entity_src_gen.pdbx_description                   ? 
# 
loop_
_struct_ref.id 
_struct_ref.db_name 
_struct_ref.db_code 
_struct_ref.pdbx_db_accession 
_struct_ref.entity_id 
_struct_ref.pdbx_seq_one_letter_code 
_struct_ref.pdbx_align_begin 
_struct_ref.pdbx_db_isoform 
1 UNP VTS1_YEAST Q08831 2 
;LSSNSSMNPKSLTDPKLLKNIPMWLKSLRLHKYSDALSGTPWIELIYLDDETLEKKGVLALGARRKLLKAFGIVIDYKER
DLIDRSAY
;
436 ? 
2 PDB 2F8K       2F8K   1 ?                                                                                           ?   ? 
# 
loop_
_struct_ref_seq.align_id 
_struct_ref_seq.ref_id 
_struct_ref_seq.pdbx_PDB_id_code 
_struct_ref_seq.pdbx_strand_id 
_struct_ref_seq.seq_align_beg 
_struct_ref_seq.pdbx_seq_align_beg_ins_code 
_struct_ref_seq.seq_align_end 
_struct_ref_seq.pdbx_seq_align_end_ins_code 
_struct_ref_seq.pdbx_db_accession 
_struct_ref_seq.db_align_beg 
_struct_ref_seq.pdbx_db_align_beg_ins_code 
_struct_ref_seq.db_align_end 
_struct_ref_seq.pdbx_db_align_end_ins_code 
_struct_ref_seq.pdbx_auth_seq_align_beg 
_struct_ref_seq.pdbx_auth_seq_align_end 
1 1 2F8K A 1 ? 88 ? Q08831 436 ? 523 ? 436 523 
2 2 2F8K B 1 ? 16 ? 2F8K   0   ? 15  ? 0   15  
# 
loop_
_chem_comp.id 
_chem_comp.type 
_chem_comp.mon_nstd_flag 
_chem_comp.name 
_chem_comp.pdbx_synonyms 
_chem_comp.formula 
_chem_comp.formula_weight 
A   'RNA linking'       y "ADENOSINE-5'-MONOPHOSPHATE" ? 'C10 H14 N5 O7 P' 347.221 
ALA 'L-peptide linking' y ALANINE                      ? 'C3 H7 N O2'      89.093  
ARG 'L-peptide linking' y ARGININE                     ? 'C6 H15 N4 O2 1'  175.209 
ASN 'L-peptide linking' y ASPARAGINE                   ? 'C4 H8 N2 O3'     132.118 
ASP 'L-peptide linking' y 'ASPARTIC ACID'              ? 'C4 H7 N O4'      133.103 
C   'RNA linking'       y "CYTIDINE-5'-MONOPHOSPHATE"  ? 'C9 H14 N3 O8 P'  323.197 
G   'RNA linking'       y "GUANOSINE-5'-MONOPHOSPHATE" ? 'C10 H14 N5 O8 P' 363.221 
GLU 'L-peptide linking' y 'GLUTAMIC ACID'              ? 'C5 H9 N O4'      147.129 
GLY 'peptide linking'   y GLYCINE                      ? 'C2 H5 N O2'      75.067  
HIS 'L-peptide linking' y HISTIDINE                    ? 'C6 H10 N3 O2 1'  156.162 
HOH non-polymer         . WATER                        ? 'H2 O'            18.015  
ILE 'L-peptide linking' y ISOLEUCINE                   ? 'C6 H13 N O2'     131.173 
LEU 'L-peptide linking' y LEUCINE                      ? 'C6 H13 N O2'     131.173 
LYS 'L-peptide linking' y LYSINE                       ? 'C6 H15 N2 O2 1'  147.195 
MET 'L-peptide linking' y METHIONINE                   ? 'C5 H11 N O2 S'   149.211 
PHE 'L-peptide linking' y PHENYLALANINE                ? 'C9 H11 N O2'     165.189 
PRO 'L-peptide linking' y PROLINE                      ? 'C5 H9 N O2'      115.130 
SER 'L-peptide linking' y SERINE                       ? 'C3 H7 N O3'      105.093 
THR 'L-peptide linking' y THREONINE                    ? 'C4 H9 N O3'      119.119 
TRP 'L-peptide linking' y TRYPTOPHAN                   ? 'C11 H12 N2 O2'   204.225 
TYR 'L-peptide linking' y TYROSINE                     ? 'C9 H11 N O3'     181.189 
U   'RNA linking'       y "URIDINE-5'-MONOPHOSPHATE"   ? 'C9 H13 N2 O9 P'  324.181 
VAL 'L-peptide linking' y VALINE                       ? 'C5 H11 N O2'     117.146 
# 
_exptl.entry_id          2F8K 
_exptl.crystals_number   1 
_exptl.method            'X-RAY DIFFRACTION' 
# 
_exptl_crystal.id                    1 
_exptl_crystal.density_Matthews      2.62 
_exptl_crystal.density_meas          ? 
_exptl_crystal.density_percent_sol   53.05 
_exptl_crystal.description           ? 
_exptl_crystal.F_000                 ? 
_exptl_crystal.preparation           ? 
# 
_exptl_crystal_grow.crystal_id      1 
_exptl_crystal_grow.method          'VAPOR DIFFUSION, HANGING DROP' 
_exptl_crystal_grow.pH              5.5 
_exptl_crystal_grow.temp            298 
_exptl_crystal_grow.temp_details    ? 
_exptl_crystal_grow.pdbx_details    
;2.5 M Ammonium sulfate,  
50 mM MES pH 5.5,  
10 mM Magnesium Acetate, VAPOR DIFFUSION, HANGING DROP, temperature 298K
;
_exptl_crystal_grow.pdbx_pH_range   . 
# 
loop_
_exptl_crystal_grow_comp.crystal_id 
_exptl_crystal_grow_comp.id 
_exptl_crystal_grow_comp.sol_id 
_exptl_crystal_grow_comp.name 
_exptl_crystal_grow_comp.conc 
_exptl_crystal_grow_comp.volume 
_exptl_crystal_grow_comp.details 
1 1 1 'Ammonium sulfate'  ? ? ? 
1 2 1 MES                 ? ? ? 
1 3 1 'Magnesium Acetate' ? ? ? 
1 4 1 H2O                 ? ? ? 
1 5 2 'Ammonium sulfate'  ? ? ? 
1 6 2 MES                 ? ? ? 
1 7 2 'Magnesium Acetate' ? ? ? 
# 
_diffrn.id                     1 
_diffrn.ambient_temp           100 
_diffrn.ambient_temp_details   ? 
_diffrn.crystal_id             1 
# 
_diffrn_detector.diffrn_id              1 
_diffrn_detector.detector               'IMAGE PLATE' 
_diffrn_detector.type                   'RIGAKU RAXIS IV' 
_diffrn_detector.pdbx_collection_date   2005-07-20 
_diffrn_detector.details                ? 
# 
_diffrn_radiation.diffrn_id                        1 
_diffrn_radiation.wavelength_id                    1 
_diffrn_radiation.pdbx_diffrn_protocol             'SINGLE WAVELENGTH' 
_diffrn_radiation.monochromator                    ? 
_diffrn_radiation.pdbx_monochromatic_or_laue_m_l   M 
_diffrn_radiation.pdbx_scattering_type             x-ray 
# 
_diffrn_radiation_wavelength.id           1 
_diffrn_radiation_wavelength.wavelength   1.54 
_diffrn_radiation_wavelength.wt           1.0 
# 
_diffrn_source.diffrn_id                   1 
_diffrn_source.source                      'ROTATING ANODE' 
_diffrn_source.type                        'RIGAKU MICROMAX-002' 
_diffrn_source.pdbx_wavelength             ? 
_diffrn_source.pdbx_wavelength_list        1.54 
_diffrn_source.pdbx_synchrotron_site       ? 
_diffrn_source.pdbx_synchrotron_beamline   ? 
# 
_reflns.entry_id                     2F8K 
_reflns.observed_criterion_sigma_F   2 
_reflns.observed_criterion_sigma_I   2 
_reflns.d_resolution_high            2.00 
_reflns.d_resolution_low             64.550 
_reflns.number_all                   ? 
_reflns.number_obs                   11366 
_reflns.percent_possible_obs         99.9 
_reflns.pdbx_Rmerge_I_obs            ? 
_reflns.pdbx_Rsym_value              0.057 
_reflns.pdbx_netI_over_sigmaI        11.37 
_reflns.B_iso_Wilson_estimate        ? 
_reflns.pdbx_redundancy              6.4 
_reflns.R_free_details               ? 
_reflns.pdbx_chi_squared             ? 
_reflns.pdbx_scaling_rejects         ? 
_reflns.pdbx_ordinal                 1 
_reflns.pdbx_diffrn_id               1 
# 
_reflns_shell.d_res_high             2.0 
_reflns_shell.d_res_low              2.1 
_reflns_shell.percent_possible_obs   ? 
_reflns_shell.percent_possible_all   99.9 
_reflns_shell.Rmerge_I_obs           ? 
_reflns_shell.meanI_over_sigI_obs    6.43 
_reflns_shell.pdbx_Rsym_value        0.139 
_reflns_shell.pdbx_redundancy        5.7 
_reflns_shell.number_unique_all      1523 
_reflns_shell.number_measured_all    ? 
_reflns_shell.number_measured_obs    ? 
_reflns_shell.number_unique_obs      ? 
_reflns_shell.pdbx_chi_squared       ? 
_reflns_shell.pdbx_ordinal           1 
_reflns_shell.pdbx_diffrn_id         1 
# 
_refine.ls_d_res_high                            2.000 
_refine.ls_d_res_low                             64.550 
_refine.pdbx_ls_sigma_F                          0.00 
_refine.ls_percent_reflns_obs                    99.840 
_refine.ls_number_reflns_obs                     11366 
_refine.pdbx_ls_cross_valid_method               THROUGHOUT 
_refine.pdbx_R_Free_selection_details            RANDOM 
_refine.details                                  'HYDROGENS HAVE BEEN ADDED IN THE RIDING POSITIONS' 
_refine.ls_R_factor_all                          0.231 
_refine.ls_R_factor_R_work                       0.228 
_refine.ls_R_factor_R_free                       0.277 
_refine.ls_percent_reflns_R_free                 6.900 
_refine.ls_number_reflns_R_free                  789 
_refine.B_iso_mean                               26.027 
_refine.aniso_B[1][1]                            -0.220 
_refine.aniso_B[2][2]                            0.370 
_refine.aniso_B[3][3]                            -0.150 
_refine.aniso_B[1][2]                            0.000 
_refine.aniso_B[1][3]                            0.000 
_refine.aniso_B[2][3]                            0.000 
_refine.correlation_coeff_Fo_to_Fc               0.932 
_refine.correlation_coeff_Fo_to_Fc_free          0.899 
_refine.pdbx_overall_ESU_R                       0.200 
_refine.pdbx_overall_ESU_R_Free                  0.185 
_refine.overall_SU_ML                            0.164 
_refine.overall_SU_B                             12.102 
_refine.solvent_model_details                    MASK 
_refine.pdbx_solvent_vdw_probe_radii             1.200 
_refine.pdbx_solvent_ion_probe_radii             0.800 
_refine.pdbx_solvent_shrinkage_radii             0.800 
_refine.pdbx_stereochemistry_target_values       'MAXIMUM LIKELIHOOD' 
_refine.entry_id                                 2F8K 
_refine.pdbx_ls_sigma_I                          ? 
_refine.ls_number_reflns_all                     11388 
_refine.ls_R_factor_obs                          0.23 
_refine.ls_redundancy_reflns_obs                 ? 
_refine.pdbx_data_cutoff_high_absF               ? 
_refine.pdbx_data_cutoff_low_absF                ? 
_refine.ls_number_parameters                     ? 
_refine.ls_number_restraints                     ? 
_refine.ls_R_factor_R_free_error                 ? 
_refine.ls_R_factor_R_free_error_details         ? 
_refine.pdbx_method_to_determine_struct          'MOLECULAR REPLACEMENT' 
_refine.pdbx_starting_model                      'PDB Entry: 2D3D' 
_refine.pdbx_stereochem_target_val_spec_case     ? 
_refine.solvent_model_param_bsol                 ? 
_refine.solvent_model_param_ksol                 ? 
_refine.occupancy_max                            ? 
_refine.occupancy_min                            ? 
_refine.pdbx_isotropic_thermal_model             ? 
_refine.overall_SU_R_Cruickshank_DPI             ? 
_refine.overall_SU_R_free                        ? 
_refine.pdbx_data_cutoff_high_rms_absF           ? 
_refine.ls_wR_factor_R_free                      ? 
_refine.ls_wR_factor_R_work                      ? 
_refine.overall_FOM_free_R_set                   ? 
_refine.overall_FOM_work_R_set                   ? 
_refine.pdbx_refine_id                           'X-RAY DIFFRACTION' 
_refine.pdbx_TLS_residual_ADP_flag               'LIKELY RESIDUAL' 
_refine.pdbx_diffrn_id                           1 
_refine.pdbx_overall_phase_error                 ? 
_refine.pdbx_overall_SU_R_free_Cruickshank_DPI   ? 
_refine.pdbx_overall_SU_R_Blow_DPI               ? 
_refine.pdbx_overall_SU_R_free_Blow_DPI          ? 
# 
_refine_hist.pdbx_refine_id                   'X-RAY DIFFRACTION' 
_refine_hist.cycle_id                         LAST 
_refine_hist.pdbx_number_atoms_protein        672 
_refine_hist.pdbx_number_atoms_nucleic_acid   317 
_refine_hist.pdbx_number_atoms_ligand         0 
_refine_hist.number_atoms_solvent             117 
_refine_hist.number_atoms_total               1106 
_refine_hist.d_res_high                       2.000 
_refine_hist.d_res_low                        64.550 
# 
loop_
_refine_ls_restr.type 
_refine_ls_restr.number 
_refine_ls_restr.dev_ideal 
_refine_ls_restr.dev_ideal_target 
_refine_ls_restr.weight 
_refine_ls_restr.pdbx_refine_id 
_refine_ls_restr.pdbx_restraint_function 
r_bond_refined_d         1052 0.010  0.022  ? 'X-RAY DIFFRACTION' ? 
r_angle_refined_deg      1495 1.319  2.372  ? 'X-RAY DIFFRACTION' ? 
r_dihedral_angle_1_deg   87   4.659  5.000  ? 'X-RAY DIFFRACTION' ? 
r_dihedral_angle_2_deg   28   40.636 23.571 ? 'X-RAY DIFFRACTION' ? 
r_dihedral_angle_3_deg   133  15.855 15.000 ? 'X-RAY DIFFRACTION' ? 
r_dihedral_angle_4_deg   5    16.707 15.000 ? 'X-RAY DIFFRACTION' ? 
r_chiral_restr           183  0.069  0.200  ? 'X-RAY DIFFRACTION' ? 
r_gen_planes_refined     669  0.004  0.020  ? 'X-RAY DIFFRACTION' ? 
r_nbd_refined            482  0.197  0.200  ? 'X-RAY DIFFRACTION' ? 
r_nbtor_refined          709  0.298  0.200  ? 'X-RAY DIFFRACTION' ? 
r_xyhbond_nbd_refined    79   0.189  0.200  ? 'X-RAY DIFFRACTION' ? 
r_symmetry_vdw_refined   29   0.137  0.200  ? 'X-RAY DIFFRACTION' ? 
r_symmetry_hbond_refined 11   0.148  0.200  ? 'X-RAY DIFFRACTION' ? 
r_mcbond_it              439  0.407  1.500  ? 'X-RAY DIFFRACTION' ? 
r_mcangle_it             692  0.701  2.000  ? 'X-RAY DIFFRACTION' ? 
r_scbond_it              781  1.055  3.000  ? 'X-RAY DIFFRACTION' ? 
r_scangle_it             802  1.595  4.500  ? 'X-RAY DIFFRACTION' ? 
# 
_refine_ls_shell.d_res_high                       2.000 
_refine_ls_shell.d_res_low                        2.052 
_refine_ls_shell.pdbx_total_number_of_bins_used   20 
_refine_ls_shell.percent_reflns_obs               100.000 
_refine_ls_shell.number_reflns_R_work             743 
_refine_ls_shell.R_factor_all                     ? 
_refine_ls_shell.R_factor_R_work                  0.367 
_refine_ls_shell.R_factor_R_free                  0.432 
_refine_ls_shell.percent_reflns_R_free            ? 
_refine_ls_shell.number_reflns_R_free             54 
_refine_ls_shell.R_factor_R_free_error            ? 
_refine_ls_shell.number_reflns_all                ? 
_refine_ls_shell.number_reflns_obs                797 
_refine_ls_shell.redundancy_reflns_obs            ? 
_refine_ls_shell.pdbx_refine_id                   'X-RAY DIFFRACTION' 
# 
_struct.entry_id                  2F8K 
_struct.title                     'Sequence specific recognition of RNA hairpins by the SAM domain of Vts1' 
_struct.pdbx_model_details        ? 
_struct.pdbx_CASP_flag            ? 
_struct.pdbx_model_type_details   ? 
# 
_struct_keywords.entry_id        2F8K 
_struct_keywords.pdbx_keywords   'RNA BINDING PROTEIN/ RNA' 
_struct_keywords.text            'VTS1-RNA complex, SAM domain, RNA BINDING PROTEIN- RNA COMPLEX' 
# 
loop_
_struct_asym.id 
_struct_asym.pdbx_blank_PDB_chainid_flag 
_struct_asym.pdbx_modified 
_struct_asym.entity_id 
_struct_asym.details 
A N N 1 ? 
B N N 2 ? 
C N N 3 ? 
D N N 3 ? 
# 
_struct_biol.id   1 
# 
loop_
_struct_conf.conf_type_id 
_struct_conf.id 
_struct_conf.pdbx_PDB_helix_id 
_struct_conf.beg_label_comp_id 
_struct_conf.beg_label_asym_id 
_struct_conf.beg_label_seq_id 
_struct_conf.pdbx_beg_PDB_ins_code 
_struct_conf.end_label_comp_id 
_struct_conf.end_label_asym_id 
_struct_conf.end_label_seq_id 
_struct_conf.pdbx_end_PDB_ins_code 
_struct_conf.beg_auth_comp_id 
_struct_conf.beg_auth_asym_id 
_struct_conf.beg_auth_seq_id 
_struct_conf.end_auth_comp_id 
_struct_conf.end_auth_asym_id 
_struct_conf.end_auth_seq_id 
_struct_conf.pdbx_PDB_helix_class 
_struct_conf.details 
_struct_conf.pdbx_PDB_helix_length 
HELX_P HELX_P1 1 ASN B 8  ? THR B 13 ? ASN A 443 THR A 448 1 ? 6  
HELX_P HELX_P2 2 ASP B 14 ? LYS B 19 ? ASP A 449 LYS A 454 1 ? 6  
HELX_P HELX_P3 3 ASN B 20 ? LEU B 28 ? ASN A 455 LEU A 463 1 ? 9  
HELX_P HELX_P4 4 ARG B 29 ? LYS B 32 ? ARG A 464 LYS A 467 5 ? 4  
HELX_P HELX_P5 5 TYR B 33 ? SER B 38 ? TYR A 468 SER A 473 1 ? 6  
HELX_P HELX_P6 6 PRO B 41 ? ILE B 46 ? PRO A 476 ILE A 481 1 ? 6  
HELX_P HELX_P7 7 ASP B 49 ? LYS B 56 ? ASP A 484 LYS A 491 1 ? 8  
HELX_P HELX_P8 8 ALA B 60 ? ARG B 80 ? ALA A 495 ARG A 515 1 ? 21 
HELX_P HELX_P9 9 ASP B 84 ? TYR B 88 ? ASP A 519 TYR A 523 5 ? 5  
# 
_struct_conf_type.id          HELX_P 
_struct_conf_type.criteria    ? 
_struct_conf_type.reference   ? 
# 
loop_
_struct_conn.id 
_struct_conn.conn_type_id 
_struct_conn.pdbx_leaving_atom_flag 
_struct_conn.pdbx_PDB_id 
_struct_conn.ptnr1_label_asym_id 
_struct_conn.ptnr1_label_comp_id 
_struct_conn.ptnr1_label_seq_id 
_struct_conn.ptnr1_label_atom_id 
_struct_conn.pdbx_ptnr1_label_alt_id 
_struct_conn.pdbx_ptnr1_PDB_ins_code 
_struct_conn.pdbx_ptnr1_standard_comp_id 
_struct_conn.ptnr1_symmetry 
_struct_conn.ptnr2_label_asym_id 
_struct_conn.ptnr2_label_comp_id 
_struct_conn.ptnr2_label_seq_id 
_struct_conn.ptnr2_label_atom_id 
_struct_conn.pdbx_ptnr2_label_alt_id 
_struct_conn.pdbx_ptnr2_PDB_ins_code 
_struct_conn.ptnr1_auth_asym_id 
_struct_conn.ptnr1_auth_comp_id 
_struct_conn.ptnr1_auth_seq_id 
_struct_conn.ptnr2_auth_asym_id 
_struct_conn.ptnr2_auth_comp_id 
_struct_conn.ptnr2_auth_seq_id 
_struct_conn.ptnr2_symmetry 
_struct_conn.pdbx_ptnr3_label_atom_id 
_struct_conn.pdbx_ptnr3_label_seq_id 
_struct_conn.pdbx_ptnr3_label_comp_id 
_struct_conn.pdbx_ptnr3_label_asym_id 
_struct_conn.pdbx_ptnr3_label_alt_id 
_struct_conn.pdbx_ptnr3_PDB_ins_code 
_struct_conn.details 
_struct_conn.pdbx_dist_value 
_struct_conn.pdbx_value_order 
_struct_conn.pdbx_role 
hydrog1  hydrog ? ? A A 2 N1 ? ? ? 1_555 A U 16 N3 ? ? B A 1 B U 15 1_555 ? ? ? ? ? ? WATSON-CRICK ? ? ? 
hydrog2  hydrog ? ? A A 2 N6 ? ? ? 1_555 A U 16 O4 ? ? B A 1 B U 15 1_555 ? ? ? ? ? ? WATSON-CRICK ? ? ? 
hydrog3  hydrog ? ? A A 3 N1 ? ? ? 1_555 A U 15 N3 ? ? B A 2 B U 14 1_555 ? ? ? ? ? ? WATSON-CRICK ? ? ? 
hydrog4  hydrog ? ? A A 3 N6 ? ? ? 1_555 A U 15 O4 ? ? B A 2 B U 14 1_555 ? ? ? ? ? ? WATSON-CRICK ? ? ? 
hydrog5  hydrog ? ? A U 4 N3 ? ? ? 1_555 A A 14 N1 ? ? B U 3 B A 13 1_555 ? ? ? ? ? ? WATSON-CRICK ? ? ? 
hydrog6  hydrog ? ? A U 4 O4 ? ? ? 1_555 A A 14 N6 ? ? B U 3 B A 13 1_555 ? ? ? ? ? ? WATSON-CRICK ? ? ? 
hydrog7  hydrog ? ? A C 5 N3 ? ? ? 1_555 A G 13 N1 ? ? B C 4 B G 12 1_555 ? ? ? ? ? ? WATSON-CRICK ? ? ? 
hydrog8  hydrog ? ? A C 5 N4 ? ? ? 1_555 A G 13 O6 ? ? B C 4 B G 12 1_555 ? ? ? ? ? ? WATSON-CRICK ? ? ? 
hydrog9  hydrog ? ? A C 5 O2 ? ? ? 1_555 A G 13 N2 ? ? B C 4 B G 12 1_555 ? ? ? ? ? ? WATSON-CRICK ? ? ? 
hydrog10 hydrog ? ? A U 6 N3 ? ? ? 1_555 A A 12 N1 ? ? B U 5 B A 11 1_555 ? ? ? ? ? ? WATSON-CRICK ? ? ? 
hydrog11 hydrog ? ? A U 6 O4 ? ? ? 1_555 A A 12 N6 ? ? B U 5 B A 11 1_555 ? ? ? ? ? ? WATSON-CRICK ? ? ? 
hydrog12 hydrog ? ? A U 7 N3 ? ? ? 1_555 A A 10 N1 ? ? B U 6 B A 9  1_555 ? ? ? ? ? ? WATSON-CRICK ? ? ? 
hydrog13 hydrog ? ? A U 7 O4 ? ? ? 1_555 A A 10 N6 ? ? B U 6 B A 9  1_555 ? ? ? ? ? ? WATSON-CRICK ? ? ? 
# 
_struct_conn_type.id          hydrog 
_struct_conn_type.criteria    ? 
_struct_conn_type.reference   ? 
# 
_atom_sites.entry_id                    2F8K 
_atom_sites.fract_transf_matrix[1][1]   0.03264989 
_atom_sites.fract_transf_matrix[1][2]   0.00161511 
_atom_sites.fract_transf_matrix[1][3]   -0.01577722 
_atom_sites.fract_transf_matrix[2][1]   0.00427473 
_atom_sites.fract_transf_matrix[2][2]   0.01921254 
_atom_sites.fract_transf_matrix[2][3]   0.01081304 
_atom_sites.fract_transf_matrix[3][1]   0.00304325 
_atom_sites.fract_transf_matrix[3][2]   -0.00399161 
_atom_sites.fract_transf_matrix[3][3]   0.00588917 
_atom_sites.fract_transf_vector[1]      -0.034603 
_atom_sites.fract_transf_vector[2]      0.030368 
_atom_sites.fract_transf_vector[3]      -0.069504 
# 
loop_
_atom_type.symbol 
C 
N 
O 
P 
S 
# 
loop_
_atom_site.group_PDB 
_atom_site.id 
_atom_site.type_symbol 
_atom_site.label_atom_id 
_atom_site.label_alt_id 
_atom_site.label_comp_id 
_atom_site.label_asym_id 
_atom_site.label_entity_id 
_atom_site.label_seq_id 
_atom_site.pdbx_PDB_ins_code 
_atom_site.Cartn_x 
_atom_site.Cartn_y 
_atom_site.Cartn_z 
_atom_site.occupancy 
_atom_site.B_iso_or_equiv 
_atom_site.pdbx_formal_charge 
_atom_site.auth_seq_id 
_atom_site.auth_comp_id 
_atom_site.auth_asym_id 
_atom_site.auth_atom_id 
_atom_site.pdbx_PDB_model_num 
ATOM   1    O "O5'" . U   A 1 1  ? 1.165   16.202  -11.538 1.00 51.40 ? 0   U   B "O5'" 1 
ATOM   2    C "C5'" . U   A 1 1  ? 0.664   17.256  -10.725 1.00 50.28 ? 0   U   B "C5'" 1 
ATOM   3    C "C4'" . U   A 1 1  ? -0.615  17.811  -11.328 1.00 49.74 ? 0   U   B "C4'" 1 
ATOM   4    O "O4'" . U   A 1 1  ? -1.704  16.867  -11.125 1.00 50.46 ? 0   U   B "O4'" 1 
ATOM   5    C "C3'" . U   A 1 1  ? -1.079  19.136  -10.730 1.00 48.49 ? 0   U   B "C3'" 1 
ATOM   6    O "O3'" . U   A 1 1  ? -0.554  20.248  -11.498 1.00 45.66 ? 0   U   B "O3'" 1 
ATOM   7    C "C2'" . U   A 1 1  ? -2.604  19.007  -10.785 1.00 49.39 ? 0   U   B "C2'" 1 
ATOM   8    O "O2'" . U   A 1 1  ? -3.143  19.380  -12.041 1.00 49.16 ? 0   U   B "O2'" 1 
ATOM   9    C "C1'" . U   A 1 1  ? -2.829  17.512  -10.547 1.00 50.64 ? 0   U   B "C1'" 1 
ATOM   10   N N1    . U   A 1 1  ? -3.063  17.044  -9.099  1.00 51.25 ? 0   U   B N1    1 
ATOM   11   C C2    . U   A 1 1  ? -4.294  17.254  -8.482  1.00 51.30 ? 0   U   B C2    1 
ATOM   12   O O2    . U   A 1 1  ? -5.233  17.813  -9.003  1.00 51.83 ? 0   U   B O2    1 
ATOM   13   N N3    . U   A 1 1  ? -4.406  16.794  -7.190  1.00 51.59 ? 0   U   B N3    1 
ATOM   14   C C4    . U   A 1 1  ? -3.435  16.140  -6.445  1.00 52.05 ? 0   U   B C4    1 
ATOM   15   O O4    . U   A 1 1  ? -3.685  15.788  -5.292  1.00 51.79 ? 0   U   B O4    1 
ATOM   16   C C5    . U   A 1 1  ? -2.179  15.940  -7.141  1.00 52.06 ? 0   U   B C5    1 
ATOM   17   C C6    . U   A 1 1  ? -2.051  16.385  -8.406  1.00 51.84 ? 0   U   B C6    1 
ATOM   18   P P     . A   A 1 2  ? 0.280   21.439  -10.803 1.00 43.66 ? 1   A   B P     1 
ATOM   19   O OP1   . A   A 1 2  ? 0.895   22.313  -11.837 1.00 43.10 ? 1   A   B OP1   1 
ATOM   20   O OP2   . A   A 1 2  ? 1.164   20.828  -9.782  1.00 44.28 ? 1   A   B OP2   1 
ATOM   21   O "O5'" . A   A 1 2  ? -0.909  22.236  -10.074 1.00 40.05 ? 1   A   B "O5'" 1 
ATOM   22   C "C5'" . A   A 1 2  ? -0.726  23.051  -8.929  1.00 34.82 ? 1   A   B "C5'" 1 
ATOM   23   C "C4'" . A   A 1 2  ? -2.070  23.528  -8.411  1.00 31.31 ? 1   A   B "C4'" 1 
ATOM   24   O "O4'" . A   A 1 2  ? -2.703  24.413  -9.376  1.00 30.25 ? 1   A   B "O4'" 1 
ATOM   25   C "C3'" . A   A 1 2  ? -3.094  22.433  -8.179  1.00 29.49 ? 1   A   B "C3'" 1 
ATOM   26   O "O3'" . A   A 1 2  ? -2.960  21.924  -6.870  1.00 28.97 ? 1   A   B "O3'" 1 
ATOM   27   C "C2'" . A   A 1 2  ? -4.418  23.165  -8.383  1.00 28.96 ? 1   A   B "C2'" 1 
ATOM   28   O "O2'" . A   A 1 2  ? -4.787  23.933  -7.251  1.00 29.26 ? 1   A   B "O2'" 1 
ATOM   29   C "C1'" . A   A 1 2  ? -4.079  24.103  -9.533  1.00 27.41 ? 1   A   B "C1'" 1 
ATOM   30   N N9    . A   A 1 2  ? -4.278  23.583  -10.892 1.00 26.85 ? 1   A   B N9    1 
ATOM   31   C C8    . A   A 1 2  ? -3.294  23.222  -11.772 1.00 26.11 ? 1   A   B C8    1 
ATOM   32   N N7    . A   A 1 2  ? -3.729  22.795  -12.929 1.00 25.65 ? 1   A   B N7    1 
ATOM   33   C C5    . A   A 1 2  ? -5.100  22.879  -12.811 1.00 25.46 ? 1   A   B C5    1 
ATOM   34   C C6    . A   A 1 2  ? -6.139  22.573  -13.711 1.00 25.93 ? 1   A   B C6    1 
ATOM   35   N N6    . A   A 1 2  ? -5.915  22.114  -14.938 1.00 25.75 ? 1   A   B N6    1 
ATOM   36   N N1    . A   A 1 2  ? -7.412  22.769  -13.306 1.00 26.27 ? 1   A   B N1    1 
ATOM   37   C C2    . A   A 1 2  ? -7.621  23.239  -12.066 1.00 26.21 ? 1   A   B C2    1 
ATOM   38   N N3    . A   A 1 2  ? -6.721  23.564  -11.128 1.00 26.36 ? 1   A   B N3    1 
ATOM   39   C C4    . A   A 1 2  ? -5.463  23.358  -11.564 1.00 26.03 ? 1   A   B C4    1 
ATOM   40   P P     . A   A 1 3  ? -3.245  20.372  -6.560  1.00 29.29 ? 2   A   B P     1 
ATOM   41   O OP1   . A   A 1 3  ? -2.813  20.128  -5.163  1.00 29.54 ? 2   A   B OP1   1 
ATOM   42   O OP2   . A   A 1 3  ? -2.668  19.564  -7.653  1.00 27.18 ? 2   A   B OP2   1 
ATOM   43   O "O5'" . A   A 1 3  ? -4.842  20.262  -6.661  1.00 28.13 ? 2   A   B "O5'" 1 
ATOM   44   C "C5'" . A   A 1 3  ? -5.701  20.966  -5.764  1.00 26.22 ? 2   A   B "C5'" 1 
ATOM   45   C "C4'" . A   A 1 3  ? -7.137  20.874  -6.248  1.00 25.64 ? 2   A   B "C4'" 1 
ATOM   46   O "O4'" . A   A 1 3  ? -7.289  21.583  -7.501  1.00 25.42 ? 2   A   B "O4'" 1 
ATOM   47   C "C3'" . A   A 1 3  ? -7.632  19.477  -6.590  1.00 25.29 ? 2   A   B "C3'" 1 
ATOM   48   O "O3'" . A   A 1 3  ? -7.994  18.818  -5.395  1.00 25.88 ? 2   A   B "O3'" 1 
ATOM   49   C "C2'" . A   A 1 3  ? -8.826  19.784  -7.497  1.00 24.40 ? 2   A   B "C2'" 1 
ATOM   50   O "O2'" . A   A 1 3  ? -9.976  20.229  -6.802  1.00 23.78 ? 2   A   B "O2'" 1 
ATOM   51   C "C1'" . A   A 1 3  ? -8.273  20.938  -8.313  1.00 23.45 ? 2   A   B "C1'" 1 
ATOM   52   N N9    . A   A 1 3  ? -7.656  20.534  -9.571  1.00 23.00 ? 2   A   B N9    1 
ATOM   53   C C8    . A   A 1 3  ? -6.319  20.362  -9.813  1.00 22.27 ? 2   A   B C8    1 
ATOM   54   N N7    . A   A 1 3  ? -6.049  20.008  -11.045 1.00 22.25 ? 2   A   B N7    1 
ATOM   55   C C5    . A   A 1 3  ? -7.291  19.945  -11.657 1.00 22.42 ? 2   A   B C5    1 
ATOM   56   C C6    . A   A 1 3  ? -7.696  19.620  -12.974 1.00 22.73 ? 2   A   B C6    1 
ATOM   57   N N6    . A   A 1 3  ? -6.841  19.284  -13.955 1.00 22.69 ? 2   A   B N6    1 
ATOM   58   N N1    . A   A 1 3  ? -9.017  19.649  -13.249 1.00 22.30 ? 2   A   B N1    1 
ATOM   59   C C2    . A   A 1 3  ? -9.870  19.986  -12.274 1.00 22.54 ? 2   A   B C2    1 
ATOM   60   N N3    . A   A 1 3  ? -9.609  20.311  -11.004 1.00 22.65 ? 2   A   B N3    1 
ATOM   61   C C4    . A   A 1 3  ? -8.291  20.269  -10.759 1.00 22.46 ? 2   A   B C4    1 
ATOM   62   P P     . U   A 1 4  ? -8.021  17.224  -5.298  1.00 25.16 ? 3   U   B P     1 
ATOM   63   O OP1   . U   A 1 4  ? -8.246  16.901  -3.878  1.00 24.27 ? 3   U   B OP1   1 
ATOM   64   O OP2   . U   A 1 4  ? -6.865  16.638  -6.013  1.00 25.66 ? 3   U   B OP2   1 
ATOM   65   O "O5'" . U   A 1 4  ? -9.303  16.844  -6.168  1.00 25.59 ? 3   U   B "O5'" 1 
ATOM   66   C "C5'" . U   A 1 4  ? -10.615 17.178  -5.724  1.00 24.99 ? 3   U   B "C5'" 1 
ATOM   67   C "C4'" . U   A 1 4  ? -11.607 16.810  -6.803  1.00 24.41 ? 3   U   B "C4'" 1 
ATOM   68   O "O4'" . U   A 1 4  ? -11.313 17.637  -7.950  1.00 24.49 ? 3   U   B "O4'" 1 
ATOM   69   C "C3'" . U   A 1 4  ? -11.482 15.407  -7.378  1.00 24.40 ? 3   U   B "C3'" 1 
ATOM   70   O "O3'" . U   A 1 4  ? -12.136 14.479  -6.582  1.00 24.65 ? 3   U   B "O3'" 1 
ATOM   71   C "C2'" . U   A 1 4  ? -12.226 15.597  -8.685  1.00 24.90 ? 3   U   B "C2'" 1 
ATOM   72   O "O2'" . U   A 1 4  ? -13.620 15.752  -8.511  1.00 26.22 ? 3   U   B "O2'" 1 
ATOM   73   C "C1'" . U   A 1 4  ? -11.635 16.922  -9.135  1.00 23.51 ? 3   U   B "C1'" 1 
ATOM   74   N N1    . U   A 1 4  ? -10.423 16.786  -10.013 1.00 23.22 ? 3   U   B N1    1 
ATOM   75   C C2    . U   A 1 4  ? -10.616 16.665  -11.366 1.00 23.18 ? 3   U   B C2    1 
ATOM   76   O O2    . U   A 1 4  ? -11.725 16.641  -11.870 1.00 23.21 ? 3   U   B O2    1 
ATOM   77   N N3    . U   A 1 4  ? -9.458  16.563  -12.108 1.00 23.02 ? 3   U   B N3    1 
ATOM   78   C C4    . U   A 1 4  ? -8.155  16.555  -11.637 1.00 23.55 ? 3   U   B C4    1 
ATOM   79   O O4    . U   A 1 4  ? -7.209  16.447  -12.417 1.00 23.54 ? 3   U   B O4    1 
ATOM   80   C C5    . U   A 1 4  ? -8.038  16.686  -10.210 1.00 23.53 ? 3   U   B C5    1 
ATOM   81   C C6    . U   A 1 4  ? -9.150  16.794  -9.475  1.00 23.19 ? 3   U   B C6    1 
ATOM   82   P P     . C   A 1 5  ? -11.691 12.950  -6.581  1.00 26.57 ? 4   C   B P     1 
ATOM   83   O OP1   . C   A 1 5  ? -12.473 12.337  -5.494  1.00 27.08 ? 4   C   B OP1   1 
ATOM   84   O OP2   . C   A 1 5  ? -10.206 12.836  -6.580  1.00 25.89 ? 4   C   B OP2   1 
ATOM   85   O "O5'" . C   A 1 5  ? -12.248 12.384  -7.977  1.00 25.83 ? 4   C   B "O5'" 1 
ATOM   86   C "C5'" . C   A 1 5  ? -13.641 12.265  -8.207  1.00 24.36 ? 4   C   B "C5'" 1 
ATOM   87   C "C4'" . C   A 1 5  ? -13.906 12.007  -9.676  1.00 23.80 ? 4   C   B "C4'" 1 
ATOM   88   O "O4'" . C   A 1 5  ? -13.313 13.053  -10.499 1.00 23.83 ? 4   C   B "O4'" 1 
ATOM   89   C "C3'" . C   A 1 5  ? -13.282 10.743  -10.234 1.00 23.08 ? 4   C   B "C3'" 1 
ATOM   90   O "O3'" . C   A 1 5  ? -14.052 9.615   -9.874  1.00 23.36 ? 4   C   B "O3'" 1 
ATOM   91   C "C2'" . C   A 1 5  ? -13.353 11.054  -11.725 1.00 23.75 ? 4   C   B "C2'" 1 
ATOM   92   O "O2'" . C   A 1 5  ? -14.662 10.974  -12.241 1.00 24.15 ? 4   C   B "O2'" 1 
ATOM   93   C "C1'" . C   A 1 5  ? -12.927 12.517  -11.751 1.00 21.98 ? 4   C   B "C1'" 1 
ATOM   94   N N1    . C   A 1 5  ? -11.456 12.726  -11.996 1.00 21.04 ? 4   C   B N1    1 
ATOM   95   C C2    . C   A 1 5  ? -10.961 12.662  -13.305 1.00 21.80 ? 4   C   B C2    1 
ATOM   96   O O2    . C   A 1 5  ? -11.749 12.434  -14.236 1.00 21.98 ? 4   C   B O2    1 
ATOM   97   N N3    . C   A 1 5  ? -9.631  12.859  -13.528 1.00 21.58 ? 4   C   B N3    1 
ATOM   98   C C4    . C   A 1 5  ? -8.819  13.091  -12.499 1.00 21.00 ? 4   C   B C4    1 
ATOM   99   N N4    . C   A 1 5  ? -7.518  13.275  -12.742 1.00 21.91 ? 4   C   B N4    1 
ATOM   100  C C5    . C   A 1 5  ? -9.304  13.146  -11.165 1.00 19.81 ? 4   C   B C5    1 
ATOM   101  C C6    . C   A 1 5  ? -10.604 12.958  -10.963 1.00 20.41 ? 4   C   B C6    1 
ATOM   102  P P     . U   A 1 6  ? -13.450 8.136   -9.908  1.00 24.31 ? 5   U   B P     1 
ATOM   103  O OP1   . U   A 1 6  ? -14.459 7.228   -9.324  1.00 24.35 ? 5   U   B OP1   1 
ATOM   104  O OP2   . U   A 1 6  ? -12.061 8.117   -9.386  1.00 25.05 ? 5   U   B OP2   1 
ATOM   105  O "O5'" . U   A 1 6  ? -13.330 7.833   -11.462 1.00 24.66 ? 5   U   B "O5'" 1 
ATOM   106  C "C5'" . U   A 1 6  ? -14.448 7.583   -12.301 1.00 23.77 ? 5   U   B "C5'" 1 
ATOM   107  C "C4'" . U   A 1 6  ? -13.918 7.098   -13.641 1.00 22.29 ? 5   U   B "C4'" 1 
ATOM   108  O "O4'" . U   A 1 6  ? -13.242 8.203   -14.291 1.00 22.30 ? 5   U   B "O4'" 1 
ATOM   109  C "C3'" . U   A 1 6  ? -12.839 6.036   -13.560 1.00 21.41 ? 5   U   B "C3'" 1 
ATOM   110  O "O3'" . U   A 1 6  ? -13.465 4.771   -13.456 1.00 20.68 ? 5   U   B "O3'" 1 
ATOM   111  C "C2'" . U   A 1 6  ? -12.173 6.206   -14.907 1.00 21.16 ? 5   U   B "C2'" 1 
ATOM   112  O "O2'" . U   A 1 6  ? -13.020 5.770   -15.944 1.00 21.29 ? 5   U   B "O2'" 1 
ATOM   113  C "C1'" . U   A 1 6  ? -12.121 7.714   -15.002 1.00 21.89 ? 5   U   B "C1'" 1 
ATOM   114  N N1    . U   A 1 6  ? -10.847 8.342   -14.507 1.00 21.43 ? 5   U   B N1    1 
ATOM   115  C C2    . U   A 1 6  ? -9.788  8.434   -15.397 1.00 21.59 ? 5   U   B C2    1 
ATOM   116  O O2    . U   A 1 6  ? -9.830  8.027   -16.557 1.00 21.81 ? 5   U   B O2    1 
ATOM   117  N N3    . U   A 1 6  ? -8.658  9.022   -14.883 1.00 21.52 ? 5   U   B N3    1 
ATOM   118  C C4    . U   A 1 6  ? -8.502  9.519   -13.600 1.00 21.64 ? 5   U   B C4    1 
ATOM   119  O O4    . U   A 1 6  ? -7.430  10.016  -13.297 1.00 22.44 ? 5   U   B O4    1 
ATOM   120  C C5    . U   A 1 6  ? -9.636  9.375   -12.724 1.00 20.12 ? 5   U   B C5    1 
ATOM   121  C C6    . U   A 1 6  ? -10.749 8.813   -13.207 1.00 20.16 ? 5   U   B C6    1 
ATOM   122  P P     . U   A 1 7  ? -12.847 3.566   -12.602 1.00 21.35 ? 6   U   B P     1 
ATOM   123  O OP1   . U   A 1 7  ? -13.955 2.650   -12.294 1.00 20.35 ? 6   U   B OP1   1 
ATOM   124  O OP2   . U   A 1 7  ? -12.042 4.105   -11.463 1.00 20.28 ? 6   U   B OP2   1 
ATOM   125  O "O5'" . U   A 1 7  ? -11.858 2.867   -13.650 1.00 22.28 ? 6   U   B "O5'" 1 
ATOM   126  C "C5'" . U   A 1 7  ? -12.309 2.408   -14.940 1.00 23.69 ? 6   U   B "C5'" 1 
ATOM   127  C "C4'" . U   A 1 7  ? -11.115 2.235   -15.862 1.00 24.12 ? 6   U   B "C4'" 1 
ATOM   128  O "O4'" . U   A 1 7  ? -10.338 3.461   -15.804 1.00 25.42 ? 6   U   B "O4'" 1 
ATOM   129  C "C3'" . U   A 1 7  ? -10.145 1.116   -15.474 1.00 25.13 ? 6   U   B "C3'" 1 
ATOM   130  O "O3'" . U   A 1 7  ? -9.657  0.454   -16.653 1.00 26.39 ? 6   U   B "O3'" 1 
ATOM   131  C "C2'" . U   A 1 7  ? -9.036  1.857   -14.745 1.00 25.06 ? 6   U   B "C2'" 1 
ATOM   132  O "O2'" . U   A 1 7  ? -7.834  1.126   -14.748 1.00 26.20 ? 6   U   B "O2'" 1 
ATOM   133  C "C1'" . U   A 1 7  ? -8.977  3.126   -15.600 1.00 25.18 ? 6   U   B "C1'" 1 
ATOM   134  N N1    . U   A 1 7  ? -8.206  4.295   -15.008 1.00 25.00 ? 6   U   B N1    1 
ATOM   135  C C2    . U   A 1 7  ? -7.077  4.782   -15.670 1.00 24.88 ? 6   U   B C2    1 
ATOM   136  O O2    . U   A 1 7  ? -6.646  4.342   -16.725 1.00 26.49 ? 6   U   B O2    1 
ATOM   137  N N3    . U   A 1 7  ? -6.434  5.816   -15.046 1.00 23.86 ? 6   U   B N3    1 
ATOM   138  C C4    . U   A 1 7  ? -6.787  6.406   -13.844 1.00 24.19 ? 6   U   B C4    1 
ATOM   139  O O4    . U   A 1 7  ? -6.115  7.334   -13.412 1.00 26.09 ? 6   U   B O4    1 
ATOM   140  C C5    . U   A 1 7  ? -7.967  5.862   -13.215 1.00 24.17 ? 6   U   B C5    1 
ATOM   141  C C6    . U   A 1 7  ? -8.618  4.850   -13.807 1.00 24.65 ? 6   U   B C6    1 
ATOM   142  P P     . U   A 1 8  ? -9.113  -1.041  -16.622 1.00 27.31 ? 7   U   B P     1 
ATOM   143  O OP1   . U   A 1 8  ? -9.718  -1.789  -17.745 1.00 27.82 ? 7   U   B OP1   1 
ATOM   144  O OP2   . U   A 1 8  ? -9.165  -1.549  -15.228 1.00 27.48 ? 7   U   B OP2   1 
ATOM   145  O "O5'" . U   A 1 8  ? -7.566  -0.790  -16.958 1.00 27.23 ? 7   U   B "O5'" 1 
ATOM   146  C "C5'" . U   A 1 8  ? -6.739  -1.652  -17.727 1.00 25.23 ? 7   U   B "C5'" 1 
ATOM   147  C "C4'" . U   A 1 8  ? -5.633  -0.835  -18.388 1.00 25.19 ? 7   U   B "C4'" 1 
ATOM   148  O "O4'" . U   A 1 8  ? -6.259  0.107   -19.291 1.00 26.75 ? 7   U   B "O4'" 1 
ATOM   149  C "C3'" . U   A 1 8  ? -4.745  0.036   -17.501 1.00 25.03 ? 7   U   B "C3'" 1 
ATOM   150  O "O3'" . U   A 1 8  ? -3.429  0.129   -18.043 1.00 23.55 ? 7   U   B "O3'" 1 
ATOM   151  C "C2'" . U   A 1 8  ? -5.444  1.387   -17.544 1.00 26.05 ? 7   U   B "C2'" 1 
ATOM   152  O "O2'" . U   A 1 8  ? -4.620  2.497   -17.278 1.00 28.53 ? 7   U   B "O2'" 1 
ATOM   153  C "C1'" . U   A 1 8  ? -5.815  1.424   -19.013 1.00 25.91 ? 7   U   B "C1'" 1 
ATOM   154  N N1    . U   A 1 8  ? -6.868  2.464   -19.242 1.00 25.52 ? 7   U   B N1    1 
ATOM   155  C C2    . U   A 1 8  ? -6.493  3.710   -19.720 1.00 25.76 ? 7   U   B C2    1 
ATOM   156  O O2    . U   A 1 8  ? -5.338  4.011   -19.993 1.00 26.73 ? 7   U   B O2    1 
ATOM   157  N N3    . U   A 1 8  ? -7.529  4.602   -19.871 1.00 24.54 ? 7   U   B N3    1 
ATOM   158  C C4    . U   A 1 8  ? -8.861  4.377   -19.585 1.00 24.21 ? 7   U   B C4    1 
ATOM   159  O O4    . U   A 1 8  ? -9.687  5.270   -19.759 1.00 25.15 ? 7   U   B O4    1 
ATOM   160  C C5    . U   A 1 8  ? -9.163  3.065   -19.088 1.00 24.46 ? 7   U   B C5    1 
ATOM   161  C C6    . U   A 1 8  ? -8.184  2.174   -18.937 1.00 24.32 ? 7   U   B C6    1 
ATOM   162  P P     . G   A 1 9  ? -2.193  -0.118  -17.050 1.00 22.25 ? 8   G   B P     1 
ATOM   163  O OP1   . G   A 1 9  ? -0.992  -0.391  -17.879 1.00 21.94 ? 8   G   B OP1   1 
ATOM   164  O OP2   . G   A 1 9  ? -2.568  -1.066  -15.984 1.00 21.94 ? 8   G   B OP2   1 
ATOM   165  O "O5'" . G   A 1 9  ? -2.008  1.316   -16.375 1.00 23.45 ? 8   G   B "O5'" 1 
ATOM   166  C "C5'" . G   A 1 9  ? -1.336  2.393   -17.059 1.00 22.92 ? 8   G   B "C5'" 1 
ATOM   167  C "C4'" . G   A 1 9  ? -1.036  3.526   -16.098 1.00 21.87 ? 8   G   B "C4'" 1 
ATOM   168  O "O4'" . G   A 1 9  ? -2.263  3.983   -15.484 1.00 22.23 ? 8   G   B "O4'" 1 
ATOM   169  C "C3'" . G   A 1 9  ? -0.106  3.203   -14.931 1.00 22.03 ? 8   G   B "C3'" 1 
ATOM   170  O "O3'" . G   A 1 9  ? 0.639   4.348   -14.678 1.00 20.95 ? 8   G   B "O3'" 1 
ATOM   171  C "C2'" . G   A 1 9  ? -1.070  2.928   -13.775 1.00 22.74 ? 8   G   B "C2'" 1 
ATOM   172  O "O2'" . G   A 1 9  ? -0.555  3.186   -12.478 1.00 23.19 ? 8   G   B "O2'" 1 
ATOM   173  C "C1'" . G   A 1 9  ? -2.189  3.916   -14.075 1.00 23.16 ? 8   G   B "C1'" 1 
ATOM   174  N N9    . G   A 1 9  ? -3.504  3.485   -13.598 1.00 23.50 ? 8   G   B N9    1 
ATOM   175  C C8    . G   A 1 9  ? -4.251  2.449   -14.131 1.00 24.12 ? 8   G   B C8    1 
ATOM   176  N N7    . G   A 1 9  ? -5.399  2.266   -13.542 1.00 24.24 ? 8   G   B N7    1 
ATOM   177  C C5    . G   A 1 9  ? -5.414  3.264   -12.556 1.00 23.51 ? 8   G   B C5    1 
ATOM   178  C C6    . G   A 1 9  ? -6.412  3.562   -11.598 1.00 23.87 ? 8   G   B C6    1 
ATOM   179  O O6    . G   A 1 9  ? -7.499  2.984   -11.443 1.00 24.30 ? 8   G   B O6    1 
ATOM   180  N N1    . G   A 1 9  ? -6.075  4.640   -10.780 1.00 23.44 ? 8   G   B N1    1 
ATOM   181  C C2    . G   A 1 9  ? -4.903  5.339   -10.886 1.00 23.36 ? 8   G   B C2    1 
ATOM   182  N N2    . G   A 1 9  ? -4.762  6.335   -10.019 1.00 24.16 ? 8   G   B N2    1 
ATOM   183  N N3    . G   A 1 9  ? -3.947  5.078   -11.768 1.00 23.50 ? 8   G   B N3    1 
ATOM   184  C C4    . G   A 1 9  ? -4.268  4.027   -12.580 1.00 22.69 ? 8   G   B C4    1 
ATOM   185  P P     . A   A 1 10 ? 2.192   4.478   -15.028 1.00 23.26 ? 9   A   B P     1 
ATOM   186  O OP1   . A   A 1 10 ? 2.858   3.157   -14.953 1.00 24.07 ? 9   A   B OP1   1 
ATOM   187  O OP2   . A   A 1 10 ? 2.648   5.569   -14.155 1.00 22.02 ? 9   A   B OP2   1 
ATOM   188  O "O5'" . A   A 1 10 ? 2.216   5.037   -16.536 1.00 22.24 ? 9   A   B "O5'" 1 
ATOM   189  C "C5'" . A   A 1 10 ? 2.517   4.256   -17.694 1.00 21.99 ? 9   A   B "C5'" 1 
ATOM   190  C "C4'" . A   A 1 10 ? 2.065   5.027   -18.928 1.00 21.41 ? 9   A   B "C4'" 1 
ATOM   191  O "O4'" . A   A 1 10 ? 0.623   5.154   -18.899 1.00 22.17 ? 9   A   B "O4'" 1 
ATOM   192  C "C3'" . A   A 1 10 ? 2.569   6.457   -18.995 1.00 22.05 ? 9   A   B "C3'" 1 
ATOM   193  O "O3'" . A   A 1 10 ? 3.723   6.528   -19.820 1.00 23.90 ? 9   A   B "O3'" 1 
ATOM   194  C "C2'" . A   A 1 10 ? 1.405   7.231   -19.595 1.00 22.40 ? 9   A   B "C2'" 1 
ATOM   195  O "O2'" . A   A 1 10 ? 1.435   7.195   -21.008 1.00 22.45 ? 9   A   B "O2'" 1 
ATOM   196  C "C1'" . A   A 1 10 ? 0.179   6.486   -19.087 1.00 22.12 ? 9   A   B "C1'" 1 
ATOM   197  N N9    . A   A 1 10 ? -0.420  6.935   -17.825 1.00 22.47 ? 9   A   B N9    1 
ATOM   198  C C8    . A   A 1 10 ? 0.162   7.648   -16.803 1.00 22.92 ? 9   A   B C8    1 
ATOM   199  N N7    . A   A 1 10 ? -0.627  7.890   -15.776 1.00 22.53 ? 9   A   B N7    1 
ATOM   200  C C5    . A   A 1 10 ? -1.818  7.278   -16.137 1.00 22.59 ? 9   A   B C5    1 
ATOM   201  C C6    . A   A 1 10 ? -3.072  7.157   -15.490 1.00 23.23 ? 9   A   B C6    1 
ATOM   202  N N6    . A   A 1 10 ? -3.340  7.674   -14.283 1.00 22.03 ? 9   A   B N6    1 
ATOM   203  N N1    . A   A 1 10 ? -4.053  6.491   -16.129 1.00 22.65 ? 9   A   B N1    1 
ATOM   204  C C2    . A   A 1 10 ? -3.815  5.972   -17.333 1.00 23.13 ? 9   A   B C2    1 
ATOM   205  N N3    . A   A 1 10 ? -2.683  6.020   -18.037 1.00 24.11 ? 9   A   B N3    1 
ATOM   206  C C4    . A   A 1 10 ? -1.710  6.689   -17.388 1.00 23.00 ? 9   A   B C4    1 
ATOM   207  P P     . C   A 1 11 ? 5.090   7.157   -19.271 1.00 25.33 ? 10  C   B P     1 
ATOM   208  O OP1   . C   A 1 11 ? 6.130   6.938   -20.308 1.00 25.77 ? 10  C   B OP1   1 
ATOM   209  O OP2   . C   A 1 11 ? 5.380   6.578   -17.939 1.00 26.37 ? 10  C   B OP2   1 
ATOM   210  O "O5'" . C   A 1 11 ? 4.707   8.715   -19.150 1.00 23.71 ? 10  C   B "O5'" 1 
ATOM   211  P P     . A   A 1 12 ? 0.968   11.970  -19.742 1.00 34.76 ? 11  A   B P     1 
ATOM   212  O OP1   . A   A 1 12 ? 0.396   13.039  -18.894 1.00 34.17 ? 11  A   B OP1   1 
ATOM   213  O OP2   . A   A 1 12 ? 1.623   10.809  -19.097 1.00 33.87 ? 11  A   B OP2   1 
ATOM   214  O "O5'" . A   A 1 12 ? -0.209  11.441  -20.695 1.00 33.99 ? 11  A   B "O5'" 1 
ATOM   215  C "C5'" . A   A 1 12 ? -0.039  10.320  -21.588 1.00 32.21 ? 11  A   B "C5'" 1 
ATOM   216  C "C4'" . A   A 1 12 ? -1.350  9.594   -21.864 1.00 29.95 ? 11  A   B "C4'" 1 
ATOM   217  O "O4'" . A   A 1 12 ? -1.629  8.697   -20.759 1.00 29.42 ? 11  A   B "O4'" 1 
ATOM   218  C "C3'" . A   A 1 12 ? -2.594  10.467  -21.953 1.00 29.17 ? 11  A   B "C3'" 1 
ATOM   219  O "O3'" . A   A 1 12 ? -2.766  11.050  -23.250 1.00 29.45 ? 11  A   B "O3'" 1 
ATOM   220  C "C2'" . A   A 1 12 ? -3.700  9.488   -21.573 1.00 28.46 ? 11  A   B "C2'" 1 
ATOM   221  O "O2'" . A   A 1 12 ? -4.088  8.651   -22.632 1.00 28.76 ? 11  A   B "O2'" 1 
ATOM   222  C "C1'" . A   A 1 12 ? -3.021  8.661   -20.486 1.00 28.51 ? 11  A   B "C1'" 1 
ATOM   223  N N9    . A   A 1 12 ? -3.271  9.192   -19.146 1.00 28.46 ? 11  A   B N9    1 
ATOM   224  C C8    . A   A 1 12 ? -2.418  9.938   -18.369 1.00 28.48 ? 11  A   B C8    1 
ATOM   225  N N7    . A   A 1 12 ? -2.922  10.292  -17.201 1.00 28.61 ? 11  A   B N7    1 
ATOM   226  C C5    . A   A 1 12 ? -4.204  9.751   -17.219 1.00 28.57 ? 11  A   B C5    1 
ATOM   227  C C6    . A   A 1 12 ? -5.266  9.756   -16.280 1.00 28.45 ? 11  A   B C6    1 
ATOM   228  N N6    . A   A 1 12 ? -5.194  10.353  -15.090 1.00 27.96 ? 11  A   B N6    1 
ATOM   229  N N1    . A   A 1 12 ? -6.416  9.113   -16.611 1.00 28.64 ? 11  A   B N1    1 
ATOM   230  C C2    . A   A 1 12 ? -6.492  8.507   -17.804 1.00 28.00 ? 11  A   B C2    1 
ATOM   231  N N3    . A   A 1 12 ? -5.560  8.433   -18.761 1.00 28.08 ? 11  A   B N3    1 
ATOM   232  C C4    . A   A 1 12 ? -4.433  9.074   -18.410 1.00 28.20 ? 11  A   B C4    1 
ATOM   233  P P     . G   A 1 13 ? -3.485  12.487  -23.389 1.00 29.92 ? 12  G   B P     1 
ATOM   234  O OP1   . G   A 1 13 ? -3.459  12.901  -24.818 1.00 30.47 ? 12  G   B OP1   1 
ATOM   235  O OP2   . G   A 1 13 ? -2.932  13.386  -22.352 1.00 29.58 ? 12  G   B OP2   1 
ATOM   236  O "O5'" . G   A 1 13 ? -4.994  12.207  -22.931 1.00 30.15 ? 12  G   B "O5'" 1 
ATOM   237  C "C5'" . G   A 1 13 ? -5.918  11.575  -23.800 1.00 29.57 ? 12  G   B "C5'" 1 
ATOM   238  C "C4'" . G   A 1 13 ? -7.212  11.289  -23.062 1.00 27.72 ? 12  G   B "C4'" 1 
ATOM   239  O "O4'" . G   A 1 13 ? -6.953  10.557  -21.846 1.00 26.57 ? 12  G   B "O4'" 1 
ATOM   240  C "C3'" . G   A 1 13 ? -7.966  12.504  -22.564 1.00 26.87 ? 12  G   B "C3'" 1 
ATOM   241  O "O3'" . G   A 1 13 ? -8.634  13.096  -23.646 1.00 27.05 ? 12  G   B "O3'" 1 
ATOM   242  C "C2'" . G   A 1 13 ? -8.933  11.812  -21.619 1.00 26.57 ? 12  G   B "C2'" 1 
ATOM   243  O "O2'" . G   A 1 13 ? -9.955  11.119  -22.321 1.00 26.91 ? 12  G   B "O2'" 1 
ATOM   244  C "C1'" . G   A 1 13 ? -7.965  10.875  -20.901 1.00 25.95 ? 12  G   B "C1'" 1 
ATOM   245  N N9    . G   A 1 13 ? -7.360  11.505  -19.718 1.00 25.75 ? 12  G   B N9    1 
ATOM   246  C C8    . G   A 1 13 ? -6.093  12.030  -19.583 1.00 25.48 ? 12  G   B C8    1 
ATOM   247  N N7    . G   A 1 13 ? -5.858  12.524  -18.401 1.00 25.74 ? 12  G   B N7    1 
ATOM   248  C C5    . G   A 1 13 ? -7.047  12.332  -17.705 1.00 25.41 ? 12  G   B C5    1 
ATOM   249  C C6    . G   A 1 13 ? -7.413  12.661  -16.375 1.00 25.27 ? 12  G   B C6    1 
ATOM   250  O O6    . G   A 1 13 ? -6.725  13.221  -15.510 1.00 26.32 ? 12  G   B O6    1 
ATOM   251  N N1    . G   A 1 13 ? -8.719  12.282  -16.069 1.00 25.10 ? 12  G   B N1    1 
ATOM   252  C C2    . G   A 1 13 ? -9.574  11.660  -16.947 1.00 25.67 ? 12  G   B C2    1 
ATOM   253  N N2    . G   A 1 13 ? -10.800 11.366  -16.519 1.00 25.83 ? 12  G   B N2    1 
ATOM   254  N N3    . G   A 1 13 ? -9.252  11.348  -18.190 1.00 26.83 ? 12  G   B N3    1 
ATOM   255  C C4    . G   A 1 13 ? -7.975  11.704  -18.501 1.00 25.56 ? 12  G   B C4    1 
ATOM   256  P P     . A   A 1 14 ? -8.972  14.644  -23.611 1.00 27.55 ? 13  A   B P     1 
ATOM   257  O OP1   . A   A 1 14 ? -9.582  15.031  -24.900 1.00 26.75 ? 13  A   B OP1   1 
ATOM   258  O OP2   . A   A 1 14 ? -7.765  15.343  -23.125 1.00 26.78 ? 13  A   B OP2   1 
ATOM   259  O "O5'" . A   A 1 14 ? -10.117 14.722  -22.498 1.00 26.94 ? 13  A   B "O5'" 1 
ATOM   260  C "C5'" . A   A 1 14 ? -11.375 14.091  -22.701 1.00 27.12 ? 13  A   B "C5'" 1 
ATOM   261  C "C4'" . A   A 1 14 ? -12.189 14.162  -21.418 1.00 27.73 ? 13  A   B "C4'" 1 
ATOM   262  O "O4'" . A   A 1 14 ? -11.465 13.566  -20.316 1.00 26.93 ? 13  A   B "O4'" 1 
ATOM   263  C "C3'" . A   A 1 14 ? -12.466 15.563  -20.899 1.00 27.39 ? 13  A   B "C3'" 1 
ATOM   264  O "O3'" . A   A 1 14 ? -13.450 16.219  -21.691 1.00 27.77 ? 13  A   B "O3'" 1 
ATOM   265  C "C2'" . A   A 1 14 ? -12.888 15.266  -19.463 1.00 27.19 ? 13  A   B "C2'" 1 
ATOM   266  O "O2'" . A   A 1 14 ? -14.208 14.775  -19.348 1.00 27.28 ? 13  A   B "O2'" 1 
ATOM   267  C "C1'" . A   A 1 14 ? -11.870 14.194  -19.107 1.00 27.30 ? 13  A   B "C1'" 1 
ATOM   268  N N9    . A   A 1 14 ? -10.663 14.726  -18.480 1.00 27.85 ? 13  A   B N9    1 
ATOM   269  C C8    . A   A 1 14 ? -9.453  14.990  -19.089 1.00 28.05 ? 13  A   B C8    1 
ATOM   270  N N7    . A   A 1 14 ? -8.530  15.458  -18.276 1.00 28.03 ? 13  A   B N7    1 
ATOM   271  C C5    . A   A 1 14 ? -9.180  15.506  -17.050 1.00 27.45 ? 13  A   B C5    1 
ATOM   272  C C6    . A   A 1 14 ? -8.762  15.914  -15.767 1.00 27.31 ? 13  A   B C6    1 
ATOM   273  N N6    . A   A 1 14 ? -7.536  16.363  -15.488 1.00 27.20 ? 13  A   B N6    1 
ATOM   274  N N1    . A   A 1 14 ? -9.663  15.840  -14.767 1.00 27.66 ? 13  A   B N1    1 
ATOM   275  C C2    . A   A 1 14 ? -10.898 15.388  -15.021 1.00 27.69 ? 13  A   B C2    1 
ATOM   276  N N3    . A   A 1 14 ? -11.411 14.971  -16.177 1.00 27.67 ? 13  A   B N3    1 
ATOM   277  C C4    . A   A 1 14 ? -10.492 15.058  -17.158 1.00 27.82 ? 13  A   B C4    1 
ATOM   278  P P     . U   A 1 15 ? -13.418 17.809  -21.855 1.00 27.23 ? 14  U   B P     1 
ATOM   279  O OP1   . U   A 1 15 ? -14.447 18.172  -22.845 1.00 26.75 ? 14  U   B OP1   1 
ATOM   280  O OP2   . U   A 1 15 ? -12.028 18.280  -22.049 1.00 26.74 ? 14  U   B OP2   1 
ATOM   281  O "O5'" . U   A 1 15 ? -13.870 18.255  -20.386 1.00 28.22 ? 14  U   B "O5'" 1 
ATOM   282  C "C5'" . U   A 1 15 ? -15.219 18.132  -19.942 1.00 27.69 ? 14  U   B "C5'" 1 
ATOM   283  C "C4'" . U   A 1 15 ? -15.323 18.403  -18.447 1.00 26.87 ? 14  U   B "C4'" 1 
ATOM   284  O "O4'" . U   A 1 15 ? -14.356 17.613  -17.714 1.00 26.87 ? 14  U   B "O4'" 1 
ATOM   285  C "C3'" . U   A 1 15 ? -14.990 19.822  -18.040 1.00 25.30 ? 14  U   B "C3'" 1 
ATOM   286  O "O3'" . U   A 1 15 ? -16.109 20.607  -18.230 1.00 25.14 ? 14  U   B "O3'" 1 
ATOM   287  C "C2'" . U   A 1 15 ? -14.684 19.665  -16.561 1.00 25.83 ? 14  U   B "C2'" 1 
ATOM   288  O "O2'" . U   A 1 15 ? -15.820 19.500  -15.736 1.00 26.52 ? 14  U   B "O2'" 1 
ATOM   289  C "C1'" . U   A 1 15 ? -13.900 18.368  -16.599 1.00 26.23 ? 14  U   B "C1'" 1 
ATOM   290  N N1    . U   A 1 15 ? -12.407 18.590  -16.629 1.00 26.42 ? 14  U   B N1    1 
ATOM   291  C C2    . U   A 1 15 ? -11.795 18.904  -15.424 1.00 25.44 ? 14  U   B C2    1 
ATOM   292  O O2    . U   A 1 15 ? -12.417 19.015  -14.381 1.00 25.86 ? 14  U   B O2    1 
ATOM   293  N N3    . U   A 1 15 ? -10.431 19.084  -15.477 1.00 24.38 ? 14  U   B N3    1 
ATOM   294  C C4    . U   A 1 15 ? -9.631  18.988  -16.597 1.00 25.07 ? 14  U   B C4    1 
ATOM   295  O O4    . U   A 1 15 ? -8.423  19.183  -16.478 1.00 25.66 ? 14  U   B O4    1 
ATOM   296  C C5    . U   A 1 15 ? -10.333 18.660  -17.823 1.00 25.22 ? 14  U   B C5    1 
ATOM   297  C C6    . U   A 1 15 ? -11.666 18.471  -17.799 1.00 25.37 ? 14  U   B C6    1 
ATOM   298  P P     . U   A 1 16 ? -15.941 22.116  -18.696 1.00 25.74 ? 15  U   B P     1 
ATOM   299  O OP1   . U   A 1 16 ? -17.295 22.606  -19.054 1.00 25.07 ? 15  U   B OP1   1 
ATOM   300  O OP2   . U   A 1 16 ? -14.861 22.180  -19.704 1.00 24.98 ? 15  U   B OP2   1 
ATOM   301  O "O5'" . U   A 1 16 ? -15.430 22.846  -17.359 1.00 26.54 ? 15  U   B "O5'" 1 
ATOM   302  C "C5'" . U   A 1 16 ? -16.303 22.967  -16.238 1.00 26.49 ? 15  U   B "C5'" 1 
ATOM   303  C "C4'" . U   A 1 16 ? -15.598 23.491  -15.010 1.00 25.54 ? 15  U   B "C4'" 1 
ATOM   304  O "O4'" . U   A 1 16 ? -14.600 22.536  -14.598 1.00 26.00 ? 15  U   B "O4'" 1 
ATOM   305  C "C3'" . U   A 1 16 ? -14.829 24.773  -15.213 1.00 25.01 ? 15  U   B "C3'" 1 
ATOM   306  O "O3'" . U   A 1 16 ? -15.698 25.862  -15.041 1.00 24.28 ? 15  U   B "O3'" 1 
ATOM   307  C "C2'" . U   A 1 16 ? -13.797 24.696  -14.091 1.00 25.23 ? 15  U   B "C2'" 1 
ATOM   308  O "O2'" . U   A 1 16 ? -14.257 25.136  -12.834 1.00 27.01 ? 15  U   B "O2'" 1 
ATOM   309  C "C1'" . U   A 1 16 ? -13.509 23.214  -14.003 1.00 24.71 ? 15  U   B "C1'" 1 
ATOM   310  N N1    . U   A 1 16 ? -12.224 22.892  -14.694 1.00 24.54 ? 15  U   B N1    1 
ATOM   311  C C2    . U   A 1 16 ? -11.038 22.973  -13.990 1.00 24.40 ? 15  U   B C2    1 
ATOM   312  O O2    . U   A 1 16 ? -10.963 23.291  -12.815 1.00 24.17 ? 15  U   B O2    1 
ATOM   313  N N3    . U   A 1 16 ? -9.918  22.667  -14.720 1.00 23.77 ? 15  U   B N3    1 
ATOM   314  C C4    . U   A 1 16 ? -9.869  22.299  -16.043 1.00 23.72 ? 15  U   B C4    1 
ATOM   315  O O4    . U   A 1 16 ? -8.795  22.059  -16.558 1.00 24.08 ? 15  U   B O4    1 
ATOM   316  C C5    . U   A 1 16 ? -11.130 22.242  -16.716 1.00 24.47 ? 15  U   B C5    1 
ATOM   317  C C6    . U   A 1 16 ? -12.233 22.540  -16.027 1.00 24.58 ? 15  U   B C6    1 
ATOM   318  N N     . SER B 2 5  ? 6.656   8.655   -9.056  1.00 36.02 ? 440 SER A N     1 
ATOM   319  C CA    . SER B 2 5  ? 7.099   9.769   -8.171  1.00 36.39 ? 440 SER A CA    1 
ATOM   320  C C     . SER B 2 5  ? 6.702   9.425   -6.740  1.00 36.58 ? 440 SER A C     1 
ATOM   321  O O     . SER B 2 5  ? 7.547   9.288   -5.859  1.00 36.93 ? 440 SER A O     1 
ATOM   322  C CB    . SER B 2 5  ? 6.475   11.095  -8.618  1.00 36.44 ? 440 SER A CB    1 
ATOM   323  N N     . SER B 2 6  ? 5.404   9.259   -6.518  1.00 36.42 ? 441 SER A N     1 
ATOM   324  C CA    . SER B 2 6  ? 4.912   8.682   -5.282  1.00 36.46 ? 441 SER A CA    1 
ATOM   325  C C     . SER B 2 6  ? 5.022   7.149   -5.351  1.00 36.23 ? 441 SER A C     1 
ATOM   326  O O     . SER B 2 6  ? 4.735   6.445   -4.389  1.00 36.05 ? 441 SER A O     1 
ATOM   327  C CB    . SER B 2 6  ? 3.468   9.120   -5.057  1.00 36.62 ? 441 SER A CB    1 
ATOM   328  O OG    . SER B 2 6  ? 2.701   8.938   -6.238  1.00 37.68 ? 441 SER A OG    1 
ATOM   329  N N     . MET B 2 7  ? 5.464   6.648   -6.499  1.00 36.08 ? 442 MET A N     1 
ATOM   330  C CA    . MET B 2 7  ? 5.644   5.216   -6.725  1.00 36.06 ? 442 MET A CA    1 
ATOM   331  C C     . MET B 2 7  ? 7.115   4.753   -6.457  1.00 36.13 ? 442 MET A C     1 
ATOM   332  O O     . MET B 2 7  ? 7.638   3.835   -7.111  1.00 36.26 ? 442 MET A O     1 
ATOM   333  C CB    . MET B 2 7  ? 5.182   4.892   -8.147  1.00 36.01 ? 442 MET A CB    1 
ATOM   334  C CG    . MET B 2 7  ? 4.890   3.449   -8.400  1.00 35.86 ? 442 MET A CG    1 
ATOM   335  S SD    . MET B 2 7  ? 3.441   2.866   -7.515  1.00 36.02 ? 442 MET A SD    1 
ATOM   336  C CE    . MET B 2 7  ? 3.900   1.163   -7.521  1.00 36.99 ? 442 MET A CE    1 
ATOM   337  N N     A ASN B 2 8  ? 7.759   5.411   -5.496  0.50 35.94 ? 443 ASN A N     1 
ATOM   338  N N     B ASN B 2 8  ? 7.758   5.406   -5.490  0.50 36.00 ? 443 ASN A N     1 
ATOM   339  C CA    A ASN B 2 8  ? 9.123   5.096   -5.097  0.50 35.46 ? 443 ASN A CA    1 
ATOM   340  C CA    B ASN B 2 8  ? 9.134   5.115   -5.099  0.50 35.60 ? 443 ASN A CA    1 
ATOM   341  C C     A ASN B 2 8  ? 9.151   4.553   -3.669  0.50 35.26 ? 443 ASN A C     1 
ATOM   342  C C     B ASN B 2 8  ? 9.200   4.609   -3.658  0.50 35.33 ? 443 ASN A C     1 
ATOM   343  O O     A ASN B 2 8  ? 8.338   4.974   -2.828  0.50 35.27 ? 443 ASN A O     1 
ATOM   344  O O     B ASN B 2 8  ? 8.480   5.132   -2.791  0.50 35.38 ? 443 ASN A O     1 
ATOM   345  C CB    A ASN B 2 8  ? 9.999   6.341   -5.207  0.50 35.45 ? 443 ASN A CB    1 
ATOM   346  C CB    B ASN B 2 8  ? 9.988   6.373   -5.238  0.50 35.67 ? 443 ASN A CB    1 
ATOM   347  C CG    A ASN B 2 8  ? 9.640   7.400   -4.182  0.50 35.40 ? 443 ASN A CG    1 
ATOM   348  C CG    B ASN B 2 8  ? 11.425  6.160   -4.794  0.50 35.96 ? 443 ASN A CG    1 
ATOM   349  O OD1   A ASN B 2 8  ? 9.928   7.257   -3.000  0.50 35.31 ? 443 ASN A OD1   1 
ATOM   350  O OD1   B ASN B 2 8  ? 12.095  5.234   -5.243  0.50 36.19 ? 443 ASN A OD1   1 
ATOM   351  N ND2   A ASN B 2 8  ? 9.027   8.475   -4.636  0.50 35.15 ? 443 ASN A ND2   1 
ATOM   352  N ND2   B ASN B 2 8  ? 11.907  7.028   -3.920  0.50 36.06 ? 443 ASN A ND2   1 
ATOM   353  N N     . PRO B 2 9  ? 10.056  3.592   -3.390  1.00 34.94 ? 444 PRO A N     1 
ATOM   354  C CA    . PRO B 2 9  ? 10.243  3.102   -2.020  1.00 34.22 ? 444 PRO A CA    1 
ATOM   355  C C     . PRO B 2 9  ? 10.371  4.180   -0.929  1.00 33.66 ? 444 PRO A C     1 
ATOM   356  O O     . PRO B 2 9  ? 9.801   4.002   0.142   1.00 33.67 ? 444 PRO A O     1 
ATOM   357  C CB    . PRO B 2 9  ? 11.513  2.240   -2.109  1.00 34.47 ? 444 PRO A CB    1 
ATOM   358  C CG    . PRO B 2 9  ? 12.019  2.371   -3.496  1.00 34.51 ? 444 PRO A CG    1 
ATOM   359  C CD    . PRO B 2 9  ? 10.891  2.832   -4.338  1.00 34.76 ? 444 PRO A CD    1 
ATOM   360  N N     . LYS B 2 10 ? 11.073  5.287   -1.184  1.00 32.83 ? 445 LYS A N     1 
ATOM   361  C CA    . LYS B 2 10 ? 11.242  6.319   -0.150  1.00 32.02 ? 445 LYS A CA    1 
ATOM   362  C C     . LYS B 2 10 ? 9.898   6.897   0.267   1.00 31.61 ? 445 LYS A C     1 
ATOM   363  O O     . LYS B 2 10 ? 9.630   7.076   1.464   1.00 31.63 ? 445 LYS A O     1 
ATOM   364  C CB    . LYS B 2 10 ? 12.195  7.430   -0.603  1.00 31.93 ? 445 LYS A CB    1 
ATOM   365  N N     . SER B 2 11 ? 9.054   7.165   -0.722  1.00 30.82 ? 446 SER A N     1 
ATOM   366  C CA    . SER B 2 11 ? 7.716   7.703   -0.482  1.00 30.40 ? 446 SER A CA    1 
ATOM   367  C C     . SER B 2 11 ? 6.721   6.648   0.037   1.00 29.17 ? 446 SER A C     1 
ATOM   368  O O     . SER B 2 11 ? 5.938   6.923   0.938   1.00 29.30 ? 446 SER A O     1 
ATOM   369  C CB    . SER B 2 11 ? 7.179   8.359   -1.765  1.00 30.97 ? 446 SER A CB    1 
ATOM   370  O OG    . SER B 2 11 ? 5.785   8.652   -1.656  1.00 32.98 ? 446 SER A OG    1 
ATOM   371  N N     . LEU B 2 12 ? 6.749   5.450   -0.539  1.00 27.73 ? 447 LEU A N     1 
ATOM   372  C CA    . LEU B 2 12 ? 5.803   4.395   -0.167  1.00 26.20 ? 447 LEU A CA    1 
ATOM   373  C C     . LEU B 2 12 ? 6.028   3.842   1.229   1.00 25.64 ? 447 LEU A C     1 
ATOM   374  O O     . LEU B 2 12 ? 5.129   3.291   1.817   1.00 25.66 ? 447 LEU A O     1 
ATOM   375  C CB    . LEU B 2 12 ? 5.868   3.248   -1.171  1.00 26.25 ? 447 LEU A CB    1 
ATOM   376  C CG    . LEU B 2 12 ? 5.228   3.518   -2.535  1.00 26.31 ? 447 LEU A CG    1 
ATOM   377  C CD1   . LEU B 2 12 ? 5.664   2.456   -3.543  1.00 27.41 ? 447 LEU A CD1   1 
ATOM   378  C CD2   . LEU B 2 12 ? 3.695   3.614   -2.424  1.00 24.88 ? 447 LEU A CD2   1 
ATOM   379  N N     . THR B 2 13 ? 7.233   3.977   1.760   1.00 25.06 ? 448 THR A N     1 
ATOM   380  C CA    . THR B 2 13 ? 7.536   3.404   3.064   1.00 24.81 ? 448 THR A CA    1 
ATOM   381  C C     . THR B 2 13 ? 7.695   4.483   4.128   1.00 24.70 ? 448 THR A C     1 
ATOM   382  O O     . THR B 2 13 ? 8.271   4.228   5.194   1.00 24.80 ? 448 THR A O     1 
ATOM   383  C CB    . THR B 2 13 ? 8.822   2.561   3.041   1.00 24.48 ? 448 THR A CB    1 
ATOM   384  O OG1   . THR B 2 13 ? 9.880   3.372   2.558   1.00 25.08 ? 448 THR A OG1   1 
ATOM   385  C CG2   . THR B 2 13 ? 8.698   1.374   2.139   1.00 24.58 ? 448 THR A CG2   1 
ATOM   386  N N     . ASP B 2 14 ? 7.197   5.687   3.839   1.00 24.80 ? 449 ASP A N     1 
ATOM   387  C CA    . ASP B 2 14 ? 7.182   6.767   4.823   1.00 24.70 ? 449 ASP A CA    1 
ATOM   388  C C     . ASP B 2 14 ? 6.286   6.335   5.976   1.00 24.82 ? 449 ASP A C     1 
ATOM   389  O O     . ASP B 2 14 ? 5.140   5.977   5.732   1.00 24.93 ? 449 ASP A O     1 
ATOM   390  C CB    . ASP B 2 14 ? 6.630   8.044   4.191   1.00 25.09 ? 449 ASP A CB    1 
ATOM   391  C CG    . ASP B 2 14 ? 6.603   9.221   5.162   1.00 26.77 ? 449 ASP A CG    1 
ATOM   392  O OD1   . ASP B 2 14 ? 7.485   9.288   6.039   1.00 31.01 ? 449 ASP A OD1   1 
ATOM   393  O OD2   . ASP B 2 14 ? 5.725   10.102  5.041   1.00 29.48 ? 449 ASP A OD2   1 
ATOM   394  N N     . PRO B 2 15 ? 6.791   6.363   7.236   1.00 24.76 ? 450 PRO A N     1 
ATOM   395  C CA    . PRO B 2 15 ? 6.002   5.848   8.365   1.00 24.43 ? 450 PRO A CA    1 
ATOM   396  C C     . PRO B 2 15 ? 4.675   6.572   8.576   1.00 24.30 ? 450 PRO A C     1 
ATOM   397  O O     . PRO B 2 15 ? 3.685   5.925   8.942   1.00 24.35 ? 450 PRO A O     1 
ATOM   398  C CB    . PRO B 2 15 ? 6.915   6.081   9.580   1.00 24.61 ? 450 PRO A CB    1 
ATOM   399  C CG    . PRO B 2 15 ? 8.260   6.235   9.046   1.00 24.66 ? 450 PRO A CG    1 
ATOM   400  C CD    . PRO B 2 15 ? 8.096   6.879   7.693   1.00 25.31 ? 450 PRO A CD    1 
ATOM   401  N N     . LYS B 2 16 ? 4.673   7.892   8.373   1.00 23.68 ? 451 LYS A N     1 
ATOM   402  C CA    . LYS B 2 16 ? 3.473   8.729   8.436   1.00 23.30 ? 451 LYS A CA    1 
ATOM   403  C C     . LYS B 2 16 ? 2.368   8.222   7.522   1.00 22.83 ? 451 LYS A C     1 
ATOM   404  O O     . LYS B 2 16 ? 1.192   8.212   7.884   1.00 22.59 ? 451 LYS A O     1 
ATOM   405  C CB    . LYS B 2 16 ? 3.811   10.142  7.979   1.00 23.74 ? 451 LYS A CB    1 
ATOM   406  C CG    . LYS B 2 16 ? 3.801   11.199  9.043   1.00 25.66 ? 451 LYS A CG    1 
ATOM   407  C CD    . LYS B 2 16 ? 3.664   12.591  8.417   1.00 29.53 ? 451 LYS A CD    1 
ATOM   408  C CE    . LYS B 2 16 ? 5.033   13.210  8.060   1.00 31.53 ? 451 LYS A CE    1 
ATOM   409  N NZ    . LYS B 2 16 ? 4.996   14.724  8.017   1.00 31.74 ? 451 LYS A NZ    1 
ATOM   410  N N     . LEU B 2 17 ? 2.750   7.825   6.314   1.00 22.42 ? 452 LEU A N     1 
ATOM   411  C CA    . LEU B 2 17 ? 1.789   7.359   5.325   1.00 21.50 ? 452 LEU A CA    1 
ATOM   412  C C     . LEU B 2 17 ? 1.379   5.921   5.584   1.00 21.95 ? 452 LEU A C     1 
ATOM   413  O O     . LEU B 2 17 ? 0.214   5.573   5.460   1.00 22.09 ? 452 LEU A O     1 
ATOM   414  C CB    . LEU B 2 17 ? 2.366   7.479   3.912   1.00 20.98 ? 452 LEU A CB    1 
ATOM   415  C CG    . LEU B 2 17 ? 2.447   8.848   3.252   1.00 19.59 ? 452 LEU A CG    1 
ATOM   416  C CD1   . LEU B 2 17 ? 2.913   8.681   1.825   1.00 17.36 ? 452 LEU A CD1   1 
ATOM   417  C CD2   . LEU B 2 17 ? 1.121   9.600   3.298   1.00 17.70 ? 452 LEU A CD2   1 
ATOM   418  N N     . LEU B 2 18 ? 2.343   5.074   5.933   1.00 21.95 ? 453 LEU A N     1 
ATOM   419  C CA    . LEU B 2 18 ? 2.030   3.690   6.242   1.00 21.20 ? 453 LEU A CA    1 
ATOM   420  C C     . LEU B 2 18 ? 1.011   3.598   7.372   1.00 21.60 ? 453 LEU A C     1 
ATOM   421  O O     . LEU B 2 18 ? 0.158   2.700   7.382   1.00 22.17 ? 453 LEU A O     1 
ATOM   422  C CB    . LEU B 2 18 ? 3.308   2.941   6.590   1.00 21.19 ? 453 LEU A CB    1 
ATOM   423  C CG    . LEU B 2 18 ? 4.166   2.537   5.385   1.00 19.21 ? 453 LEU A CG    1 
ATOM   424  C CD1   . LEU B 2 18 ? 5.369   1.772   5.881   1.00 18.58 ? 453 LEU A CD1   1 
ATOM   425  C CD2   . LEU B 2 18 ? 3.366   1.692   4.390   1.00 17.01 ? 453 LEU A CD2   1 
ATOM   426  N N     . LYS B 2 19 ? 1.078   4.543   8.307   1.00 21.00 ? 454 LYS A N     1 
ATOM   427  C CA    . LYS B 2 19 ? 0.185   4.546   9.462   1.00 20.54 ? 454 LYS A CA    1 
ATOM   428  C C     . LYS B 2 19 ? -1.157  5.249   9.211   1.00 20.77 ? 454 LYS A C     1 
ATOM   429  O O     . LYS B 2 19 ? -1.985  5.373   10.119  1.00 20.30 ? 454 LYS A O     1 
ATOM   430  C CB    . LYS B 2 19 ? 0.889   5.135   10.684  1.00 20.07 ? 454 LYS A CB    1 
ATOM   431  C CG    . LYS B 2 19 ? 1.685   4.105   11.465  1.00 19.86 ? 454 LYS A CG    1 
ATOM   432  C CD    . LYS B 2 19 ? 2.326   4.709   12.685  1.00 18.86 ? 454 LYS A CD    1 
ATOM   433  C CE    . LYS B 2 19 ? 2.906   3.632   13.603  1.00 19.52 ? 454 LYS A CE    1 
ATOM   434  N NZ    . LYS B 2 19 ? 3.632   4.193   14.790  1.00 17.30 ? 454 LYS A NZ    1 
ATOM   435  N N     . ASN B 2 20 ? -1.380  5.685   7.973   1.00 20.56 ? 455 ASN A N     1 
ATOM   436  C CA    . ASN B 2 20 ? -2.609  6.381   7.604   1.00 20.63 ? 455 ASN A CA    1 
ATOM   437  C C     . ASN B 2 20 ? -2.908  6.000   6.173   1.00 20.79 ? 455 ASN A C     1 
ATOM   438  O O     . ASN B 2 20 ? -2.574  6.715   5.241   1.00 20.99 ? 455 ASN A O     1 
ATOM   439  C CB    . ASN B 2 20 ? -2.432  7.894   7.749   1.00 20.25 ? 455 ASN A CB    1 
ATOM   440  C CG    . ASN B 2 20 ? -3.719  8.676   7.504   1.00 20.71 ? 455 ASN A CG    1 
ATOM   441  O OD1   . ASN B 2 20 ? -4.642  8.197   6.853   1.00 22.44 ? 455 ASN A OD1   1 
ATOM   442  N ND2   . ASN B 2 20 ? -3.767  9.903   8.010   1.00 17.83 ? 455 ASN A ND2   1 
ATOM   443  N N     . ILE B 2 21 ? -3.516  4.835   6.003   1.00 21.57 ? 456 ILE A N     1 
ATOM   444  C CA    . ILE B 2 21 ? -3.736  4.274   4.674   1.00 21.89 ? 456 ILE A CA    1 
ATOM   445  C C     . ILE B 2 21 ? -4.542  5.202   3.744   1.00 22.60 ? 456 ILE A C     1 
ATOM   446  O O     . ILE B 2 21 ? -4.181  5.354   2.574   1.00 23.36 ? 456 ILE A O     1 
ATOM   447  C CB    . ILE B 2 21 ? -4.317  2.859   4.781   1.00 22.02 ? 456 ILE A CB    1 
ATOM   448  C CG1   . ILE B 2 21 ? -3.295  1.950   5.464   1.00 21.47 ? 456 ILE A CG1   1 
ATOM   449  C CG2   . ILE B 2 21 ? -4.648  2.295   3.409   1.00 21.39 ? 456 ILE A CG2   1 
ATOM   450  C CD1   . ILE B 2 21 ? -1.973  1.811   4.653   1.00 19.16 ? 456 ILE A CD1   1 
ATOM   451  N N     . PRO B 2 22 ? -5.623  5.842   4.252   1.00 23.69 ? 457 PRO A N     1 
ATOM   452  C CA    . PRO B 2 22 ? -6.307  6.792   3.355   1.00 23.83 ? 457 PRO A CA    1 
ATOM   453  C C     . PRO B 2 22 ? -5.311  7.769   2.720   1.00 24.55 ? 457 PRO A C     1 
ATOM   454  O O     . PRO B 2 22 ? -5.406  8.042   1.522   1.00 25.08 ? 457 PRO A O     1 
ATOM   455  C CB    . PRO B 2 22 ? -7.287  7.517   4.286   1.00 24.33 ? 457 PRO A CB    1 
ATOM   456  C CG    . PRO B 2 22 ? -7.580  6.512   5.357   1.00 24.20 ? 457 PRO A CG    1 
ATOM   457  C CD    . PRO B 2 22 ? -6.302  5.741   5.565   1.00 23.33 ? 457 PRO A CD    1 
ATOM   458  N N     . MET B 2 23 ? -4.340  8.246   3.503   1.00 24.29 ? 458 MET A N     1 
ATOM   459  C CA    . MET B 2 23 ? -3.341  9.185   3.004   1.00 24.80 ? 458 MET A CA    1 
ATOM   460  C C     . MET B 2 23 ? -2.314  8.516   2.091   1.00 24.61 ? 458 MET A C     1 
ATOM   461  O O     . MET B 2 23 ? -1.856  9.129   1.125   1.00 24.51 ? 458 MET A O     1 
ATOM   462  C CB    . MET B 2 23 ? -2.653  9.903   4.171   1.00 25.30 ? 458 MET A CB    1 
ATOM   463  C CG    . MET B 2 23 ? -3.449  11.039  4.771   1.00 26.83 ? 458 MET A CG    1 
ATOM   464  S SD    . MET B 2 23 ? -4.033  12.144  3.472   1.00 32.59 ? 458 MET A SD    1 
ATOM   465  C CE    . MET B 2 23 ? -5.820  11.857  3.451   1.00 32.71 ? 458 MET A CE    1 
ATOM   466  N N     . TRP B 2 24 ? -1.967  7.263   2.400   1.00 24.52 ? 459 TRP A N     1 
ATOM   467  C CA    . TRP B 2 24 ? -1.065  6.442   1.566   1.00 24.46 ? 459 TRP A CA    1 
ATOM   468  C C     . TRP B 2 24 ? -1.684  6.242   0.192   1.00 24.55 ? 459 TRP A C     1 
ATOM   469  O O     . TRP B 2 24 ? -1.021  6.392   -0.844  1.00 24.64 ? 459 TRP A O     1 
ATOM   470  C CB    . TRP B 2 24 ? -0.811  5.088   2.247   1.00 24.84 ? 459 TRP A CB    1 
ATOM   471  C CG    . TRP B 2 24 ? 0.240   4.201   1.614   1.00 24.22 ? 459 TRP A CG    1 
ATOM   472  C CD1   . TRP B 2 24 ? 1.582   4.203   1.880   1.00 23.59 ? 459 TRP A CD1   1 
ATOM   473  C CD2   . TRP B 2 24 ? 0.021   3.142   0.651   1.00 25.22 ? 459 TRP A CD2   1 
ATOM   474  N NE1   . TRP B 2 24 ? 2.213   3.234   1.132   1.00 24.82 ? 459 TRP A NE1   1 
ATOM   475  C CE2   . TRP B 2 24 ? 1.280   2.572   0.365   1.00 25.31 ? 459 TRP A CE2   1 
ATOM   476  C CE3   . TRP B 2 24 ? -1.113  2.640   -0.007  1.00 25.73 ? 459 TRP A CE3   1 
ATOM   477  C CZ2   . TRP B 2 24 ? 1.438   1.511   -0.552  1.00 25.96 ? 459 TRP A CZ2   1 
ATOM   478  C CZ3   . TRP B 2 24 ? -0.960  1.592   -0.926  1.00 25.17 ? 459 TRP A CZ3   1 
ATOM   479  C CH2   . TRP B 2 24 ? 0.309   1.036   -1.187  1.00 24.88 ? 459 TRP A CH2   1 
ATOM   480  N N     . LEU B 2 25 ? -2.974  5.933   0.192   1.00 24.28 ? 460 LEU A N     1 
ATOM   481  C CA    . LEU B 2 25 ? -3.741  5.789   -1.046  1.00 24.06 ? 460 LEU A CA    1 
ATOM   482  C C     . LEU B 2 25 ? -3.867  7.102   -1.819  1.00 23.82 ? 460 LEU A C     1 
ATOM   483  O O     . LEU B 2 25 ? -3.719  7.124   -3.037  1.00 24.12 ? 460 LEU A O     1 
ATOM   484  C CB    . LEU B 2 25 ? -5.120  5.196   -0.739  1.00 23.96 ? 460 LEU A CB    1 
ATOM   485  C CG    . LEU B 2 25 ? -5.061  3.738   -0.264  1.00 24.92 ? 460 LEU A CG    1 
ATOM   486  C CD1   . LEU B 2 25 ? -6.341  3.334   0.461   1.00 22.85 ? 460 LEU A CD1   1 
ATOM   487  C CD2   . LEU B 2 25 ? -4.741  2.789   -1.420  1.00 21.86 ? 460 LEU A CD2   1 
ATOM   488  N N     . LYS B 2 26 ? -4.122  8.193   -1.105  1.00 23.45 ? 461 LYS A N     1 
ATOM   489  C CA    . LYS B 2 26 ? -4.203  9.517   -1.712  1.00 23.84 ? 461 LYS A CA    1 
ATOM   490  C C     . LYS B 2 26 ? -2.942  9.868   -2.497  1.00 23.67 ? 461 LYS A C     1 
ATOM   491  O O     . LYS B 2 26 ? -3.035  10.455  -3.575  1.00 23.48 ? 461 LYS A O     1 
ATOM   492  C CB    . LYS B 2 26 ? -4.500  10.583  -0.654  1.00 24.12 ? 461 LYS A CB    1 
ATOM   493  C CG    . LYS B 2 26 ? -4.516  12.060  -1.153  1.00 25.39 ? 461 LYS A CG    1 
ATOM   494  C CD    . LYS B 2 26 ? -5.711  12.404  -2.045  1.00 26.69 ? 461 LYS A CD    1 
ATOM   495  C CE    . LYS B 2 26 ? -5.565  13.807  -2.653  1.00 26.48 ? 461 LYS A CE    1 
ATOM   496  N NZ    . LYS B 2 26 ? -6.845  14.308  -3.264  1.00 29.11 ? 461 LYS A NZ    1 
ATOM   497  N N     . SER B 2 27 ? -1.769  9.499   -1.974  1.00 23.54 ? 462 SER A N     1 
ATOM   498  C CA    . SER B 2 27 ? -0.509  9.803   -2.655  1.00 23.36 ? 462 SER A CA    1 
ATOM   499  C C     . SER B 2 27 ? -0.362  9.025   -3.956  1.00 23.52 ? 462 SER A C     1 
ATOM   500  O O     . SER B 2 27 ? 0.311   9.484   -4.893  1.00 23.39 ? 462 SER A O     1 
ATOM   501  C CB    . SER B 2 27 ? 0.691   9.555   -1.755  1.00 23.12 ? 462 SER A CB    1 
ATOM   502  O OG    . SER B 2 27 ? 0.818   8.179   -1.497  1.00 24.06 ? 462 SER A OG    1 
ATOM   503  N N     . LEU B 2 28 ? -1.000  7.859   -4.024  1.00 23.56 ? 463 LEU A N     1 
ATOM   504  C CA    . LEU B 2 28 ? -0.994  7.052   -5.242  1.00 23.34 ? 463 LEU A CA    1 
ATOM   505  C C     . LEU B 2 28 ? -2.187  7.377   -6.146  1.00 23.81 ? 463 LEU A C     1 
ATOM   506  O O     . LEU B 2 28 ? -2.381  6.725   -7.179  1.00 23.31 ? 463 LEU A O     1 
ATOM   507  C CB    . LEU B 2 28 ? -1.007  5.579   -4.865  1.00 23.26 ? 463 LEU A CB    1 
ATOM   508  C CG    . LEU B 2 28 ? 0.231   5.029   -4.165  1.00 22.34 ? 463 LEU A CG    1 
ATOM   509  C CD1   . LEU B 2 28 ? 0.038   3.563   -3.871  1.00 20.97 ? 463 LEU A CD1   1 
ATOM   510  C CD2   . LEU B 2 28 ? 1.488   5.246   -5.021  1.00 21.31 ? 463 LEU A CD2   1 
ATOM   511  N N     . ARG B 2 29 ? -2.958  8.400   -5.754  1.00 23.97 ? 464 ARG A N     1 
ATOM   512  C CA    . ARG B 2 29 ? -4.231  8.784   -6.388  1.00 24.81 ? 464 ARG A CA    1 
ATOM   513  C C     . ARG B 2 29 ? -5.219  7.629   -6.370  1.00 24.79 ? 464 ARG A C     1 
ATOM   514  O O     . ARG B 2 29 ? -5.996  7.472   -7.303  1.00 24.50 ? 464 ARG A O     1 
ATOM   515  C CB    . ARG B 2 29 ? -4.042  9.221   -7.838  1.00 24.48 ? 464 ARG A CB    1 
ATOM   516  C CG    . ARG B 2 29 ? -3.393  10.588  -8.081  1.00 25.57 ? 464 ARG A CG    1 
ATOM   517  C CD    . ARG B 2 29 ? -3.073  10.738  -9.620  1.00 27.10 ? 464 ARG A CD    1 
ATOM   518  N NE    . ARG B 2 29 ? -2.260  9.613   -10.138 1.00 30.05 ? 464 ARG A NE    1 
ATOM   519  C CZ    . ARG B 2 29 ? -1.833  9.468   -11.388 1.00 29.23 ? 464 ARG A CZ    1 
ATOM   520  N NH1   . ARG B 2 29 ? -2.124  10.361  -12.330 1.00 28.17 ? 464 ARG A NH1   1 
ATOM   521  N NH2   . ARG B 2 29 ? -1.111  8.400   -11.687 1.00 30.45 ? 464 ARG A NH2   1 
ATOM   522  N N     . LEU B 2 30 ? -5.184  6.810   -5.320  1.00 25.04 ? 465 LEU A N     1 
ATOM   523  C CA    . LEU B 2 30 ? -6.042  5.614   -5.261  1.00 24.95 ? 465 LEU A CA    1 
ATOM   524  C C     . LEU B 2 30 ? -7.037  5.711   -4.103  1.00 25.16 ? 465 LEU A C     1 
ATOM   525  O O     . LEU B 2 30 ? -7.640  4.705   -3.661  1.00 25.00 ? 465 LEU A O     1 
ATOM   526  C CB    . LEU B 2 30 ? -5.189  4.342   -5.150  1.00 24.85 ? 465 LEU A CB    1 
ATOM   527  C CG    . LEU B 2 30 ? -4.332  3.967   -6.358  1.00 24.26 ? 465 LEU A CG    1 
ATOM   528  C CD1   . LEU B 2 30 ? -3.403  2.885   -5.938  1.00 23.94 ? 465 LEU A CD1   1 
ATOM   529  C CD2   . LEU B 2 30 ? -5.187  3.525   -7.566  1.00 23.59 ? 465 LEU A CD2   1 
ATOM   530  N N     . HIS B 2 31 ? -7.211  6.940   -3.629  1.00 24.92 ? 466 HIS A N     1 
ATOM   531  C CA    . HIS B 2 31 ? -8.032  7.228   -2.451  1.00 24.44 ? 466 HIS A CA    1 
ATOM   532  C C     . HIS B 2 31 ? -9.503  6.800   -2.567  1.00 24.38 ? 466 HIS A C     1 
ATOM   533  O O     . HIS B 2 31 ? -10.149 6.625   -1.544  1.00 24.43 ? 466 HIS A O     1 
ATOM   534  C CB    . HIS B 2 31 ? -7.926  8.724   -2.099  1.00 24.56 ? 466 HIS A CB    1 
ATOM   535  C CG    . HIS B 2 31 ? -8.103  9.625   -3.281  1.00 24.95 ? 466 HIS A CG    1 
ATOM   536  N ND1   . HIS B 2 31 ? -7.215  9.646   -4.338  1.00 25.36 ? 466 HIS A ND1   1 
ATOM   537  C CD2   . HIS B 2 31 ? -9.086  10.502  -3.595  1.00 24.71 ? 466 HIS A CD2   1 
ATOM   538  C CE1   . HIS B 2 31 ? -7.636  10.507  -5.244  1.00 25.67 ? 466 HIS A CE1   1 
ATOM   539  N NE2   . HIS B 2 31 ? -8.769  11.041  -4.816  1.00 27.72 ? 466 HIS A NE2   1 
ATOM   540  N N     . LYS B 2 32 ? -10.033 6.598   -3.782  1.00 23.89 ? 467 LYS A N     1 
ATOM   541  C CA    . LYS B 2 32 ? -11.415 6.084   -3.907  1.00 23.24 ? 467 LYS A CA    1 
ATOM   542  C C     . LYS B 2 32 ? -11.587 4.698   -3.279  1.00 23.19 ? 467 LYS A C     1 
ATOM   543  O O     . LYS B 2 32 ? -12.708 4.292   -2.975  1.00 23.07 ? 467 LYS A O     1 
ATOM   544  C CB    . LYS B 2 32 ? -11.920 6.078   -5.348  1.00 22.70 ? 467 LYS A CB    1 
ATOM   545  C CG    . LYS B 2 32 ? -11.244 5.075   -6.247  1.00 22.37 ? 467 LYS A CG    1 
ATOM   546  C CD    . LYS B 2 32 ? -11.861 5.055   -7.633  1.00 20.57 ? 467 LYS A CD    1 
ATOM   547  C CE    . LYS B 2 32 ? -13.100 4.176   -7.701  1.00 20.93 ? 467 LYS A CE    1 
ATOM   548  N NZ    . LYS B 2 32 ? -13.972 4.544   -8.871  1.00 20.57 ? 467 LYS A NZ    1 
ATOM   549  N N     . TYR B 2 33 ? -10.481 3.983   -3.072  1.00 23.07 ? 468 TYR A N     1 
ATOM   550  C CA    . TYR B 2 33 ? -10.526 2.682   -2.415  1.00 22.84 ? 468 TYR A CA    1 
ATOM   551  C C     . TYR B 2 33 ? -10.261 2.783   -0.927  1.00 23.37 ? 468 TYR A C     1 
ATOM   552  O O     . TYR B 2 33 ? -10.052 1.782   -0.248  1.00 23.53 ? 468 TYR A O     1 
ATOM   553  C CB    . TYR B 2 33 ? -9.595  1.676   -3.106  1.00 22.48 ? 468 TYR A CB    1 
ATOM   554  C CG    . TYR B 2 33 ? -9.970  1.530   -4.555  1.00 21.26 ? 468 TYR A CG    1 
ATOM   555  C CD1   . TYR B 2 33 ? -11.190 0.947   -4.923  1.00 21.85 ? 468 TYR A CD1   1 
ATOM   556  C CD2   . TYR B 2 33 ? -9.154  2.044   -5.561  1.00 21.69 ? 468 TYR A CD2   1 
ATOM   557  C CE1   . TYR B 2 33 ? -11.563 0.838   -6.268  1.00 21.19 ? 468 TYR A CE1   1 
ATOM   558  C CE2   . TYR B 2 33 ? -9.513  1.937   -6.908  1.00 20.75 ? 468 TYR A CE2   1 
ATOM   559  C CZ    . TYR B 2 33 ? -10.720 1.328   -7.247  1.00 21.51 ? 468 TYR A CZ    1 
ATOM   560  O OH    . TYR B 2 33 ? -11.095 1.224   -8.563  1.00 21.09 ? 468 TYR A OH    1 
ATOM   561  N N     . SER B 2 34 ? -10.320 3.996   -0.391  1.00 23.84 ? 469 SER A N     1 
ATOM   562  C CA    . SER B 2 34 ? -10.019 4.145   1.014   1.00 24.13 ? 469 SER A CA    1 
ATOM   563  C C     . SER B 2 34 ? -11.030 3.437   1.915   1.00 24.39 ? 469 SER A C     1 
ATOM   564  O O     . SER B 2 34 ? -10.650 2.818   2.905   1.00 24.58 ? 469 SER A O     1 
ATOM   565  C CB    . SER B 2 34 ? -9.828  5.615   1.382   1.00 24.71 ? 469 SER A CB    1 
ATOM   566  O OG    . SER B 2 34 ? -9.809  5.788   2.787   1.00 26.47 ? 469 SER A OG    1 
ATOM   567  N N     . ASP B 2 35 ? -12.313 3.497   1.575   1.00 24.82 ? 470 ASP A N     1 
ATOM   568  C CA    . ASP B 2 35 ? -13.325 2.849   2.414   1.00 24.69 ? 470 ASP A CA    1 
ATOM   569  C C     . ASP B 2 35 ? -13.108 1.340   2.423   1.00 24.65 ? 470 ASP A C     1 
ATOM   570  O O     . ASP B 2 35 ? -13.254 0.695   3.459   1.00 24.52 ? 470 ASP A O     1 
ATOM   571  C CB    . ASP B 2 35 ? -14.745 3.178   1.943   1.00 24.48 ? 470 ASP A CB    1 
ATOM   572  C CG    . ASP B 2 35 ? -15.232 4.556   2.418   1.00 24.91 ? 470 ASP A CG    1 
ATOM   573  O OD1   . ASP B 2 35 ? -16.190 5.088   1.807   1.00 23.47 ? 470 ASP A OD1   1 
ATOM   574  O OD2   . ASP B 2 35 ? -14.669 5.114   3.390   1.00 25.43 ? 470 ASP A OD2   1 
ATOM   575  N N     . ALA B 2 36 ? -12.733 0.804   1.264   1.00 24.50 ? 471 ALA A N     1 
ATOM   576  C CA    . ALA B 2 36 ? -12.577 -0.630  1.046   1.00 24.58 ? 471 ALA A CA    1 
ATOM   577  C C     . ALA B 2 36 ? -11.336 -1.194  1.742   1.00 24.84 ? 471 ALA A C     1 
ATOM   578  O O     . ALA B 2 36 ? -11.310 -2.364  2.176   1.00 24.38 ? 471 ALA A O     1 
ATOM   579  C CB    . ALA B 2 36 ? -12.511 -0.909  -0.466  1.00 24.61 ? 471 ALA A CB    1 
ATOM   580  N N     . LEU B 2 37 ? -10.308 -0.355  1.851   1.00 24.80 ? 472 LEU A N     1 
ATOM   581  C CA    . LEU B 2 37 ? -8.977  -0.822  2.233   1.00 24.57 ? 472 LEU A CA    1 
ATOM   582  C C     . LEU B 2 37 ? -8.454  -0.332  3.580   1.00 24.89 ? 472 LEU A C     1 
ATOM   583  O O     . LEU B 2 37 ? -7.538  -0.941  4.131   1.00 25.30 ? 472 LEU A O     1 
ATOM   584  C CB    . LEU B 2 37 ? -7.974  -0.461  1.137   1.00 24.47 ? 472 LEU A CB    1 
ATOM   585  C CG    . LEU B 2 37 ? -8.056  -1.217  -0.197  1.00 23.98 ? 472 LEU A CG    1 
ATOM   586  C CD1   . LEU B 2 37 ? -6.952  -0.732  -1.112  1.00 23.20 ? 472 LEU A CD1   1 
ATOM   587  C CD2   . LEU B 2 37 ? -7.944  -2.707  0.015   1.00 21.14 ? 472 LEU A CD2   1 
ATOM   588  N N     . SER B 2 38 ? -9.023  0.745   4.120   1.00 24.81 ? 473 SER A N     1 
ATOM   589  C CA    . SER B 2 38 ? -8.406  1.419   5.268   1.00 25.30 ? 473 SER A CA    1 
ATOM   590  C C     . SER B 2 38 ? -8.512  0.665   6.600   1.00 25.63 ? 473 SER A C     1 
ATOM   591  O O     . SER B 2 38 ? -7.850  1.035   7.580   1.00 26.00 ? 473 SER A O     1 
ATOM   592  C CB    . SER B 2 38 ? -8.986  2.822   5.441   1.00 25.49 ? 473 SER A CB    1 
ATOM   593  O OG    . SER B 2 38 ? -10.339 2.741   5.879   1.00 25.19 ? 473 SER A OG    1 
ATOM   594  N N     . GLY B 2 39 ? -9.357  -0.363  6.653   1.00 25.54 ? 474 GLY A N     1 
ATOM   595  C CA    . GLY B 2 39 ? -9.492  -1.175  7.872   1.00 24.98 ? 474 GLY A CA    1 
ATOM   596  C C     . GLY B 2 39 ? -8.369  -2.188  8.062   1.00 24.88 ? 474 GLY A C     1 
ATOM   597  O O     . GLY B 2 39 ? -8.263  -2.810  9.115   1.00 24.58 ? 474 GLY A O     1 
ATOM   598  N N     . THR B 2 40 ? -7.534  -2.357  7.034   1.00 24.98 ? 475 THR A N     1 
ATOM   599  C CA    . THR B 2 40 ? -6.411  -3.299  7.058   1.00 24.67 ? 475 THR A CA    1 
ATOM   600  C C     . THR B 2 40 ? -5.116  -2.526  7.349   1.00 25.37 ? 475 THR A C     1 
ATOM   601  O O     . THR B 2 40 ? -4.814  -1.555  6.644   1.00 25.41 ? 475 THR A O     1 
ATOM   602  C CB    . THR B 2 40 ? -6.274  -4.050  5.705   1.00 24.58 ? 475 THR A CB    1 
ATOM   603  O OG1   . THR B 2 40 ? -7.571  -4.383  5.191   1.00 24.64 ? 475 THR A OG1   1 
ATOM   604  C CG2   . THR B 2 40 ? -5.477  -5.332  5.878   1.00 23.85 ? 475 THR A CG2   1 
ATOM   605  N N     . PRO B 2 41 ? -4.353  -2.944  8.388   1.00 25.65 ? 476 PRO A N     1 
ATOM   606  C CA    . PRO B 2 41 ? -3.093  -2.260  8.712   1.00 25.73 ? 476 PRO A CA    1 
ATOM   607  C C     . PRO B 2 41 ? -2.070  -2.524  7.637   1.00 25.77 ? 476 PRO A C     1 
ATOM   608  O O     . PRO B 2 41 ? -2.139  -3.564  6.970   1.00 25.94 ? 476 PRO A O     1 
ATOM   609  C CB    . PRO B 2 41 ? -2.664  -2.890  10.041  1.00 26.05 ? 476 PRO A CB    1 
ATOM   610  C CG    . PRO B 2 41 ? -3.390  -4.180  10.137  1.00 26.11 ? 476 PRO A CG    1 
ATOM   611  C CD    . PRO B 2 41 ? -4.649  -4.049  9.324   1.00 25.88 ? 476 PRO A CD    1 
ATOM   612  N N     . TRP B 2 42 ? -1.123  -1.607  7.462   1.00 25.55 ? 477 TRP A N     1 
ATOM   613  C CA    . TRP B 2 42 ? -0.223  -1.684  6.311   1.00 25.35 ? 477 TRP A CA    1 
ATOM   614  C C     . TRP B 2 42 ? 0.469   -3.048  6.210   1.00 25.20 ? 477 TRP A C     1 
ATOM   615  O O     . TRP B 2 42 ? 0.516   -3.635  5.143   1.00 25.53 ? 477 TRP A O     1 
ATOM   616  C CB    . TRP B 2 42 ? 0.765   -0.501  6.283   1.00 25.72 ? 477 TRP A CB    1 
ATOM   617  C CG    . TRP B 2 42 ? 1.866   -0.553  7.322   1.00 25.29 ? 477 TRP A CG    1 
ATOM   618  C CD1   . TRP B 2 42 ? 1.887   0.067   8.527   1.00 26.33 ? 477 TRP A CD1   1 
ATOM   619  C CD2   . TRP B 2 42 ? 3.103   -1.263  7.211   1.00 25.66 ? 477 TRP A CD2   1 
ATOM   620  N NE1   . TRP B 2 42 ? 3.065   -0.211  9.190   1.00 26.52 ? 477 TRP A NE1   1 
ATOM   621  C CE2   . TRP B 2 42 ? 3.826   -1.031  8.400   1.00 25.18 ? 477 TRP A CE2   1 
ATOM   622  C CE3   . TRP B 2 42 ? 3.666   -2.088  6.217   1.00 25.79 ? 477 TRP A CE3   1 
ATOM   623  C CZ2   . TRP B 2 42 ? 5.091   -1.584  8.627   1.00 26.34 ? 477 TRP A CZ2   1 
ATOM   624  C CZ3   . TRP B 2 42 ? 4.922   -2.641  6.438   1.00 25.68 ? 477 TRP A CZ3   1 
ATOM   625  C CH2   . TRP B 2 42 ? 5.620   -2.387  7.639   1.00 26.14 ? 477 TRP A CH2   1 
ATOM   626  N N     . ILE B 2 43 ? 0.934   -3.564  7.342   1.00 25.41 ? 478 ILE A N     1 
ATOM   627  C CA    . ILE B 2 43 ? 1.699   -4.811  7.402   1.00 25.36 ? 478 ILE A CA    1 
ATOM   628  C C     . ILE B 2 43 ? 0.920   -6.026  6.906   1.00 25.85 ? 478 ILE A C     1 
ATOM   629  O O     . ILE B 2 43 ? 1.529   -7.014  6.495   1.00 26.64 ? 478 ILE A O     1 
ATOM   630  C CB    . ILE B 2 43 ? 2.275   -5.053  8.820   1.00 25.50 ? 478 ILE A CB    1 
ATOM   631  C CG1   . ILE B 2 43 ? 3.534   -5.919  8.744   1.00 26.07 ? 478 ILE A CG1   1 
ATOM   632  C CG2   . ILE B 2 43 ? 1.206   -5.627  9.765   1.00 24.83 ? 478 ILE A CG2   1 
ATOM   633  C CD1   . ILE B 2 43 ? 4.533   -5.672  9.867   1.00 27.82 ? 478 ILE A CD1   1 
ATOM   634  N N     . GLU B 2 44 ? -0.414  -5.947  6.950   1.00 25.71 ? 479 GLU A N     1 
ATOM   635  C CA    . GLU B 2 44 ? -1.298  -6.945  6.357   1.00 25.41 ? 479 GLU A CA    1 
ATOM   636  C C     . GLU B 2 44 ? -1.719  -6.536  4.948   1.00 24.95 ? 479 GLU A C     1 
ATOM   637  O O     . GLU B 2 44 ? -1.799  -7.373  4.045   1.00 24.47 ? 479 GLU A O     1 
ATOM   638  C CB    . GLU B 2 44 ? -2.557  -7.119  7.203   1.00 25.60 ? 479 GLU A CB    1 
ATOM   639  C CG    . GLU B 2 44 ? -2.358  -7.789  8.548   1.00 25.87 ? 479 GLU A CG    1 
ATOM   640  C CD    . GLU B 2 44 ? -3.673  -7.964  9.284   1.00 26.48 ? 479 GLU A CD    1 
ATOM   641  O OE1   . GLU B 2 44 ? -3.699  -7.797  10.519  1.00 28.28 ? 479 GLU A OE1   1 
ATOM   642  O OE2   . GLU B 2 44 ? -4.688  -8.275  8.625   1.00 28.30 ? 479 GLU A OE2   1 
ATOM   643  N N     . LEU B 2 45 ? -1.989  -5.246  4.766   1.00 23.89 ? 480 LEU A N     1 
ATOM   644  C CA    . LEU B 2 45 ? -2.430  -4.727  3.485   1.00 23.56 ? 480 LEU A CA    1 
ATOM   645  C C     . LEU B 2 45 ? -1.502  -5.090  2.327   1.00 23.88 ? 480 LEU A C     1 
ATOM   646  O O     . LEU B 2 45 ? -1.960  -5.404  1.221   1.00 23.71 ? 480 LEU A O     1 
ATOM   647  C CB    . LEU B 2 45 ? -2.545  -3.204  3.560   1.00 23.15 ? 480 LEU A CB    1 
ATOM   648  C CG    . LEU B 2 45 ? -3.139  -2.507  2.346   1.00 23.55 ? 480 LEU A CG    1 
ATOM   649  C CD1   . LEU B 2 45 ? -4.534  -3.076  1.955   1.00 23.51 ? 480 LEU A CD1   1 
ATOM   650  C CD2   . LEU B 2 45 ? -3.208  -1.013  2.599   1.00 22.98 ? 480 LEU A CD2   1 
ATOM   651  N N     . ILE B 2 46 ? -0.193  -5.011  2.561   1.00 23.91 ? 481 ILE A N     1 
ATOM   652  C CA    . ILE B 2 46 ? 0.771   -5.164  1.465   1.00 23.50 ? 481 ILE A CA    1 
ATOM   653  C C     . ILE B 2 46 ? 0.869   -6.625  1.021   1.00 24.55 ? 481 ILE A C     1 
ATOM   654  O O     . ILE B 2 46 ? 1.475   -6.934  -0.010  1.00 24.84 ? 481 ILE A O     1 
ATOM   655  C CB    . ILE B 2 46 ? 2.182   -4.601  1.840   1.00 23.71 ? 481 ILE A CB    1 
ATOM   656  C CG1   . ILE B 2 46 ? 2.782   -5.400  3.012   1.00 23.25 ? 481 ILE A CG1   1 
ATOM   657  C CG2   . ILE B 2 46 ? 2.111   -3.066  2.099   1.00 21.42 ? 481 ILE A CG2   1 
ATOM   658  C CD1   . ILE B 2 46 ? 4.167   -4.961  3.488   1.00 22.59 ? 481 ILE A CD1   1 
ATOM   659  N N     . TYR B 2 47 ? 0.290   -7.530  1.805   1.00 25.00 ? 482 TYR A N     1 
ATOM   660  C CA    . TYR B 2 47 ? 0.332   -8.943  1.446   1.00 25.55 ? 482 TYR A CA    1 
ATOM   661  C C     . TYR B 2 47 ? -0.971  -9.465  0.840   1.00 25.84 ? 482 TYR A C     1 
ATOM   662  O O     . TYR B 2 47 ? -1.078  -10.649 0.545   1.00 25.76 ? 482 TYR A O     1 
ATOM   663  C CB    . TYR B 2 47 ? 0.757   -9.795  2.643   1.00 25.42 ? 482 TYR A CB    1 
ATOM   664  C CG    . TYR B 2 47 ? 2.201   -9.625  3.038   1.00 25.99 ? 482 TYR A CG    1 
ATOM   665  C CD1   . TYR B 2 47 ? 3.224   -10.271 2.333   1.00 25.82 ? 482 TYR A CD1   1 
ATOM   666  C CD2   . TYR B 2 47 ? 2.551   -8.846  4.144   1.00 24.93 ? 482 TYR A CD2   1 
ATOM   667  C CE1   . TYR B 2 47 ? 4.564   -10.126 2.719   1.00 25.47 ? 482 TYR A CE1   1 
ATOM   668  C CE2   . TYR B 2 47 ? 3.881   -8.695  4.535   1.00 25.44 ? 482 TYR A CE2   1 
ATOM   669  C CZ    . TYR B 2 47 ? 4.875   -9.335  3.822   1.00 25.89 ? 482 TYR A CZ    1 
ATOM   670  O OH    . TYR B 2 47 ? 6.184   -9.174  4.206   1.00 26.11 ? 482 TYR A OH    1 
ATOM   671  N N     . LEU B 2 48 ? -1.964  -8.596  0.647   1.00 26.43 ? 483 LEU A N     1 
ATOM   672  C CA    . LEU B 2 48 ? -3.207  -9.047  -0.002  1.00 26.71 ? 483 LEU A CA    1 
ATOM   673  C C     . LEU B 2 48 ? -2.933  -9.339  -1.471  1.00 26.92 ? 483 LEU A C     1 
ATOM   674  O O     . LEU B 2 48 ? -2.041  -8.718  -2.067  1.00 26.86 ? 483 LEU A O     1 
ATOM   675  C CB    . LEU B 2 48 ? -4.311  -7.996  0.116   1.00 26.60 ? 483 LEU A CB    1 
ATOM   676  C CG    . LEU B 2 48 ? -4.717  -7.418  1.478   1.00 26.58 ? 483 LEU A CG    1 
ATOM   677  C CD1   . LEU B 2 48 ? -6.045  -6.730  1.279   1.00 25.57 ? 483 LEU A CD1   1 
ATOM   678  C CD2   . LEU B 2 48 ? -4.837  -8.467  2.582   1.00 25.39 ? 483 LEU A CD2   1 
ATOM   679  N N     . ASP B 2 49 ? -3.687  -10.273 -2.053  1.00 27.10 ? 484 ASP A N     1 
ATOM   680  C CA    . ASP B 2 49 ? -3.544  -10.577 -3.474  1.00 27.30 ? 484 ASP A CA    1 
ATOM   681  C C     . ASP B 2 49 ? -4.598  -9.922  -4.394  1.00 27.53 ? 484 ASP A C     1 
ATOM   682  O O     . ASP B 2 49 ? -5.541  -9.280  -3.939  1.00 27.35 ? 484 ASP A O     1 
ATOM   683  C CB    . ASP B 2 49 ? -3.441  -12.097 -3.715  1.00 27.64 ? 484 ASP A CB    1 
ATOM   684  C CG    . ASP B 2 49 ? -4.685  -12.875 -3.284  1.00 27.77 ? 484 ASP A CG    1 
ATOM   685  O OD1   . ASP B 2 49 ? -5.813  -12.343 -3.296  1.00 29.21 ? 484 ASP A OD1   1 
ATOM   686  O OD2   . ASP B 2 49 ? -4.528  -14.062 -2.952  1.00 28.56 ? 484 ASP A OD2   1 
ATOM   687  N N     . ASP B 2 50 ? -4.414  -10.093 -5.696  1.00 27.89 ? 485 ASP A N     1 
ATOM   688  C CA    . ASP B 2 50 ? -5.379  -9.629  -6.693  1.00 28.15 ? 485 ASP A CA    1 
ATOM   689  C C     . ASP B 2 50 ? -6.811  -10.110 -6.407  1.00 28.19 ? 485 ASP A C     1 
ATOM   690  O O     . ASP B 2 50 ? -7.753  -9.315  -6.446  1.00 28.78 ? 485 ASP A O     1 
ATOM   691  C CB    . ASP B 2 50 ? -4.954  -10.072 -8.092  1.00 27.54 ? 485 ASP A CB    1 
ATOM   692  C CG    . ASP B 2 50 ? -5.901  -9.574  -9.160  1.00 28.32 ? 485 ASP A CG    1 
ATOM   693  O OD1   . ASP B 2 50 ? -5.826  -8.377  -9.518  1.00 27.52 ? 485 ASP A OD1   1 
ATOM   694  O OD2   . ASP B 2 50 ? -6.742  -10.375 -9.625  1.00 27.06 ? 485 ASP A OD2   1 
ATOM   695  N N     . GLU B 2 51 ? -6.969  -11.401 -6.120  1.00 27.78 ? 486 GLU A N     1 
ATOM   696  C CA    . GLU B 2 51 ? -8.289  -11.978 -5.846  1.00 27.67 ? 486 GLU A CA    1 
ATOM   697  C C     . GLU B 2 51 ? -8.978  -11.338 -4.648  1.00 27.15 ? 486 GLU A C     1 
ATOM   698  O O     . GLU B 2 51 ? -10.177 -11.026 -4.723  1.00 26.93 ? 486 GLU A O     1 
ATOM   699  C CB    . GLU B 2 51 ? -8.184  -13.492 -5.642  1.00 27.94 ? 486 GLU A CB    1 
ATOM   700  C CG    . GLU B 2 51 ? -9.494  -14.192 -5.275  1.00 28.37 ? 486 GLU A CG    1 
ATOM   701  C CD    . GLU B 2 51 ? -9.310  -15.676 -4.972  1.00 28.56 ? 486 GLU A CD    1 
ATOM   702  O OE1   . GLU B 2 51 ? -8.354  -16.035 -4.241  1.00 29.21 ? 486 GLU A OE1   1 
ATOM   703  O OE2   . GLU B 2 51 ? -10.135 -16.482 -5.461  1.00 29.23 ? 486 GLU A OE2   1 
ATOM   704  N N     . THR B 2 52 ? -8.219  -11.153 -3.559  1.00 26.41 ? 487 THR A N     1 
ATOM   705  C CA    . THR B 2 52 ? -8.706  -10.505 -2.320  1.00 25.76 ? 487 THR A CA    1 
ATOM   706  C C     . THR B 2 52 ? -9.002  -9.014  -2.510  1.00 25.82 ? 487 THR A C     1 
ATOM   707  O O     . THR B 2 52 ? -10.010 -8.516  -2.013  1.00 26.07 ? 487 THR A O     1 
ATOM   708  C CB    . THR B 2 52 ? -7.701  -10.656 -1.142  1.00 25.78 ? 487 THR A CB    1 
ATOM   709  O OG1   . THR B 2 52 ? -7.222  -12.005 -1.086  1.00 24.25 ? 487 THR A OG1   1 
ATOM   710  C CG2   . THR B 2 52 ? -8.352  -10.293 0.188   1.00 25.04 ? 487 THR A CG2   1 
ATOM   711  N N     . LEU B 2 53 ? -8.114  -8.307  -3.210  1.00 25.28 ? 488 LEU A N     1 
ATOM   712  C CA    . LEU B 2 53 ? -8.322  -6.900  -3.508  1.00 25.48 ? 488 LEU A CA    1 
ATOM   713  C C     . LEU B 2 53 ? -9.643  -6.647  -4.215  1.00 25.64 ? 488 LEU A C     1 
ATOM   714  O O     . LEU B 2 53 ? -10.336 -5.669  -3.912  1.00 25.83 ? 488 LEU A O     1 
ATOM   715  C CB    . LEU B 2 53 ? -7.165  -6.323  -4.339  1.00 25.26 ? 488 LEU A CB    1 
ATOM   716  C CG    . LEU B 2 53 ? -5.836  -6.074  -3.618  1.00 25.18 ? 488 LEU A CG    1 
ATOM   717  C CD1   . LEU B 2 53 ? -4.851  -5.365  -4.548  1.00 26.48 ? 488 LEU A CD1   1 
ATOM   718  C CD2   . LEU B 2 53 ? -6.012  -5.292  -2.331  1.00 21.34 ? 488 LEU A CD2   1 
ATOM   719  N N     . GLU B 2 54 ? -9.998  -7.519  -5.153  1.00 25.67 ? 489 GLU A N     1 
ATOM   720  C CA    . GLU B 2 54 ? -11.265 -7.369  -5.848  1.00 25.92 ? 489 GLU A CA    1 
ATOM   721  C C     . GLU B 2 54 ? -12.425 -7.676  -4.905  1.00 25.90 ? 489 GLU A C     1 
ATOM   722  O O     . GLU B 2 54 ? -13.417 -6.946  -4.883  1.00 25.89 ? 489 GLU A O     1 
ATOM   723  C CB    . GLU B 2 54 ? -11.324 -8.228  -7.117  1.00 26.16 ? 489 GLU A CB    1 
ATOM   724  C CG    . GLU B 2 54 ? -12.642 -8.078  -7.903  1.00 26.82 ? 489 GLU A CG    1 
ATOM   725  C CD    . GLU B 2 54 ? -12.592 -8.665  -9.305  1.00 26.89 ? 489 GLU A CD    1 
ATOM   726  O OE1   . GLU B 2 54 ? -11.585 -9.329  -9.649  1.00 27.00 ? 489 GLU A OE1   1 
ATOM   727  O OE2   . GLU B 2 54 ? -13.570 -8.457  -10.065 1.00 27.41 ? 489 GLU A OE2   1 
ATOM   728  N N     . LYS B 2 55 ? -12.304 -8.745  -4.119  1.00 25.95 ? 490 LYS A N     1 
ATOM   729  C CA    . LYS B 2 55 ? -13.374 -9.105  -3.190  1.00 25.86 ? 490 LYS A CA    1 
ATOM   730  C C     . LYS B 2 55 ? -13.705 -7.900  -2.324  1.00 25.62 ? 490 LYS A C     1 
ATOM   731  O O     . LYS B 2 55 ? -14.876 -7.582  -2.114  1.00 25.66 ? 490 LYS A O     1 
ATOM   732  C CB    . LYS B 2 55 ? -12.999 -10.331 -2.328  1.00 26.01 ? 490 LYS A CB    1 
ATOM   733  N N     . LYS B 2 56 ? -12.662 -7.207  -1.871  1.00 25.46 ? 491 LYS A N     1 
ATOM   734  C CA    . LYS B 2 56 ? -12.785 -5.998  -1.022  1.00 24.92 ? 491 LYS A CA    1 
ATOM   735  C C     . LYS B 2 56 ? -13.386 -4.754  -1.697  1.00 24.71 ? 491 LYS A C     1 
ATOM   736  O O     . LYS B 2 56 ? -13.798 -3.816  -0.999  1.00 24.56 ? 491 LYS A O     1 
ATOM   737  C CB    . LYS B 2 56 ? -11.429 -5.628  -0.434  1.00 25.04 ? 491 LYS A CB    1 
ATOM   738  C CG    . LYS B 2 56 ? -10.916 -6.585  0.622   1.00 25.10 ? 491 LYS A CG    1 
ATOM   739  C CD    . LYS B 2 56 ? -9.781  -5.919  1.397   1.00 28.24 ? 491 LYS A CD    1 
ATOM   740  C CE    . LYS B 2 56 ? -9.388  -6.723  2.623   1.00 29.58 ? 491 LYS A CE    1 
ATOM   741  N NZ    . LYS B 2 56 ? -10.534 -6.902  3.555   1.00 30.83 ? 491 LYS A NZ    1 
ATOM   742  N N     . GLY B 2 57 ? -13.423 -4.727  -3.031  1.00 23.72 ? 492 GLY A N     1 
ATOM   743  C CA    . GLY B 2 57 ? -14.004 -3.591  -3.747  1.00 23.71 ? 492 GLY A CA    1 
ATOM   744  C C     . GLY B 2 57 ? -13.111 -2.812  -4.702  1.00 23.80 ? 492 GLY A C     1 
ATOM   745  O O     . GLY B 2 57 ? -13.508 -1.754  -5.230  1.00 23.11 ? 492 GLY A O     1 
ATOM   746  N N     . VAL B 2 58 ? -11.901 -3.320  -4.930  1.00 23.98 ? 493 VAL A N     1 
ATOM   747  C CA    . VAL B 2 58 ? -11.031 -2.756  -5.951  1.00 23.61 ? 493 VAL A CA    1 
ATOM   748  C C     . VAL B 2 58 ? -11.404 -3.408  -7.283  1.00 24.01 ? 493 VAL A C     1 
ATOM   749  O O     . VAL B 2 58 ? -10.855 -4.436  -7.680  1.00 24.01 ? 493 VAL A O     1 
ATOM   750  C CB    . VAL B 2 58 ? -9.549  -2.927  -5.582  1.00 23.87 ? 493 VAL A CB    1 
ATOM   751  C CG1   . VAL B 2 58 ? -8.676  -2.115  -6.507  1.00 21.68 ? 493 VAL A CG1   1 
ATOM   752  C CG2   . VAL B 2 58 ? -9.335  -2.485  -4.136  1.00 23.68 ? 493 VAL A CG2   1 
ATOM   753  N N     . LEU B 2 59 ? -12.374 -2.799  -7.950  1.00 24.25 ? 494 LEU A N     1 
ATOM   754  C CA    . LEU B 2 59 ? -13.002 -3.379  -9.130  1.00 24.74 ? 494 LEU A CA    1 
ATOM   755  C C     . LEU B 2 59 ? -12.249 -3.134  -10.442 1.00 24.55 ? 494 LEU A C     1 
ATOM   756  O O     . LEU B 2 59 ? -12.423 -3.885  -11.417 1.00 24.37 ? 494 LEU A O     1 
ATOM   757  C CB    . LEU B 2 59 ? -14.437 -2.867  -9.255  1.00 25.33 ? 494 LEU A CB    1 
ATOM   758  C CG    . LEU B 2 59 ? -15.386 -3.117  -8.071  1.00 27.75 ? 494 LEU A CG    1 
ATOM   759  C CD1   . LEU B 2 59 ? -16.694 -2.317  -8.215  1.00 29.52 ? 494 LEU A CD1   1 
ATOM   760  C CD2   . LEU B 2 59 ? -15.681 -4.619  -7.866  1.00 28.54 ? 494 LEU A CD2   1 
ATOM   761  N N     . ALA B 2 60 ? -11.420 -2.089  -10.474 1.00 23.98 ? 495 ALA A N     1 
ATOM   762  C CA    . ALA B 2 60 ? -10.661 -1.765  -11.680 1.00 23.25 ? 495 ALA A CA    1 
ATOM   763  C C     . ALA B 2 60 ? -9.348  -2.503  -11.640 1.00 23.34 ? 495 ALA A C     1 
ATOM   764  O O     . ALA B 2 60 ? -8.567  -2.352  -10.698 1.00 23.26 ? 495 ALA A O     1 
ATOM   765  C CB    . ALA B 2 60 ? -10.426 -0.268  -11.816 1.00 22.80 ? 495 ALA A CB    1 
ATOM   766  N N     . LEU B 2 61 ? -9.114  -3.294  -12.680 1.00 23.09 ? 496 LEU A N     1 
ATOM   767  C CA    . LEU B 2 61 ? -7.900  -4.072  -12.841 1.00 23.17 ? 496 LEU A CA    1 
ATOM   768  C C     . LEU B 2 61 ? -6.631  -3.213  -12.801 1.00 23.10 ? 496 LEU A C     1 
ATOM   769  O O     . LEU B 2 61 ? -5.631  -3.591  -12.183 1.00 23.35 ? 496 LEU A O     1 
ATOM   770  C CB    . LEU B 2 61 ? -7.993  -4.856  -14.153 1.00 23.14 ? 496 LEU A CB    1 
ATOM   771  C CG    . LEU B 2 61 ? -6.734  -5.523  -14.704 1.00 22.70 ? 496 LEU A CG    1 
ATOM   772  C CD1   . LEU B 2 61 ? -6.429  -6.831  -13.983 1.00 23.03 ? 496 LEU A CD1   1 
ATOM   773  C CD2   . LEU B 2 61 ? -6.900  -5.763  -16.178 1.00 20.72 ? 496 LEU A CD2   1 
ATOM   774  N N     . GLY B 2 62 ? -6.674  -2.060  -13.459 1.00 23.02 ? 497 GLY A N     1 
ATOM   775  C CA    . GLY B 2 62 ? -5.552  -1.120  -13.452 1.00 23.36 ? 497 GLY A CA    1 
ATOM   776  C C     . GLY B 2 62 ? -5.175  -0.671  -12.050 1.00 23.69 ? 497 GLY A C     1 
ATOM   777  O O     . GLY B 2 62 ? -3.999  -0.441  -11.762 1.00 23.77 ? 497 GLY A O     1 
ATOM   778  N N     . ALA B 2 63 ? -6.182  -0.550  -11.181 1.00 23.74 ? 498 ALA A N     1 
ATOM   779  C CA    . ALA B 2 63 ? -5.983  -0.168  -9.791  1.00 24.21 ? 498 ALA A CA    1 
ATOM   780  C C     . ALA B 2 63 ? -5.363  -1.292  -8.970  1.00 24.46 ? 498 ALA A C     1 
ATOM   781  O O     . ALA B 2 63 ? -4.485  -1.051  -8.128  1.00 25.07 ? 498 ALA A O     1 
ATOM   782  C CB    . ALA B 2 63 ? -7.293  0.265   -9.166  1.00 24.19 ? 498 ALA A CB    1 
ATOM   783  N N     . ARG B 2 64 ? -5.837  -2.511  -9.201  1.00 24.51 ? 499 ARG A N     1 
ATOM   784  C CA    . ARG B 2 64 ? -5.288  -3.694  -8.559  1.00 24.37 ? 499 ARG A CA    1 
ATOM   785  C C     . ARG B 2 64 ? -3.845  -3.929  -8.971  1.00 24.61 ? 499 ARG A C     1 
ATOM   786  O O     . ARG B 2 64 ? -3.025  -4.360  -8.151  1.00 25.08 ? 499 ARG A O     1 
ATOM   787  C CB    . ARG B 2 64 ? -6.134  -4.927  -8.892  1.00 24.36 ? 499 ARG A CB    1 
ATOM   788  C CG    . ARG B 2 64 ? -7.490  -4.940  -8.176  1.00 24.46 ? 499 ARG A CG    1 
ATOM   789  C CD    . ARG B 2 64 ? -8.167  -6.312  -8.246  1.00 23.74 ? 499 ARG A CD    1 
ATOM   790  N NE    . ARG B 2 64 ? -8.135  -6.876  -9.592  1.00 22.37 ? 499 ARG A NE    1 
ATOM   791  C CZ    . ARG B 2 64 ? -9.102  -6.713  -10.484 1.00 21.08 ? 499 ARG A CZ    1 
ATOM   792  N NH1   . ARG B 2 64 ? -10.176 -6.011  -10.171 1.00 19.63 ? 499 ARG A NH1   1 
ATOM   793  N NH2   . ARG B 2 64 ? -8.987  -7.245  -11.687 1.00 19.89 ? 499 ARG A NH2   1 
ATOM   794  N N     . ARG B 2 65 ? -3.532  -3.657  -10.239 1.00 24.87 ? 500 ARG A N     1 
ATOM   795  C CA    . ARG B 2 65 ? -2.155  -3.751  -10.729 1.00 24.84 ? 500 ARG A CA    1 
ATOM   796  C C     . ARG B 2 65 ? -1.241  -2.734  -10.070 1.00 25.40 ? 500 ARG A C     1 
ATOM   797  O O     . ARG B 2 65 ? -0.094  -3.056  -9.732  1.00 25.92 ? 500 ARG A O     1 
ATOM   798  C CB    . ARG B 2 65 ? -2.093  -3.505  -12.217 1.00 24.69 ? 500 ARG A CB    1 
ATOM   799  C CG    . ARG B 2 65 ? -2.569  -4.635  -13.092 1.00 24.71 ? 500 ARG A CG    1 
ATOM   800  C CD    . ARG B 2 65 ? -2.352  -4.194  -14.509 1.00 22.58 ? 500 ARG A CD    1 
ATOM   801  N NE    . ARG B 2 65 ? -2.618  -5.232  -15.485 1.00 21.49 ? 500 ARG A NE    1 
ATOM   802  C CZ    . ARG B 2 65 ? -3.102  -4.978  -16.689 1.00 20.57 ? 500 ARG A CZ    1 
ATOM   803  N NH1   . ARG B 2 65 ? -3.393  -3.729  -17.037 1.00 19.15 ? 500 ARG A NH1   1 
ATOM   804  N NH2   . ARG B 2 65 ? -3.319  -5.969  -17.538 1.00 21.31 ? 500 ARG A NH2   1 
ATOM   805  N N     . LYS B 2 66 ? -1.724  -1.501  -9.928  1.00 25.68 ? 501 LYS A N     1 
ATOM   806  C CA    . LYS B 2 66 ? -0.939  -0.444  -9.287  1.00 26.25 ? 501 LYS A CA    1 
ATOM   807  C C     . LYS B 2 66 ? -0.754  -0.745  -7.804  1.00 26.35 ? 501 LYS A C     1 
ATOM   808  O O     . LYS B 2 66 ? 0.337   -0.611  -7.271  1.00 26.85 ? 501 LYS A O     1 
ATOM   809  C CB    . LYS B 2 66 ? -1.568  0.945   -9.498  1.00 26.17 ? 501 LYS A CB    1 
ATOM   810  C CG    . LYS B 2 66 ? -0.768  2.057   -8.832  1.00 26.18 ? 501 LYS A CG    1 
ATOM   811  C CD    . LYS B 2 66 ? -1.257  3.465   -9.166  1.00 26.32 ? 501 LYS A CD    1 
ATOM   812  C CE    . LYS B 2 66 ? -0.326  4.486   -8.510  1.00 25.68 ? 501 LYS A CE    1 
ATOM   813  N NZ    . LYS B 2 66 ? -0.564  5.864   -8.988  1.00 25.91 ? 501 LYS A NZ    1 
ATOM   814  N N     . LEU B 2 67 ? -1.822  -1.164  -7.139  1.00 26.96 ? 502 LEU A N     1 
ATOM   815  C CA    . LEU B 2 67 ? -1.721  -1.600  -5.742  1.00 27.05 ? 502 LEU A CA    1 
ATOM   816  C C     . LEU B 2 67 ? -0.665  -2.691  -5.526  1.00 27.39 ? 502 LEU A C     1 
ATOM   817  O O     . LEU B 2 67 ? 0.194   -2.576  -4.638  1.00 27.54 ? 502 LEU A O     1 
ATOM   818  C CB    . LEU B 2 67 ? -3.082  -2.067  -5.222  1.00 27.02 ? 502 LEU A CB    1 
ATOM   819  C CG    . LEU B 2 67 ? -4.042  -0.952  -4.803  1.00 26.73 ? 502 LEU A CG    1 
ATOM   820  C CD1   . LEU B 2 67 ? -5.288  -1.579  -4.258  1.00 27.46 ? 502 LEU A CD1   1 
ATOM   821  C CD2   . LEU B 2 67 ? -3.439  -0.065  -3.752  1.00 26.53 ? 502 LEU A CD2   1 
ATOM   822  N N     . LEU B 2 68 ? -0.709  -3.731  -6.351  1.00 27.26 ? 503 LEU A N     1 
ATOM   823  C CA    . LEU B 2 68 ? 0.171   -4.871  -6.168  1.00 27.40 ? 503 LEU A CA    1 
ATOM   824  C C     . LEU B 2 68 ? 1.618   -4.499  -6.422  1.00 28.18 ? 503 LEU A C     1 
ATOM   825  O O     . LEU B 2 68 ? 2.553   -5.099  -5.857  1.00 28.51 ? 503 LEU A O     1 
ATOM   826  C CB    . LEU B 2 68 ? -0.252  -5.998  -7.095  1.00 27.37 ? 503 LEU A CB    1 
ATOM   827  C CG    . LEU B 2 68 ? -1.121  -7.103  -6.496  1.00 28.08 ? 503 LEU A CG    1 
ATOM   828  C CD1   . LEU B 2 68 ? -1.601  -6.809  -5.079  1.00 29.01 ? 503 LEU A CD1   1 
ATOM   829  C CD2   . LEU B 2 68 ? -2.292  -7.385  -7.414  1.00 27.92 ? 503 LEU A CD2   1 
ATOM   830  N N     . LYS B 2 69 ? 1.809   -3.509  -7.288  1.00 28.39 ? 504 LYS A N     1 
ATOM   831  C CA    . LYS B 2 69 ? 3.148   -3.040  -7.601  1.00 28.27 ? 504 LYS A CA    1 
ATOM   832  C C     . LYS B 2 69 ? 3.668   -2.266  -6.384  1.00 27.85 ? 504 LYS A C     1 
ATOM   833  O O     . LYS B 2 69 ? 4.747   -2.561  -5.873  1.00 27.95 ? 504 LYS A O     1 
ATOM   834  C CB    . LYS B 2 69 ? 3.124   -2.192  -8.876  1.00 28.21 ? 504 LYS A CB    1 
ATOM   835  C CG    . LYS B 2 69 ? 4.479   -1.696  -9.339  1.00 28.84 ? 504 LYS A CG    1 
ATOM   836  C CD    . LYS B 2 69 ? 4.393   -1.090  -10.722 1.00 27.43 ? 504 LYS A CD    1 
ATOM   837  C CE    . LYS B 2 69 ? 5.591   -0.205  -10.976 1.00 27.50 ? 504 LYS A CE    1 
ATOM   838  N NZ    . LYS B 2 69 ? 5.605   0.347   -12.353 1.00 26.44 ? 504 LYS A NZ    1 
ATOM   839  N N     . ALA B 2 70 ? 2.880   -1.312  -5.890  1.00 27.51 ? 505 ALA A N     1 
ATOM   840  C CA    . ALA B 2 70 ? 3.302   -0.540  -4.716  1.00 27.21 ? 505 ALA A CA    1 
ATOM   841  C C     . ALA B 2 70 ? 3.588   -1.449  -3.526  1.00 27.02 ? 505 ALA A C     1 
ATOM   842  O O     . ALA B 2 70 ? 4.576   -1.248  -2.838  1.00 27.87 ? 505 ALA A O     1 
ATOM   843  C CB    . ALA B 2 70 ? 2.282   0.527   -4.358  1.00 26.88 ? 505 ALA A CB    1 
ATOM   844  N N     . PHE B 2 71 ? 2.728   -2.448  -3.300  1.00 26.83 ? 506 PHE A N     1 
ATOM   845  C CA    . PHE B 2 71 ? 2.853   -3.398  -2.183  1.00 25.75 ? 506 PHE A CA    1 
ATOM   846  C C     . PHE B 2 71 ? 4.199   -4.107  -2.207  1.00 25.91 ? 506 PHE A C     1 
ATOM   847  O O     . PHE B 2 71 ? 4.875   -4.194  -1.180  1.00 26.30 ? 506 PHE A O     1 
ATOM   848  C CB    . PHE B 2 71 ? 1.772   -4.470  -2.265  1.00 25.61 ? 506 PHE A CB    1 
ATOM   849  C CG    . PHE B 2 71 ? 0.384   -3.992  -1.955  1.00 25.18 ? 506 PHE A CG    1 
ATOM   850  C CD1   . PHE B 2 71 ? 0.148   -2.731  -1.400  1.00 25.55 ? 506 PHE A CD1   1 
ATOM   851  C CD2   . PHE B 2 71 ? -0.699  -4.845  -2.159  1.00 24.71 ? 506 PHE A CD2   1 
ATOM   852  C CE1   . PHE B 2 71 ? -1.154  -2.313  -1.102  1.00 24.71 ? 506 PHE A CE1   1 
ATOM   853  C CE2   . PHE B 2 71 ? -1.995  -4.450  -1.858  1.00 23.80 ? 506 PHE A CE2   1 
ATOM   854  C CZ    . PHE B 2 71 ? -2.227  -3.186  -1.328  1.00 24.83 ? 506 PHE A CZ    1 
ATOM   855  N N     . GLY B 2 72 ? 4.583   -4.611  -3.385  1.00 25.54 ? 507 GLY A N     1 
ATOM   856  C CA    . GLY B 2 72 ? 5.832   -5.367  -3.560  1.00 25.08 ? 507 GLY A CA    1 
ATOM   857  C C     . GLY B 2 72 ? 7.076   -4.548  -3.295  1.00 25.10 ? 507 GLY A C     1 
ATOM   858  O O     . GLY B 2 72 ? 8.104   -5.079  -2.886  1.00 24.78 ? 507 GLY A O     1 
ATOM   859  N N     . ILE B 2 73 ? 6.971   -3.241  -3.521  1.00 25.46 ? 508 ILE A N     1 
ATOM   860  C CA    . ILE B 2 73 ? 8.055   -2.310  -3.203  1.00 25.65 ? 508 ILE A CA    1 
ATOM   861  C C     . ILE B 2 73 ? 8.202   -2.231  -1.694  1.00 25.20 ? 508 ILE A C     1 
ATOM   862  O O     . ILE B 2 73 ? 9.295   -2.382  -1.179  1.00 25.74 ? 508 ILE A O     1 
ATOM   863  C CB    . ILE B 2 73 ? 7.807   -0.912  -3.801  1.00 25.58 ? 508 ILE A CB    1 
ATOM   864  C CG1   . ILE B 2 73 ? 8.217   -0.886  -5.275  1.00 25.54 ? 508 ILE A CG1   1 
ATOM   865  C CG2   . ILE B 2 73 ? 8.585   0.148   -3.033  1.00 26.46 ? 508 ILE A CG2   1 
ATOM   866  C CD1   . ILE B 2 73 ? 7.294   -0.050  -6.137  1.00 25.51 ? 508 ILE A CD1   1 
ATOM   867  N N     . VAL B 2 74 ? 7.089   -2.025  -0.998  1.00 25.12 ? 509 VAL A N     1 
ATOM   868  C CA    . VAL B 2 74 ? 7.080   -1.996  0.469   1.00 24.85 ? 509 VAL A CA    1 
ATOM   869  C C     . VAL B 2 74 ? 7.631   -3.310  1.049   1.00 25.40 ? 509 VAL A C     1 
ATOM   870  O O     . VAL B 2 74 ? 8.513   -3.302  1.927   1.00 25.43 ? 509 VAL A O     1 
ATOM   871  C CB    . VAL B 2 74 ? 5.664   -1.639  1.022   1.00 24.75 ? 509 VAL A CB    1 
ATOM   872  C CG1   . VAL B 2 74 ? 5.640   -1.658  2.541   1.00 23.01 ? 509 VAL A CG1   1 
ATOM   873  C CG2   . VAL B 2 74 ? 5.232   -0.269  0.490   1.00 23.91 ? 509 VAL A CG2   1 
ATOM   874  N N     . ILE B 2 75 ? 7.141   -4.434  0.527   1.00 24.93 ? 510 ILE A N     1 
ATOM   875  C CA    . ILE B 2 75 ? 7.638   -5.741  0.930   1.00 24.77 ? 510 ILE A CA    1 
ATOM   876  C C     . ILE B 2 75 ? 9.173   -5.832  0.822   1.00 25.09 ? 510 ILE A C     1 
ATOM   877  O O     . ILE B 2 75 ? 9.839   -6.122  1.816   1.00 25.63 ? 510 ILE A O     1 
ATOM   878  C CB    . ILE B 2 75 ? 6.937   -6.887  0.152   1.00 24.47 ? 510 ILE A CB    1 
ATOM   879  C CG1   . ILE B 2 75 ? 5.431   -6.900  0.473   1.00 24.00 ? 510 ILE A CG1   1 
ATOM   880  C CG2   . ILE B 2 75 ? 7.587   -8.221  0.477   1.00 24.04 ? 510 ILE A CG2   1 
ATOM   881  C CD1   . ILE B 2 75 ? 4.592   -7.827  -0.449  1.00 24.58 ? 510 ILE A CD1   1 
ATOM   882  N N     . ASP B 2 76 ? 9.736   -5.562  -0.353  1.00 24.84 ? 511 ASP A N     1 
ATOM   883  C CA    A ASP B 2 76 ? 11.203  -5.535  -0.515  0.50 24.80 ? 511 ASP A CA    1 
ATOM   884  C CA    B ASP B 2 76 ? 11.179  -5.583  -0.490  0.50 25.09 ? 511 ASP A CA    1 
ATOM   885  C C     . ASP B 2 76 ? 11.874  -4.705  0.578   1.00 24.93 ? 511 ASP A C     1 
ATOM   886  O O     . ASP B 2 76 ? 12.826  -5.148  1.221   1.00 25.16 ? 511 ASP A O     1 
ATOM   887  C CB    A ASP B 2 76 ? 11.626  -4.991  -1.882  0.50 24.34 ? 511 ASP A CB    1 
ATOM   888  C CB    B ASP B 2 76 ? 11.575  -5.246  -1.928  0.50 24.97 ? 511 ASP A CB    1 
ATOM   889  C CG    A ASP B 2 76 ? 13.150  -5.034  -2.090  0.50 24.45 ? 511 ASP A CG    1 
ATOM   890  C CG    B ASP B 2 76 ? 11.160  -6.352  -2.928  0.50 26.07 ? 511 ASP A CG    1 
ATOM   891  O OD1   A ASP B 2 76 ? 13.739  -6.144  -2.008  0.50 22.34 ? 511 ASP A OD1   1 
ATOM   892  O OD1   B ASP B 2 76 ? 11.266  -7.562  -2.588  0.50 26.36 ? 511 ASP A OD1   1 
ATOM   893  O OD2   A ASP B 2 76 ? 13.755  -3.965  -2.345  0.50 23.30 ? 511 ASP A OD2   1 
ATOM   894  O OD2   B ASP B 2 76 ? 10.738  -6.014  -4.059  0.50 25.72 ? 511 ASP A OD2   1 
ATOM   895  N N     . TYR B 2 77 ? 11.387  -3.489  0.803   1.00 25.02 ? 512 TYR A N     1 
ATOM   896  C CA    . TYR B 2 77 ? 11.980  -2.676  1.881   1.00 25.63 ? 512 TYR A CA    1 
ATOM   897  C C     . TYR B 2 77 ? 11.784  -3.239  3.287   1.00 25.44 ? 512 TYR A C     1 
ATOM   898  O O     . TYR B 2 77 ? 12.650  -3.046  4.158   1.00 26.32 ? 512 TYR A O     1 
ATOM   899  C CB    . TYR B 2 77 ? 11.502  -1.232  1.828   1.00 26.35 ? 512 TYR A CB    1 
ATOM   900  C CG    . TYR B 2 77 ? 12.532  -0.265  1.287   1.00 27.23 ? 512 TYR A CG    1 
ATOM   901  C CD1   . TYR B 2 77 ? 13.289  -0.564  0.161   1.00 29.69 ? 512 TYR A CD1   1 
ATOM   902  C CD2   . TYR B 2 77 ? 12.734  0.962   1.896   1.00 27.64 ? 512 TYR A CD2   1 
ATOM   903  C CE1   . TYR B 2 77 ? 14.244  0.350   -0.335  1.00 30.34 ? 512 TYR A CE1   1 
ATOM   904  C CE2   . TYR B 2 77 ? 13.664  1.869   1.417   1.00 27.98 ? 512 TYR A CE2   1 
ATOM   905  C CZ    . TYR B 2 77 ? 14.412  1.571   0.312   1.00 28.85 ? 512 TYR A CZ    1 
ATOM   906  O OH    . TYR B 2 77 ? 15.330  2.505   -0.143  1.00 30.40 ? 512 TYR A OH    1 
ATOM   907  N N     . LYS B 2 78 ? 10.661  -3.922  3.513   1.00 24.93 ? 513 LYS A N     1 
ATOM   908  C CA    . LYS B 2 78 ? 10.394  -4.577  4.789   1.00 25.11 ? 513 LYS A CA    1 
ATOM   909  C C     . LYS B 2 78 ? 11.346  -5.743  4.985   1.00 25.34 ? 513 LYS A C     1 
ATOM   910  O O     . LYS B 2 78 ? 11.963  -5.895  6.050   1.00 25.44 ? 513 LYS A O     1 
ATOM   911  C CB    . LYS B 2 78 ? 8.948   -5.065  4.849   1.00 25.79 ? 513 LYS A CB    1 
ATOM   912  C CG    . LYS B 2 78 ? 8.654   -6.032  5.994   1.00 26.17 ? 513 LYS A CG    1 
ATOM   913  C CD    . LYS B 2 78 ? 7.229   -5.840  6.510   1.00 27.83 ? 513 LYS A CD    1 
ATOM   914  C CE    . LYS B 2 78 ? 6.541   -7.167  6.806   1.00 28.67 ? 513 LYS A CE    1 
ATOM   915  N NZ    . LYS B 2 78 ? 7.466   -8.264  7.207   1.00 28.50 ? 513 LYS A NZ    1 
ATOM   916  N N     . GLU B 2 79 ? 11.479  -6.562  3.940   1.00 24.89 ? 514 GLU A N     1 
ATOM   917  C CA    . GLU B 2 79 ? 12.400  -7.680  3.966   1.00 24.43 ? 514 GLU A CA    1 
ATOM   918  C C     . GLU B 2 79 ? 13.827  -7.240  4.224   1.00 24.16 ? 514 GLU A C     1 
ATOM   919  O O     . GLU B 2 79 ? 14.563  -7.929  4.912   1.00 24.08 ? 514 GLU A O     1 
ATOM   920  C CB    . GLU B 2 79 ? 12.306  -8.465  2.671   1.00 24.19 ? 514 GLU A CB    1 
ATOM   921  C CG    . GLU B 2 79 ? 11.025  -9.248  2.611   1.00 25.19 ? 514 GLU A CG    1 
ATOM   922  C CD    . GLU B 2 79 ? 10.792  -9.901  1.275   1.00 28.11 ? 514 GLU A CD    1 
ATOM   923  O OE1   . GLU B 2 79 ? 11.664  -9.772  0.376   1.00 27.84 ? 514 GLU A OE1   1 
ATOM   924  O OE2   . GLU B 2 79 ? 9.724   -10.543 1.132   1.00 27.07 ? 514 GLU A OE2   1 
ATOM   925  N N     . ARG B 2 80 ? 14.208  -6.087  3.685   1.00 23.88 ? 515 ARG A N     1 
ATOM   926  C CA    . ARG B 2 80 ? 15.572  -5.586  3.840   1.00 23.72 ? 515 ARG A CA    1 
ATOM   927  C C     . ARG B 2 80 ? 15.785  -4.797  5.136   1.00 23.82 ? 515 ARG A C     1 
ATOM   928  O O     . ARG B 2 80 ? 16.867  -4.214  5.337   1.00 24.40 ? 515 ARG A O     1 
ATOM   929  C CB    . ARG B 2 80 ? 15.949  -4.704  2.644   1.00 23.90 ? 515 ARG A CB    1 
ATOM   930  C CG    . ARG B 2 80 ? 16.012  -5.416  1.285   1.00 24.21 ? 515 ARG A CG    1 
ATOM   931  C CD    . ARG B 2 80 ? 16.274  -4.415  0.166   1.00 23.48 ? 515 ARG A CD    1 
ATOM   932  N NE    . ARG B 2 80 ? 16.422  -5.049  -1.146  1.00 23.25 ? 515 ARG A NE    1 
ATOM   933  C CZ    . ARG B 2 80 ? 17.575  -5.483  -1.634  1.00 20.36 ? 515 ARG A CZ    1 
ATOM   934  N NH1   . ARG B 2 80 ? 18.674  -5.377  -0.914  1.00 20.57 ? 515 ARG A NH1   1 
ATOM   935  N NH2   . ARG B 2 80 ? 17.632  -6.039  -2.833  1.00 19.30 ? 515 ARG A NH2   1 
ATOM   936  N N     . ASP B 2 81 ? 14.762  -4.758  5.996   1.00 23.72 ? 516 ASP A N     1 
ATOM   937  C CA    . ASP B 2 81 ? 14.805  -4.007  7.273   1.00 24.02 ? 516 ASP A CA    1 
ATOM   938  C C     . ASP B 2 81 ? 15.051  -2.506  7.068   1.00 23.96 ? 516 ASP A C     1 
ATOM   939  O O     . ASP B 2 81 ? 15.817  -1.870  7.814   1.00 24.21 ? 516 ASP A O     1 
ATOM   940  C CB    . ASP B 2 81 ? 15.855  -4.588  8.215   1.00 24.10 ? 516 ASP A CB    1 
ATOM   941  C CG    . ASP B 2 81 ? 15.441  -5.925  8.792   1.00 25.44 ? 516 ASP A CG    1 
ATOM   942  O OD1   . ASP B 2 81 ? 14.431  -5.945  9.533   1.00 25.93 ? 516 ASP A OD1   1 
ATOM   943  O OD2   . ASP B 2 81 ? 16.132  -6.940  8.514   1.00 24.65 ? 516 ASP A OD2   1 
ATOM   944  N N     . LEU B 2 82 ? 14.371  -1.948  6.066   1.00 23.47 ? 517 LEU A N     1 
ATOM   945  C CA    . LEU B 2 82 ? 14.618  -0.591  5.614   1.00 22.64 ? 517 LEU A CA    1 
ATOM   946  C C     . LEU B 2 82 ? 13.378  0.264   5.699   1.00 22.71 ? 517 LEU A C     1 
ATOM   947  O O     . LEU B 2 82 ? 13.268  1.254   4.988   1.00 23.47 ? 517 LEU A O     1 
ATOM   948  C CB    . LEU B 2 82 ? 15.160  -0.595  4.180   1.00 22.26 ? 517 LEU A CB    1 
ATOM   949  C CG    . LEU B 2 82 ? 16.588  -1.104  3.984   1.00 20.14 ? 517 LEU A CG    1 
ATOM   950  C CD1   . LEU B 2 82 ? 16.886  -1.287  2.500   1.00 18.46 ? 517 LEU A CD1   1 
ATOM   951  C CD2   . LEU B 2 82 ? 17.603  -0.180  4.617   1.00 18.66 ? 517 LEU A CD2   1 
ATOM   952  N N     . ILE B 2 83 ? 12.443  -0.121  6.563   1.00 22.58 ? 518 ILE A N     1 
ATOM   953  C CA    . ILE B 2 83 ? 11.314  0.735   6.925   1.00 22.43 ? 518 ILE A CA    1 
ATOM   954  C C     . ILE B 2 83 ? 11.568  1.157   8.359   1.00 22.78 ? 518 ILE A C     1 
ATOM   955  O O     . ILE B 2 83 ? 11.912  0.318   9.206   1.00 22.68 ? 518 ILE A O     1 
ATOM   956  C CB    . ILE B 2 83 ? 9.964   -0.027  6.836   1.00 22.55 ? 518 ILE A CB    1 
ATOM   957  C CG1   . ILE B 2 83 ? 9.631   -0.381  5.380   1.00 21.81 ? 518 ILE A CG1   1 
ATOM   958  C CG2   . ILE B 2 83 ? 8.837   0.804   7.440   1.00 22.06 ? 518 ILE A CG2   1 
ATOM   959  C CD1   . ILE B 2 83 ? 8.350   -1.266  5.208   1.00 22.20 ? 518 ILE A CD1   1 
ATOM   960  N N     . ASP B 2 84 ? 11.414  2.447   8.641   1.00 23.27 ? 519 ASP A N     1 
ATOM   961  C CA    . ASP B 2 84 ? 11.742  2.969   9.956   1.00 24.05 ? 519 ASP A CA    1 
ATOM   962  C C     . ASP B 2 84 ? 10.916  2.247   10.999  1.00 24.31 ? 519 ASP A C     1 
ATOM   963  O O     . ASP B 2 84 ? 9.767   1.880   10.735  1.00 24.52 ? 519 ASP A O     1 
ATOM   964  C CB    . ASP B 2 84 ? 11.464  4.470   10.031  1.00 24.74 ? 519 ASP A CB    1 
ATOM   965  C CG    . ASP B 2 84 ? 12.118  5.118   11.220  1.00 26.23 ? 519 ASP A CG    1 
ATOM   966  O OD1   . ASP B 2 84 ? 11.482  5.195   12.287  1.00 28.07 ? 519 ASP A OD1   1 
ATOM   967  O OD2   . ASP B 2 84 ? 13.290  5.540   11.104  1.00 30.87 ? 519 ASP A OD2   1 
ATOM   968  N N     . ARG B 2 85 ? 11.502  2.051   12.180  1.00 24.25 ? 520 ARG A N     1 
ATOM   969  C CA    . ARG B 2 85 ? 10.831  1.396   13.304  1.00 24.55 ? 520 ARG A CA    1 
ATOM   970  C C     . ARG B 2 85 ? 9.541   2.117   13.704  1.00 23.93 ? 520 ARG A C     1 
ATOM   971  O O     . ARG B 2 85 ? 8.582   1.503   14.199  1.00 23.75 ? 520 ARG A O     1 
ATOM   972  C CB    . ARG B 2 85 ? 11.784  1.331   14.504  1.00 24.88 ? 520 ARG A CB    1 
ATOM   973  C CG    . ARG B 2 85 ? 11.318  0.430   15.630  1.00 26.51 ? 520 ARG A CG    1 
ATOM   974  C CD    . ARG B 2 85 ? 12.104  0.725   16.882  1.00 29.79 ? 520 ARG A CD    1 
ATOM   975  N NE    . ARG B 2 85 ? 11.756  -0.136  18.015  1.00 31.89 ? 520 ARG A NE    1 
ATOM   976  C CZ    . ARG B 2 85 ? 11.066  0.267   19.082  1.00 33.18 ? 520 ARG A CZ    1 
ATOM   977  N NH1   . ARG B 2 85 ? 10.619  1.517   19.156  1.00 34.64 ? 520 ARG A NH1   1 
ATOM   978  N NH2   . ARG B 2 85 ? 10.814  -0.584  20.076  1.00 32.96 ? 520 ARG A NH2   1 
ATOM   979  N N     . SER B 2 86 ? 9.520   3.426   13.483  1.00 23.87 ? 521 SER A N     1 
ATOM   980  C CA    . SER B 2 86 ? 8.380   4.263   13.893  1.00 23.56 ? 521 SER A CA    1 
ATOM   981  C C     . SER B 2 86 ? 7.138   4.006   13.050  1.00 23.48 ? 521 SER A C     1 
ATOM   982  O O     . SER B 2 86 ? 6.114   4.663   13.252  1.00 23.66 ? 521 SER A O     1 
ATOM   983  C CB    . SER B 2 86 ? 8.738   5.742   13.814  1.00 23.21 ? 521 SER A CB    1 
ATOM   984  O OG    . SER B 2 86 ? 8.822   6.160   12.463  1.00 23.68 ? 521 SER A OG    1 
ATOM   985  N N     . ALA B 2 87 ? 7.243   3.071   12.104  1.00 23.06 ? 522 ALA A N     1 
ATOM   986  C CA    . ALA B 2 87 ? 6.123   2.667   11.242  1.00 23.46 ? 522 ALA A CA    1 
ATOM   987  C C     . ALA B 2 87 ? 5.397   1.466   11.829  1.00 23.99 ? 522 ALA A C     1 
ATOM   988  O O     . ALA B 2 87 ? 4.273   1.140   11.418  1.00 23.47 ? 522 ALA A O     1 
ATOM   989  C CB    . ALA B 2 87 ? 6.622   2.324   9.857   1.00 22.92 ? 522 ALA A CB    1 
ATOM   990  N N     . TYR B 2 88 ? 6.060   0.819   12.790  1.00 24.59 ? 523 TYR A N     1 
ATOM   991  C CA    . TYR B 2 88 ? 5.572   -0.402  13.434  1.00 24.91 ? 523 TYR A CA    1 
ATOM   992  C C     . TYR B 2 88 ? 4.821   -0.100  14.730  1.00 25.65 ? 523 TYR A C     1 
ATOM   993  O O     . TYR B 2 88 ? 4.195   -0.991  15.305  1.00 26.15 ? 523 TYR A O     1 
ATOM   994  C CB    . TYR B 2 88 ? 6.747   -1.349  13.723  1.00 24.85 ? 523 TYR A CB    1 
ATOM   995  C CG    . TYR B 2 88 ? 7.415   -1.892  12.479  1.00 24.07 ? 523 TYR A CG    1 
ATOM   996  C CD1   . TYR B 2 88 ? 8.433   -1.184  11.850  1.00 23.09 ? 523 TYR A CD1   1 
ATOM   997  C CD2   . TYR B 2 88 ? 7.018   -3.113  11.928  1.00 23.71 ? 523 TYR A CD2   1 
ATOM   998  C CE1   . TYR B 2 88 ? 9.041   -1.683  10.700  1.00 24.39 ? 523 TYR A CE1   1 
ATOM   999  C CE2   . TYR B 2 88 ? 7.608   -3.613  10.784  1.00 22.82 ? 523 TYR A CE2   1 
ATOM   1000 C CZ    . TYR B 2 88 ? 8.617   -2.897  10.167  1.00 24.69 ? 523 TYR A CZ    1 
ATOM   1001 O OH    . TYR B 2 88 ? 9.229   -3.397  9.036   1.00 24.14 ? 523 TYR A OH    1 
ATOM   1002 O OXT   . TYR B 2 88 ? 4.811   1.028   15.241  1.00 26.05 ? 523 TYR A OXT   1 
HETATM 1003 O O     . HOH C 3 .  ? -10.402 6.367   -10.739 1.00 14.08 ? 16  HOH B O     1 
HETATM 1004 O O     . HOH C 3 .  ? -10.631 9.130   -7.373  1.00 20.43 ? 17  HOH B O     1 
HETATM 1005 O O     . HOH C 3 .  ? -8.169  5.680   -9.123  1.00 19.98 ? 18  HOH B O     1 
HETATM 1006 O O     . HOH C 3 .  ? -8.443  11.088  -8.463  1.00 21.65 ? 19  HOH B O     1 
HETATM 1007 O O     . HOH C 3 .  ? -7.134  24.684  -8.020  1.00 28.95 ? 20  HOH B O     1 
HETATM 1008 O O     . HOH C 3 .  ? -12.365 5.138   -18.376 1.00 16.84 ? 21  HOH B O     1 
HETATM 1009 O O     . HOH C 3 .  ? -5.808  13.904  -10.529 1.00 20.13 ? 22  HOH B O     1 
HETATM 1010 O O     . HOH C 3 .  ? 0.834   25.156  -11.363 1.00 43.58 ? 23  HOH B O     1 
HETATM 1011 O O     . HOH C 3 .  ? -14.239 21.915  -22.462 1.00 21.36 ? 24  HOH B O     1 
HETATM 1012 O O     . HOH C 3 .  ? -4.192  18.239  -14.633 1.00 36.96 ? 25  HOH B O     1 
HETATM 1013 O O     . HOH C 3 .  ? -11.097 -3.583  -14.762 1.00 20.41 ? 26  HOH B O     1 
HETATM 1014 O O     . HOH C 3 .  ? 1.332   1.485   -11.396 1.00 14.38 ? 27  HOH B O     1 
HETATM 1015 O O     . HOH C 3 .  ? -9.881  8.042   -19.311 1.00 24.26 ? 28  HOH B O     1 
HETATM 1016 O O     . HOH C 3 .  ? -12.574 9.610   -5.731  1.00 34.72 ? 29  HOH B O     1 
HETATM 1017 O O     . HOH C 3 .  ? -11.652 10.099  -20.531 1.00 17.90 ? 30  HOH B O     1 
HETATM 1018 O O     . HOH C 3 .  ? -13.432 -1.311  -13.858 1.00 27.55 ? 31  HOH B O     1 
HETATM 1019 O O     . HOH C 3 .  ? 0.785   -0.526  -12.884 1.00 25.52 ? 32  HOH B O     1 
HETATM 1020 O O     . HOH C 3 .  ? -14.223 16.170  -12.368 1.00 33.90 ? 33  HOH B O     1 
HETATM 1021 O O     . HOH C 3 .  ? 7.690   8.873   -21.949 1.00 37.64 ? 34  HOH B O     1 
HETATM 1022 O O     . HOH C 3 .  ? -7.225  9.947   -26.635 1.00 58.10 ? 35  HOH B O     1 
HETATM 1023 O O     . HOH C 3 .  ? 4.078   9.426   -25.207 1.00 39.50 ? 36  HOH B O     1 
HETATM 1024 O O     . HOH C 3 .  ? -15.007 10.665  -15.369 1.00 28.99 ? 37  HOH B O     1 
HETATM 1025 O O     . HOH C 3 .  ? -13.466 10.050  -17.602 1.00 32.40 ? 38  HOH B O     1 
HETATM 1026 O O     . HOH C 3 .  ? -6.804  7.162   -20.834 1.00 27.99 ? 39  HOH B O     1 
HETATM 1027 O O     . HOH C 3 .  ? -14.457 0.037   -11.706 1.00 25.42 ? 40  HOH B O     1 
HETATM 1028 O O     . HOH C 3 .  ? -13.087 9.134   -2.568  1.00 19.54 ? 41  HOH B O     1 
HETATM 1029 O O     . HOH C 3 .  ? -5.188  7.849   -25.562 1.00 28.74 ? 42  HOH B O     1 
HETATM 1030 O O     . HOH C 3 .  ? -17.219 10.143  -10.985 1.00 22.47 ? 43  HOH B O     1 
HETATM 1031 O O     . HOH C 3 .  ? -2.518  4.228   -20.393 1.00 26.95 ? 44  HOH B O     1 
HETATM 1032 O O     . HOH C 3 .  ? -17.938 11.622  -8.692  1.00 57.66 ? 45  HOH B O     1 
HETATM 1033 O O     . HOH C 3 .  ? 3.299   8.273   -15.552 1.00 26.11 ? 46  HOH B O     1 
HETATM 1034 O O     . HOH C 3 .  ? 3.333   10.135  -21.488 1.00 46.02 ? 47  HOH B O     1 
HETATM 1035 O O     . HOH C 3 .  ? 2.661   11.260  -23.533 1.00 34.10 ? 48  HOH B O     1 
HETATM 1036 O O     . HOH C 3 .  ? 3.724   10.545  -17.855 1.00 38.58 ? 49  HOH B O     1 
HETATM 1037 O O     . HOH C 3 .  ? 0.010   24.277  -5.300  1.00 33.73 ? 50  HOH B O     1 
HETATM 1038 O O     . HOH C 3 .  ? -15.674 4.454   -16.320 1.00 31.85 ? 51  HOH B O     1 
HETATM 1039 O O     . HOH D 3 .  ? -9.949  2.732   -10.304 1.00 19.51 ? 1   HOH A O     1 
HETATM 1040 O O     . HOH D 3 .  ? 0.646   -2.594  10.355  1.00 12.25 ? 3   HOH A O     1 
HETATM 1041 O O     . HOH D 3 .  ? 7.821   1.551   -8.887  1.00 24.44 ? 5   HOH A O     1 
HETATM 1042 O O     . HOH D 3 .  ? -8.837  7.208   -6.352  1.00 20.73 ? 6   HOH A O     1 
HETATM 1043 O O     . HOH D 3 .  ? 11.779  -1.805  -2.806  1.00 20.23 ? 7   HOH A O     1 
HETATM 1044 O O     . HOH D 3 .  ? 11.718  -2.560  8.600   1.00 14.01 ? 9   HOH A O     1 
HETATM 1045 O O     . HOH D 3 .  ? -1.912  -0.289  -13.425 1.00 18.18 ? 12  HOH A O     1 
HETATM 1046 O O     . HOH D 3 .  ? -4.129  3.346   8.560   1.00 34.27 ? 13  HOH A O     1 
HETATM 1047 O O     . HOH D 3 .  ? -4.523  -3.560  -19.158 1.00 22.63 ? 14  HOH A O     1 
HETATM 1048 O O     . HOH D 3 .  ? 10.679  4.102   6.524   1.00 10.33 ? 15  HOH A O     1 
HETATM 1049 O O     . HOH D 3 .  ? -1.522  1.144   8.755   1.00 12.33 ? 17  HOH A O     1 
HETATM 1050 O O     . HOH D 3 .  ? 11.198  9.767   -3.588  1.00 35.34 ? 18  HOH A O     1 
HETATM 1051 O O     . HOH D 3 .  ? 3.609   7.406   -2.100  1.00 42.63 ? 19  HOH A O     1 
HETATM 1052 O O     . HOH D 3 .  ? 8.194   -11.042 3.663   1.00 19.41 ? 20  HOH A O     1 
HETATM 1053 O O     . HOH D 3 .  ? 0.935   -8.096  -2.349  1.00 18.99 ? 21  HOH A O     1 
HETATM 1054 O O     . HOH D 3 .  ? -13.443 5.646   0.005   1.00 18.59 ? 23  HOH A O     1 
HETATM 1055 O O     . HOH D 3 .  ? 11.384  -3.217  17.734  1.00 27.71 ? 24  HOH A O     1 
HETATM 1056 O O     . HOH D 3 .  ? -10.479 -3.328  4.890   1.00 30.66 ? 25  HOH A O     1 
HETATM 1057 O O     . HOH D 3 .  ? 10.631  -2.754  15.182  1.00 34.59 ? 26  HOH A O     1 
HETATM 1058 O O     . HOH D 3 .  ? -1.907  -11.625 -6.708  1.00 29.04 ? 27  HOH A O     1 
HETATM 1059 O O     . HOH D 3 .  ? 10.349  -4.937  13.234  1.00 30.70 ? 28  HOH A O     1 
HETATM 1060 O O     . HOH D 3 .  ? 10.134  -6.386  9.522   1.00 41.12 ? 30  HOH A O     1 
HETATM 1061 O O     . HOH D 3 .  ? 14.384  5.410   1.251   1.00 33.22 ? 32  HOH A O     1 
HETATM 1062 O O     . HOH D 3 .  ? 8.228   -7.906  -3.313  1.00 37.70 ? 33  HOH A O     1 
HETATM 1063 O O     . HOH D 3 .  ? 8.633   -7.277  31.470  1.00 49.94 ? 34  HOH A O     1 
HETATM 1064 O O     . HOH D 3 .  ? -0.003  -0.099  11.220  1.00 21.50 ? 35  HOH A O     1 
HETATM 1065 O O     . HOH D 3 .  ? 1.681   12.946  -3.884  1.00 29.66 ? 36  HOH A O     1 
HETATM 1066 O O     . HOH D 3 .  ? 3.771   2.758   17.085  1.00 27.60 ? 37  HOH A O     1 
HETATM 1067 O O     . HOH D 3 .  ? 13.457  -0.610  11.278  1.00 21.55 ? 40  HOH A O     1 
HETATM 1068 O O     . HOH D 3 .  ? 1.166   -5.140  -10.769 1.00 31.20 ? 41  HOH A O     1 
HETATM 1069 O O     . HOH D 3 .  ? -2.398  -9.822  4.656   1.00 37.24 ? 42  HOH A O     1 
HETATM 1070 O O     . HOH D 3 .  ? 15.982  -1.249  10.547  1.00 13.45 ? 43  HOH A O     1 
HETATM 1071 O O     . HOH D 3 .  ? 10.076  -10.052 6.535   1.00 26.79 ? 44  HOH A O     1 
HETATM 1072 O O     . HOH D 3 .  ? 19.280  -4.403  4.504   1.00 18.87 ? 46  HOH A O     1 
HETATM 1073 O O     . HOH D 3 .  ? -13.496 0.321   -8.812  1.00 26.04 ? 48  HOH A O     1 
HETATM 1074 O O     . HOH D 3 .  ? 19.350  -4.159  1.493   1.00 24.71 ? 50  HOH A O     1 
HETATM 1075 O O     . HOH D 3 .  ? -1.193  11.788  0.942   1.00 16.32 ? 51  HOH A O     1 
HETATM 1076 O O     . HOH D 3 .  ? -15.946 -1.927  2.476   1.00 19.41 ? 52  HOH A O     1 
HETATM 1077 O O     . HOH D 3 .  ? 13.019  6.588   -7.116  1.00 31.36 ? 53  HOH A O     1 
HETATM 1078 O O     . HOH D 3 .  ? 10.541  -3.746  19.738  1.00 29.16 ? 56  HOH A O     1 
HETATM 1079 O O     . HOH D 3 .  ? 2.984   -7.584  -4.592  1.00 39.72 ? 57  HOH A O     1 
HETATM 1080 O O     . HOH D 3 .  ? 12.234  6.930   14.661  1.00 21.70 ? 58  HOH A O     1 
HETATM 1081 O O     . HOH D 3 .  ? -3.875  -7.366  -10.813 1.00 17.37 ? 59  HOH A O     1 
HETATM 1082 O O     . HOH D 3 .  ? -5.373  -13.825 -6.921  1.00 44.36 ? 60  HOH A O     1 
HETATM 1083 O O     . HOH D 3 .  ? 15.031  -5.514  -4.404  1.00 34.16 ? 61  HOH A O     1 
HETATM 1084 O O     . HOH D 3 .  ? 11.651  9.754   -6.381  1.00 52.85 ? 62  HOH A O     1 
HETATM 1085 O O     . HOH D 3 .  ? 9.333   8.764   11.259  1.00 20.33 ? 63  HOH A O     1 
HETATM 1086 O O     . HOH D 3 .  ? 11.766  -2.052  -5.253  1.00 31.87 ? 64  HOH A O     1 
HETATM 1087 O O     . HOH D 3 .  ? -11.872 -0.795  5.487   1.00 29.40 ? 66  HOH A O     1 
HETATM 1088 O O     . HOH D 3 .  ? -13.635 2.359   -1.171  1.00 26.81 ? 67  HOH A O     1 
HETATM 1089 O O     . HOH D 3 .  ? -2.710  -9.257  -15.656 1.00 19.66 ? 69  HOH A O     1 
HETATM 1090 O O     . HOH D 3 .  ? 6.840   -3.759  -7.491  1.00 19.22 ? 70  HOH A O     1 
HETATM 1091 O O     . HOH D 3 .  ? -6.666  -1.383  11.036  1.00 32.51 ? 73  HOH A O     1 
HETATM 1092 O O     . HOH D 3 .  ? -4.793  -9.628  -13.998 1.00 44.90 ? 74  HOH A O     1 
HETATM 1093 O O     . HOH D 3 .  ? -0.537  -3.885  12.493  1.00 27.23 ? 76  HOH A O     1 
HETATM 1094 O O     . HOH D 3 .  ? 2.294   0.422   13.081  1.00 31.69 ? 78  HOH A O     1 
HETATM 1095 O O     . HOH D 3 .  ? -5.305  0.901   7.626   1.00 23.82 ? 79  HOH A O     1 
HETATM 1096 O O     . HOH D 3 .  ? -4.804  -12.071 0.357   1.00 27.00 ? 81  HOH A O     1 
HETATM 1097 O O     . HOH D 3 .  ? -7.659  -9.674  -12.088 1.00 36.40 ? 82  HOH A O     1 
HETATM 1098 O O     . HOH D 3 .  ? -10.446 -8.104  -15.017 1.00 44.91 ? 83  HOH A O     1 
HETATM 1099 O O     . HOH D 3 .  ? 5.748   10.139  0.780   1.00 30.48 ? 84  HOH A O     1 
HETATM 1100 O O     . HOH D 3 .  ? -1.233  -7.500  -11.375 1.00 30.89 ? 85  HOH A O     1 
HETATM 1101 O O     . HOH D 3 .  ? 11.629  6.426   6.720   1.00 21.39 ? 86  HOH A O     1 
HETATM 1102 O O     . HOH D 3 .  ? 13.474  10.104  0.591   1.00 21.38 ? 87  HOH A O     1 
HETATM 1103 O O     . HOH D 3 .  ? -9.679  -10.736 -9.251  1.00 24.83 ? 90  HOH A O     1 
HETATM 1104 O O     . HOH D 3 .  ? -8.245  12.685  0.265   1.00 47.14 ? 93  HOH A O     1 
HETATM 1105 O O     . HOH D 3 .  ? -0.342  -11.191 6.251   1.00 28.26 ? 96  HOH A O     1 
HETATM 1106 O O     . HOH D 3 .  ? 9.836   10.731  -7.616  1.00 51.84 ? 98  HOH A O     1 
HETATM 1107 O O     . HOH D 3 .  ? -15.886 6.929   -0.947  1.00 29.96 ? 101 HOH A O     1 
HETATM 1108 O O     . HOH D 3 .  ? -4.841  15.281  0.907   1.00 47.49 ? 102 HOH A O     1 
HETATM 1109 O O     . HOH D 3 .  ? -9.477  9.669   1.645   1.00 38.81 ? 103 HOH A O     1 
HETATM 1110 O O     . HOH D 3 .  ? 11.025  7.090   3.592   1.00 33.41 ? 104 HOH A O     1 
HETATM 1111 O O     . HOH D 3 .  ? 6.140   -12.247 0.007   1.00 29.78 ? 105 HOH A O     1 
HETATM 1112 O O     . HOH D 3 .  ? 14.417  -8.593  -0.463  1.00 37.88 ? 108 HOH A O     1 
HETATM 1113 O O     . HOH D 3 .  ? 11.624  -2.640  13.055  1.00 46.70 ? 109 HOH A O     1 
HETATM 1114 O O     . HOH D 3 .  ? -1.907  13.003  -4.908  1.00 32.60 ? 110 HOH A O     1 
HETATM 1115 O O     . HOH D 3 .  ? 13.274  -1.679  21.239  1.00 48.68 ? 111 HOH A O     1 
HETATM 1116 O O     . HOH D 3 .  ? 7.917   11.523  7.029   1.00 45.77 ? 113 HOH A O     1 
HETATM 1117 O O     . HOH D 3 .  ? 7.859   11.901  -4.286  1.00 33.36 ? 114 HOH A O     1 
HETATM 1118 O O     . HOH D 3 .  ? 12.861  -4.072  10.348  1.00 38.36 ? 116 HOH A O     1 
HETATM 1119 O O     . HOH D 3 .  ? -16.509 -6.126  -0.124  1.00 43.75 ? 117 HOH A O     1 
# 
loop_
_pdbx_poly_seq_scheme.asym_id 
_pdbx_poly_seq_scheme.entity_id 
_pdbx_poly_seq_scheme.seq_id 
_pdbx_poly_seq_scheme.mon_id 
_pdbx_poly_seq_scheme.ndb_seq_num 
_pdbx_poly_seq_scheme.pdb_seq_num 
_pdbx_poly_seq_scheme.auth_seq_num 
_pdbx_poly_seq_scheme.pdb_mon_id 
_pdbx_poly_seq_scheme.auth_mon_id 
_pdbx_poly_seq_scheme.pdb_strand_id 
_pdbx_poly_seq_scheme.pdb_ins_code 
_pdbx_poly_seq_scheme.hetero 
A 1 1  U   1  0   0   U   U   B . n 
A 1 2  A   2  1   1   A   A   B . n 
A 1 3  A   3  2   2   A   A   B . n 
A 1 4  U   4  3   3   U   U   B . n 
A 1 5  C   5  4   4   C   C   B . n 
A 1 6  U   6  5   5   U   U   B . n 
A 1 7  U   7  6   6   U   U   B . n 
A 1 8  U   8  7   7   U   U   B . n 
A 1 9  G   9  8   8   G   G   B . n 
A 1 10 A   10 9   9   A   A   B . n 
A 1 11 C   11 10  10  C   C   B . n 
A 1 12 A   12 11  11  A   A   B . n 
A 1 13 G   13 12  12  G   G   B . n 
A 1 14 A   14 13  13  A   A   B . n 
A 1 15 U   15 14  14  U   U   B . n 
A 1 16 U   16 15  15  U   U   B . n 
B 2 1  LEU 1  436 ?   ?   ?   A . n 
B 2 2  SER 2  437 ?   ?   ?   A . n 
B 2 3  SER 3  438 ?   ?   ?   A . n 
B 2 4  ASN 4  439 ?   ?   ?   A . n 
B 2 5  SER 5  440 440 SER SER A . n 
B 2 6  SER 6  441 441 SER SER A . n 
B 2 7  MET 7  442 442 MET MET A . n 
B 2 8  ASN 8  443 443 ASN ASN A . n 
B 2 9  PRO 9  444 444 PRO PRO A . n 
B 2 10 LYS 10 445 445 LYS LYS A . n 
B 2 11 SER 11 446 446 SER SER A . n 
B 2 12 LEU 12 447 447 LEU LEU A . n 
B 2 13 THR 13 448 448 THR THR A . n 
B 2 14 ASP 14 449 449 ASP ASP A . n 
B 2 15 PRO 15 450 450 PRO PRO A . n 
B 2 16 LYS 16 451 451 LYS LYS A . n 
B 2 17 LEU 17 452 452 LEU LEU A . n 
B 2 18 LEU 18 453 453 LEU LEU A . n 
B 2 19 LYS 19 454 454 LYS LYS A . n 
B 2 20 ASN 20 455 455 ASN ASN A . n 
B 2 21 ILE 21 456 456 ILE ILE A . n 
B 2 22 PRO 22 457 457 PRO PRO A . n 
B 2 23 MET 23 458 458 MET MET A . n 
B 2 24 TRP 24 459 459 TRP TRP A . n 
B 2 25 LEU 25 460 460 LEU LEU A . n 
B 2 26 LYS 26 461 461 LYS LYS A . n 
B 2 27 SER 27 462 462 SER SER A . n 
B 2 28 LEU 28 463 463 LEU LEU A . n 
B 2 29 ARG 29 464 464 ARG ARG A . n 
B 2 30 LEU 30 465 465 LEU LEU A . n 
B 2 31 HIS 31 466 466 HIS HIS A . n 
B 2 32 LYS 32 467 467 LYS LYS A . n 
B 2 33 TYR 33 468 468 TYR TYR A . n 
B 2 34 SER 34 469 469 SER SER A . n 
B 2 35 ASP 35 470 470 ASP ASP A . n 
B 2 36 ALA 36 471 471 ALA ALA A . n 
B 2 37 LEU 37 472 472 LEU LEU A . n 
B 2 38 SER 38 473 473 SER SER A . n 
B 2 39 GLY 39 474 474 GLY GLY A . n 
B 2 40 THR 40 475 475 THR THR A . n 
B 2 41 PRO 41 476 476 PRO PRO A . n 
B 2 42 TRP 42 477 477 TRP TRP A . n 
B 2 43 ILE 43 478 478 ILE ILE A . n 
B 2 44 GLU 44 479 479 GLU GLU A . n 
B 2 45 LEU 45 480 480 LEU LEU A . n 
B 2 46 ILE 46 481 481 ILE ILE A . n 
B 2 47 TYR 47 482 482 TYR TYR A . n 
B 2 48 LEU 48 483 483 LEU LEU A . n 
B 2 49 ASP 49 484 484 ASP ASP A . n 
B 2 50 ASP 50 485 485 ASP ASP A . n 
B 2 51 GLU 51 486 486 GLU GLU A . n 
B 2 52 THR 52 487 487 THR THR A . n 
B 2 53 LEU 53 488 488 LEU LEU A . n 
B 2 54 GLU 54 489 489 GLU GLU A . n 
B 2 55 LYS 55 490 490 LYS LYS A . n 
B 2 56 LYS 56 491 491 LYS LYS A . n 
B 2 57 GLY 57 492 492 GLY GLY A . n 
B 2 58 VAL 58 493 493 VAL VAL A . n 
B 2 59 LEU 59 494 494 LEU LEU A . n 
B 2 60 ALA 60 495 495 ALA ALA A . n 
B 2 61 LEU 61 496 496 LEU LEU A . n 
B 2 62 GLY 62 497 497 GLY GLY A . n 
B 2 63 ALA 63 498 498 ALA ALA A . n 
B 2 64 ARG 64 499 499 ARG ARG A . n 
B 2 65 ARG 65 500 500 ARG ARG A . n 
B 2 66 LYS 66 501 501 LYS LYS A . n 
B 2 67 LEU 67 502 502 LEU LEU A . n 
B 2 68 LEU 68 503 503 LEU LEU A . n 
B 2 69 LYS 69 504 504 LYS LYS A . n 
B 2 70 ALA 70 505 505 ALA ALA A . n 
B 2 71 PHE 71 506 506 PHE PHE A . n 
B 2 72 GLY 72 507 507 GLY GLY A . n 
B 2 73 ILE 73 508 508 ILE ILE A . n 
B 2 74 VAL 74 509 509 VAL VAL A . n 
B 2 75 ILE 75 510 510 ILE ILE A . n 
B 2 76 ASP 76 511 511 ASP ASP A . n 
B 2 77 TYR 77 512 512 TYR TYR A . n 
B 2 78 LYS 78 513 513 LYS LYS A . n 
B 2 79 GLU 79 514 514 GLU GLU A . n 
B 2 80 ARG 80 515 515 ARG ARG A . n 
B 2 81 ASP 81 516 516 ASP ASP A . n 
B 2 82 LEU 82 517 517 LEU LEU A . n 
B 2 83 ILE 83 518 518 ILE ILE A . n 
B 2 84 ASP 84 519 519 ASP ASP A . n 
B 2 85 ARG 85 520 520 ARG ARG A . n 
B 2 86 SER 86 521 521 SER SER A . n 
B 2 87 ALA 87 522 522 ALA ALA A . n 
B 2 88 TYR 88 523 523 TYR TYR A . n 
# 
loop_
_pdbx_nonpoly_scheme.asym_id 
_pdbx_nonpoly_scheme.entity_id 
_pdbx_nonpoly_scheme.mon_id 
_pdbx_nonpoly_scheme.ndb_seq_num 
_pdbx_nonpoly_scheme.pdb_seq_num 
_pdbx_nonpoly_scheme.auth_seq_num 
_pdbx_nonpoly_scheme.pdb_mon_id 
_pdbx_nonpoly_scheme.auth_mon_id 
_pdbx_nonpoly_scheme.pdb_strand_id 
_pdbx_nonpoly_scheme.pdb_ins_code 
C 3 HOH 1  16  2   HOH HOH B . 
C 3 HOH 2  17  4   HOH HOH B . 
C 3 HOH 3  18  8   HOH HOH B . 
C 3 HOH 4  19  10  HOH HOH B . 
C 3 HOH 5  20  11  HOH HOH B . 
C 3 HOH 6  21  16  HOH HOH B . 
C 3 HOH 7  22  22  HOH HOH B . 
C 3 HOH 8  23  29  HOH HOH B . 
C 3 HOH 9  24  31  HOH HOH B . 
C 3 HOH 10 25  38  HOH HOH B . 
C 3 HOH 11 26  39  HOH HOH B . 
C 3 HOH 12 27  45  HOH HOH B . 
C 3 HOH 13 28  47  HOH HOH B . 
C 3 HOH 14 29  49  HOH HOH B . 
C 3 HOH 15 30  54  HOH HOH B . 
C 3 HOH 16 31  55  HOH HOH B . 
C 3 HOH 17 32  65  HOH HOH B . 
C 3 HOH 18 33  68  HOH HOH B . 
C 3 HOH 19 34  71  HOH HOH B . 
C 3 HOH 20 35  72  HOH HOH B . 
C 3 HOH 21 36  75  HOH HOH B . 
C 3 HOH 22 37  77  HOH HOH B . 
C 3 HOH 23 38  80  HOH HOH B . 
C 3 HOH 24 39  88  HOH HOH B . 
C 3 HOH 25 40  89  HOH HOH B . 
C 3 HOH 26 41  91  HOH HOH B . 
C 3 HOH 27 42  92  HOH HOH B . 
C 3 HOH 28 43  94  HOH HOH B . 
C 3 HOH 29 44  95  HOH HOH B . 
C 3 HOH 30 45  97  HOH HOH B . 
C 3 HOH 31 46  99  HOH HOH B . 
C 3 HOH 32 47  100 HOH HOH B . 
C 3 HOH 33 48  106 HOH HOH B . 
C 3 HOH 34 49  107 HOH HOH B . 
C 3 HOH 35 50  112 HOH HOH B . 
C 3 HOH 36 51  115 HOH HOH B . 
D 3 HOH 1  1   1   HOH HOH A . 
D 3 HOH 2  3   3   HOH HOH A . 
D 3 HOH 3  5   5   HOH HOH A . 
D 3 HOH 4  6   6   HOH HOH A . 
D 3 HOH 5  7   7   HOH HOH A . 
D 3 HOH 6  9   9   HOH HOH A . 
D 3 HOH 7  12  12  HOH HOH A . 
D 3 HOH 8  13  13  HOH HOH A . 
D 3 HOH 9  14  14  HOH HOH A . 
D 3 HOH 10 15  15  HOH HOH A . 
D 3 HOH 11 17  17  HOH HOH A . 
D 3 HOH 12 18  18  HOH HOH A . 
D 3 HOH 13 19  19  HOH HOH A . 
D 3 HOH 14 20  20  HOH HOH A . 
D 3 HOH 15 21  21  HOH HOH A . 
D 3 HOH 16 23  23  HOH HOH A . 
D 3 HOH 17 24  24  HOH HOH A . 
D 3 HOH 18 25  25  HOH HOH A . 
D 3 HOH 19 26  26  HOH HOH A . 
D 3 HOH 20 27  27  HOH HOH A . 
D 3 HOH 21 28  28  HOH HOH A . 
D 3 HOH 22 30  30  HOH HOH A . 
D 3 HOH 23 32  32  HOH HOH A . 
D 3 HOH 24 33  33  HOH HOH A . 
D 3 HOH 25 34  34  HOH HOH A . 
D 3 HOH 26 35  35  HOH HOH A . 
D 3 HOH 27 36  36  HOH HOH A . 
D 3 HOH 28 37  37  HOH HOH A . 
D 3 HOH 29 40  40  HOH HOH A . 
D 3 HOH 30 41  41  HOH HOH A . 
D 3 HOH 31 42  42  HOH HOH A . 
D 3 HOH 32 43  43  HOH HOH A . 
D 3 HOH 33 44  44  HOH HOH A . 
D 3 HOH 34 46  46  HOH HOH A . 
D 3 HOH 35 48  48  HOH HOH A . 
D 3 HOH 36 50  50  HOH HOH A . 
D 3 HOH 37 51  51  HOH HOH A . 
D 3 HOH 38 52  52  HOH HOH A . 
D 3 HOH 39 53  53  HOH HOH A . 
D 3 HOH 40 56  56  HOH HOH A . 
D 3 HOH 41 57  57  HOH HOH A . 
D 3 HOH 42 58  58  HOH HOH A . 
D 3 HOH 43 59  59  HOH HOH A . 
D 3 HOH 44 60  60  HOH HOH A . 
D 3 HOH 45 61  61  HOH HOH A . 
D 3 HOH 46 62  62  HOH HOH A . 
D 3 HOH 47 63  63  HOH HOH A . 
D 3 HOH 48 64  64  HOH HOH A . 
D 3 HOH 49 66  66  HOH HOH A . 
D 3 HOH 50 67  67  HOH HOH A . 
D 3 HOH 51 69  69  HOH HOH A . 
D 3 HOH 52 70  70  HOH HOH A . 
D 3 HOH 53 73  73  HOH HOH A . 
D 3 HOH 54 74  74  HOH HOH A . 
D 3 HOH 55 76  76  HOH HOH A . 
D 3 HOH 56 78  78  HOH HOH A . 
D 3 HOH 57 79  79  HOH HOH A . 
D 3 HOH 58 81  81  HOH HOH A . 
D 3 HOH 59 82  82  HOH HOH A . 
D 3 HOH 60 83  83  HOH HOH A . 
D 3 HOH 61 84  84  HOH HOH A . 
D 3 HOH 62 85  85  HOH HOH A . 
D 3 HOH 63 86  86  HOH HOH A . 
D 3 HOH 64 87  87  HOH HOH A . 
D 3 HOH 65 90  90  HOH HOH A . 
D 3 HOH 66 93  93  HOH HOH A . 
D 3 HOH 67 96  96  HOH HOH A . 
D 3 HOH 68 98  98  HOH HOH A . 
D 3 HOH 69 101 101 HOH HOH A . 
D 3 HOH 70 102 102 HOH HOH A . 
D 3 HOH 71 103 103 HOH HOH A . 
D 3 HOH 72 104 104 HOH HOH A . 
D 3 HOH 73 105 105 HOH HOH A . 
D 3 HOH 74 108 108 HOH HOH A . 
D 3 HOH 75 109 109 HOH HOH A . 
D 3 HOH 76 110 110 HOH HOH A . 
D 3 HOH 77 111 111 HOH HOH A . 
D 3 HOH 78 113 113 HOH HOH A . 
D 3 HOH 79 114 114 HOH HOH A . 
D 3 HOH 80 116 116 HOH HOH A . 
D 3 HOH 81 117 117 HOH HOH A . 
# 
_pdbx_struct_assembly.id                   1 
_pdbx_struct_assembly.details              author_defined_assembly 
_pdbx_struct_assembly.method_details       ? 
_pdbx_struct_assembly.oligomeric_details   dimeric 
_pdbx_struct_assembly.oligomeric_count     2 
# 
_pdbx_struct_assembly_gen.assembly_id       1 
_pdbx_struct_assembly_gen.oper_expression   1 
_pdbx_struct_assembly_gen.asym_id_list      A,B,C,D 
# 
_pdbx_struct_oper_list.id                   1 
_pdbx_struct_oper_list.type                 'identity operation' 
_pdbx_struct_oper_list.name                 1_555 
_pdbx_struct_oper_list.symmetry_operation   x,y,z 
_pdbx_struct_oper_list.matrix[1][1]         1.0000000000 
_pdbx_struct_oper_list.matrix[1][2]         0.0000000000 
_pdbx_struct_oper_list.matrix[1][3]         0.0000000000 
_pdbx_struct_oper_list.vector[1]            0.0000000000 
_pdbx_struct_oper_list.matrix[2][1]         0.0000000000 
_pdbx_struct_oper_list.matrix[2][2]         1.0000000000 
_pdbx_struct_oper_list.matrix[2][3]         0.0000000000 
_pdbx_struct_oper_list.vector[2]            0.0000000000 
_pdbx_struct_oper_list.matrix[3][1]         0.0000000000 
_pdbx_struct_oper_list.matrix[3][2]         0.0000000000 
_pdbx_struct_oper_list.matrix[3][3]         1.0000000000 
_pdbx_struct_oper_list.vector[3]            0.0000000000 
# 
loop_
_pdbx_audit_revision_history.ordinal 
_pdbx_audit_revision_history.data_content_type 
_pdbx_audit_revision_history.major_revision 
_pdbx_audit_revision_history.minor_revision 
_pdbx_audit_revision_history.revision_date 
1 'Structure model' 1 0 2006-01-24 
2 'Structure model' 1 1 2008-05-01 
3 'Structure model' 1 2 2011-07-13 
4 'Structure model' 1 3 2023-08-30 
# 
_pdbx_audit_revision_details.ordinal             1 
_pdbx_audit_revision_details.revision_ordinal    1 
_pdbx_audit_revision_details.data_content_type   'Structure model' 
_pdbx_audit_revision_details.provider            repository 
_pdbx_audit_revision_details.type                'Initial release' 
_pdbx_audit_revision_details.description         ? 
_pdbx_audit_revision_details.details             ? 
# 
loop_
_pdbx_audit_revision_group.ordinal 
_pdbx_audit_revision_group.revision_ordinal 
_pdbx_audit_revision_group.data_content_type 
_pdbx_audit_revision_group.group 
1 2 'Structure model' 'Version format compliance' 
2 3 'Structure model' Advisory                    
3 3 'Structure model' 'Version format compliance' 
4 4 'Structure model' 'Data collection'           
5 4 'Structure model' 'Database references'       
6 4 'Structure model' 'Refinement description'    
# 
loop_
_pdbx_audit_revision_category.ordinal 
_pdbx_audit_revision_category.revision_ordinal 
_pdbx_audit_revision_category.data_content_type 
_pdbx_audit_revision_category.category 
1 4 'Structure model' chem_comp_atom                
2 4 'Structure model' chem_comp_bond                
3 4 'Structure model' database_2                    
4 4 'Structure model' pdbx_initial_refinement_model 
# 
loop_
_pdbx_audit_revision_item.ordinal 
_pdbx_audit_revision_item.revision_ordinal 
_pdbx_audit_revision_item.data_content_type 
_pdbx_audit_revision_item.item 
1 4 'Structure model' '_database_2.pdbx_DOI'                
2 4 'Structure model' '_database_2.pdbx_database_accession' 
# 
loop_
_pdbx_refine_tls.id 
_pdbx_refine_tls.details 
_pdbx_refine_tls.method 
_pdbx_refine_tls.origin_x 
_pdbx_refine_tls.origin_y 
_pdbx_refine_tls.origin_z 
_pdbx_refine_tls.T[1][1] 
_pdbx_refine_tls.T[2][2] 
_pdbx_refine_tls.T[3][3] 
_pdbx_refine_tls.T[1][2] 
_pdbx_refine_tls.T[1][3] 
_pdbx_refine_tls.T[2][3] 
_pdbx_refine_tls.L[1][1] 
_pdbx_refine_tls.L[2][2] 
_pdbx_refine_tls.L[3][3] 
_pdbx_refine_tls.L[1][2] 
_pdbx_refine_tls.L[1][3] 
_pdbx_refine_tls.L[2][3] 
_pdbx_refine_tls.S[1][1] 
_pdbx_refine_tls.S[2][2] 
_pdbx_refine_tls.S[3][3] 
_pdbx_refine_tls.S[1][2] 
_pdbx_refine_tls.S[1][3] 
_pdbx_refine_tls.S[2][3] 
_pdbx_refine_tls.S[2][1] 
_pdbx_refine_tls.S[3][1] 
_pdbx_refine_tls.S[3][2] 
_pdbx_refine_tls.pdbx_refine_id 
1 ? refined 0.1230  -0.2217 0.1362   -0.1425 -0.1146 -0.1679 -0.0082 0.0288  -0.0217 6.2293 1.3171 3.2796 -0.6774 2.5347 0.0479  0.0732  0.0579 -0.1311 0.1198 -0.0963 0.0057  0.0066 0.0182  0.1015 'X-RAY DIFFRACTION' 
2 ? refined -7.3040 12.5121 -14.7353 -0.0029 -0.0375 -0.0230 0.0071  -0.0273 0.0315  2.7914 6.0253 2.8346 -3.0594 0.6284 -0.3472 -0.1066 0.1130 -0.0063 0.3730 0.6122  -0.3303 0.1293 -0.5110 0.3003 'X-RAY DIFFRACTION' 
# 
loop_
_pdbx_refine_tls_group.id 
_pdbx_refine_tls_group.refine_tls_id 
_pdbx_refine_tls_group.beg_label_asym_id 
_pdbx_refine_tls_group.beg_label_seq_id 
_pdbx_refine_tls_group.end_label_asym_id 
_pdbx_refine_tls_group.end_label_seq_id 
_pdbx_refine_tls_group.selection 
_pdbx_refine_tls_group.beg_auth_asym_id 
_pdbx_refine_tls_group.beg_auth_seq_id 
_pdbx_refine_tls_group.end_auth_asym_id 
_pdbx_refine_tls_group.end_auth_seq_id 
_pdbx_refine_tls_group.pdbx_refine_id 
_pdbx_refine_tls_group.selection_details 
1 1 B 5 B 88 ALL A 440 A 523 'X-RAY DIFFRACTION' ? 
2 2 A 1 A 16 ALL B 0   B 15  'X-RAY DIFFRACTION' ? 
# 
loop_
_software.name 
_software.version 
_software.date 
_software.type 
_software.contact_author 
_software.contact_author_email 
_software.classification 
_software.location 
_software.language 
_software.citation_id 
_software.pdbx_ordinal 
REFMAC       5.2.0005       ?               program 'Murshudov, G.N.' ccp4@dl.ac.uk            refinement        
http://www.ccp4.ac.uk/main.html  Fortran ? 1 
PDB_EXTRACT  1.701          'OCT. 28, 2005' package PDB               sw-help@rcsb.rutgers.edu 'data extraction' 
http://pdb.rutgers.edu/software/ C++     ? 2 
CrystalClear '(MSC/RIGAKU)' ?               ?       ?                 ?                        'data reduction'  ? ?       ? 3 
XDS          .              ?               ?       ?                 ?                        'data scaling'    ? ?       ? 4 
PHASER       .              ?               ?       ?                 ?                        phasing           ? ?       ? 5 
# 
_pdbx_validate_close_contact.id               1 
_pdbx_validate_close_contact.PDB_model_num    1 
_pdbx_validate_close_contact.auth_atom_id_1   O 
_pdbx_validate_close_contact.auth_asym_id_1   A 
_pdbx_validate_close_contact.auth_comp_id_1   SER 
_pdbx_validate_close_contact.auth_seq_id_1    440 
_pdbx_validate_close_contact.PDB_ins_code_1   ? 
_pdbx_validate_close_contact.label_alt_id_1   ? 
_pdbx_validate_close_contact.auth_atom_id_2   ND2 
_pdbx_validate_close_contact.auth_asym_id_2   A 
_pdbx_validate_close_contact.auth_comp_id_2   ASN 
_pdbx_validate_close_contact.auth_seq_id_2    443 
_pdbx_validate_close_contact.PDB_ins_code_2   ? 
_pdbx_validate_close_contact.label_alt_id_2   A 
_pdbx_validate_close_contact.dist             2.08 
# 
_pdbx_validate_rmsd_angle.id                         1 
_pdbx_validate_rmsd_angle.PDB_model_num              1 
_pdbx_validate_rmsd_angle.auth_atom_id_1             "O4'" 
_pdbx_validate_rmsd_angle.auth_asym_id_1             B 
_pdbx_validate_rmsd_angle.auth_comp_id_1             U 
_pdbx_validate_rmsd_angle.auth_seq_id_1              7 
_pdbx_validate_rmsd_angle.PDB_ins_code_1             ? 
_pdbx_validate_rmsd_angle.label_alt_id_1             ? 
_pdbx_validate_rmsd_angle.auth_atom_id_2             "C1'" 
_pdbx_validate_rmsd_angle.auth_asym_id_2             B 
_pdbx_validate_rmsd_angle.auth_comp_id_2             U 
_pdbx_validate_rmsd_angle.auth_seq_id_2              7 
_pdbx_validate_rmsd_angle.PDB_ins_code_2             ? 
_pdbx_validate_rmsd_angle.label_alt_id_2             ? 
_pdbx_validate_rmsd_angle.auth_atom_id_3             N1 
_pdbx_validate_rmsd_angle.auth_asym_id_3             B 
_pdbx_validate_rmsd_angle.auth_comp_id_3             U 
_pdbx_validate_rmsd_angle.auth_seq_id_3              7 
_pdbx_validate_rmsd_angle.PDB_ins_code_3             ? 
_pdbx_validate_rmsd_angle.label_alt_id_3             ? 
_pdbx_validate_rmsd_angle.angle_value                113.25 
_pdbx_validate_rmsd_angle.angle_target_value         108.50 
_pdbx_validate_rmsd_angle.angle_deviation            4.75 
_pdbx_validate_rmsd_angle.angle_standard_deviation   0.70 
_pdbx_validate_rmsd_angle.linker_flag                N 
# 
loop_
_pdbx_validate_torsion.id 
_pdbx_validate_torsion.PDB_model_num 
_pdbx_validate_torsion.auth_comp_id 
_pdbx_validate_torsion.auth_asym_id 
_pdbx_validate_torsion.auth_seq_id 
_pdbx_validate_torsion.PDB_ins_code 
_pdbx_validate_torsion.label_alt_id 
_pdbx_validate_torsion.phi 
_pdbx_validate_torsion.psi 
1 1 MET A 442 ? ? -95.14 32.90 
2 1 MET A 442 ? ? -95.14 33.28 
# 
loop_
_pdbx_unobs_or_zero_occ_atoms.id 
_pdbx_unobs_or_zero_occ_atoms.PDB_model_num 
_pdbx_unobs_or_zero_occ_atoms.polymer_flag 
_pdbx_unobs_or_zero_occ_atoms.occupancy_flag 
_pdbx_unobs_or_zero_occ_atoms.auth_asym_id 
_pdbx_unobs_or_zero_occ_atoms.auth_comp_id 
_pdbx_unobs_or_zero_occ_atoms.auth_seq_id 
_pdbx_unobs_or_zero_occ_atoms.PDB_ins_code 
_pdbx_unobs_or_zero_occ_atoms.auth_atom_id 
_pdbx_unobs_or_zero_occ_atoms.label_alt_id 
_pdbx_unobs_or_zero_occ_atoms.label_asym_id 
_pdbx_unobs_or_zero_occ_atoms.label_comp_id 
_pdbx_unobs_or_zero_occ_atoms.label_seq_id 
_pdbx_unobs_or_zero_occ_atoms.label_atom_id 
1  1 Y 1 B C   10  ? "C5'" ? A C   11 "C5'" 
2  1 Y 1 B C   10  ? "C4'" ? A C   11 "C4'" 
3  1 Y 1 B C   10  ? "O4'" ? A C   11 "O4'" 
4  1 Y 1 B C   10  ? "C3'" ? A C   11 "C3'" 
5  1 Y 1 B C   10  ? "O3'" ? A C   11 "O3'" 
6  1 Y 1 B C   10  ? "C2'" ? A C   11 "C2'" 
7  1 Y 1 B C   10  ? "O2'" ? A C   11 "O2'" 
8  1 Y 1 B C   10  ? "C1'" ? A C   11 "C1'" 
9  1 Y 1 B C   10  ? N1    ? A C   11 N1    
10 1 Y 1 B C   10  ? C2    ? A C   11 C2    
11 1 Y 1 B C   10  ? O2    ? A C   11 O2    
12 1 Y 1 B C   10  ? N3    ? A C   11 N3    
13 1 Y 1 B C   10  ? C4    ? A C   11 C4    
14 1 Y 1 B C   10  ? N4    ? A C   11 N4    
15 1 Y 1 B C   10  ? C5    ? A C   11 C5    
16 1 Y 1 B C   10  ? C6    ? A C   11 C6    
17 1 Y 1 A SER 440 ? OG    ? B SER 5  OG    
18 1 Y 1 A LYS 445 ? CG    ? B LYS 10 CG    
19 1 Y 1 A LYS 445 ? CD    ? B LYS 10 CD    
20 1 Y 1 A LYS 445 ? CE    ? B LYS 10 CE    
21 1 Y 1 A LYS 445 ? NZ    ? B LYS 10 NZ    
22 1 Y 1 A LYS 490 ? CG    ? B LYS 55 CG    
23 1 Y 1 A LYS 490 ? CD    ? B LYS 55 CD    
24 1 Y 1 A LYS 490 ? CE    ? B LYS 55 CE    
25 1 Y 1 A LYS 490 ? NZ    ? B LYS 55 NZ    
# 
loop_
_pdbx_unobs_or_zero_occ_residues.id 
_pdbx_unobs_or_zero_occ_residues.PDB_model_num 
_pdbx_unobs_or_zero_occ_residues.polymer_flag 
_pdbx_unobs_or_zero_occ_residues.occupancy_flag 
_pdbx_unobs_or_zero_occ_residues.auth_asym_id 
_pdbx_unobs_or_zero_occ_residues.auth_comp_id 
_pdbx_unobs_or_zero_occ_residues.auth_seq_id 
_pdbx_unobs_or_zero_occ_residues.PDB_ins_code 
_pdbx_unobs_or_zero_occ_residues.label_asym_id 
_pdbx_unobs_or_zero_occ_residues.label_comp_id 
_pdbx_unobs_or_zero_occ_residues.label_seq_id 
1 1 Y 1 A LEU 436 ? B LEU 1 
2 1 Y 1 A SER 437 ? B SER 2 
3 1 Y 1 A SER 438 ? B SER 3 
4 1 Y 1 A ASN 439 ? B ASN 4 
# 
loop_
_chem_comp_atom.comp_id 
_chem_comp_atom.atom_id 
_chem_comp_atom.type_symbol 
_chem_comp_atom.pdbx_aromatic_flag 
_chem_comp_atom.pdbx_stereo_config 
_chem_comp_atom.pdbx_ordinal 
A   OP3    O N N 1   
A   P      P N N 2   
A   OP1    O N N 3   
A   OP2    O N N 4   
A   "O5'"  O N N 5   
A   "C5'"  C N N 6   
A   "C4'"  C N R 7   
A   "O4'"  O N N 8   
A   "C3'"  C N S 9   
A   "O3'"  O N N 10  
A   "C2'"  C N R 11  
A   "O2'"  O N N 12  
A   "C1'"  C N R 13  
A   N9     N Y N 14  
A   C8     C Y N 15  
A   N7     N Y N 16  
A   C5     C Y N 17  
A   C6     C Y N 18  
A   N6     N N N 19  
A   N1     N Y N 20  
A   C2     C Y N 21  
A   N3     N Y N 22  
A   C4     C Y N 23  
A   HOP3   H N N 24  
A   HOP2   H N N 25  
A   "H5'"  H N N 26  
A   "H5''" H N N 27  
A   "H4'"  H N N 28  
A   "H3'"  H N N 29  
A   "HO3'" H N N 30  
A   "H2'"  H N N 31  
A   "HO2'" H N N 32  
A   "H1'"  H N N 33  
A   H8     H N N 34  
A   H61    H N N 35  
A   H62    H N N 36  
A   H2     H N N 37  
ALA N      N N N 38  
ALA CA     C N S 39  
ALA C      C N N 40  
ALA O      O N N 41  
ALA CB     C N N 42  
ALA OXT    O N N 43  
ALA H      H N N 44  
ALA H2     H N N 45  
ALA HA     H N N 46  
ALA HB1    H N N 47  
ALA HB2    H N N 48  
ALA HB3    H N N 49  
ALA HXT    H N N 50  
ARG N      N N N 51  
ARG CA     C N S 52  
ARG C      C N N 53  
ARG O      O N N 54  
ARG CB     C N N 55  
ARG CG     C N N 56  
ARG CD     C N N 57  
ARG NE     N N N 58  
ARG CZ     C N N 59  
ARG NH1    N N N 60  
ARG NH2    N N N 61  
ARG OXT    O N N 62  
ARG H      H N N 63  
ARG H2     H N N 64  
ARG HA     H N N 65  
ARG HB2    H N N 66  
ARG HB3    H N N 67  
ARG HG2    H N N 68  
ARG HG3    H N N 69  
ARG HD2    H N N 70  
ARG HD3    H N N 71  
ARG HE     H N N 72  
ARG HH11   H N N 73  
ARG HH12   H N N 74  
ARG HH21   H N N 75  
ARG HH22   H N N 76  
ARG HXT    H N N 77  
ASN N      N N N 78  
ASN CA     C N S 79  
ASN C      C N N 80  
ASN O      O N N 81  
ASN CB     C N N 82  
ASN CG     C N N 83  
ASN OD1    O N N 84  
ASN ND2    N N N 85  
ASN OXT    O N N 86  
ASN H      H N N 87  
ASN H2     H N N 88  
ASN HA     H N N 89  
ASN HB2    H N N 90  
ASN HB3    H N N 91  
ASN HD21   H N N 92  
ASN HD22   H N N 93  
ASN HXT    H N N 94  
ASP N      N N N 95  
ASP CA     C N S 96  
ASP C      C N N 97  
ASP O      O N N 98  
ASP CB     C N N 99  
ASP CG     C N N 100 
ASP OD1    O N N 101 
ASP OD2    O N N 102 
ASP OXT    O N N 103 
ASP H      H N N 104 
ASP H2     H N N 105 
ASP HA     H N N 106 
ASP HB2    H N N 107 
ASP HB3    H N N 108 
ASP HD2    H N N 109 
ASP HXT    H N N 110 
C   OP3    O N N 111 
C   P      P N N 112 
C   OP1    O N N 113 
C   OP2    O N N 114 
C   "O5'"  O N N 115 
C   "C5'"  C N N 116 
C   "C4'"  C N R 117 
C   "O4'"  O N N 118 
C   "C3'"  C N S 119 
C   "O3'"  O N N 120 
C   "C2'"  C N R 121 
C   "O2'"  O N N 122 
C   "C1'"  C N R 123 
C   N1     N N N 124 
C   C2     C N N 125 
C   O2     O N N 126 
C   N3     N N N 127 
C   C4     C N N 128 
C   N4     N N N 129 
C   C5     C N N 130 
C   C6     C N N 131 
C   HOP3   H N N 132 
C   HOP2   H N N 133 
C   "H5'"  H N N 134 
C   "H5''" H N N 135 
C   "H4'"  H N N 136 
C   "H3'"  H N N 137 
C   "HO3'" H N N 138 
C   "H2'"  H N N 139 
C   "HO2'" H N N 140 
C   "H1'"  H N N 141 
C   H41    H N N 142 
C   H42    H N N 143 
C   H5     H N N 144 
C   H6     H N N 145 
G   OP3    O N N 146 
G   P      P N N 147 
G   OP1    O N N 148 
G   OP2    O N N 149 
G   "O5'"  O N N 150 
G   "C5'"  C N N 151 
G   "C4'"  C N R 152 
G   "O4'"  O N N 153 
G   "C3'"  C N S 154 
G   "O3'"  O N N 155 
G   "C2'"  C N R 156 
G   "O2'"  O N N 157 
G   "C1'"  C N R 158 
G   N9     N Y N 159 
G   C8     C Y N 160 
G   N7     N Y N 161 
G   C5     C Y N 162 
G   C6     C N N 163 
G   O6     O N N 164 
G   N1     N N N 165 
G   C2     C N N 166 
G   N2     N N N 167 
G   N3     N N N 168 
G   C4     C Y N 169 
G   HOP3   H N N 170 
G   HOP2   H N N 171 
G   "H5'"  H N N 172 
G   "H5''" H N N 173 
G   "H4'"  H N N 174 
G   "H3'"  H N N 175 
G   "HO3'" H N N 176 
G   "H2'"  H N N 177 
G   "HO2'" H N N 178 
G   "H1'"  H N N 179 
G   H8     H N N 180 
G   H1     H N N 181 
G   H21    H N N 182 
G   H22    H N N 183 
GLU N      N N N 184 
GLU CA     C N S 185 
GLU C      C N N 186 
GLU O      O N N 187 
GLU CB     C N N 188 
GLU CG     C N N 189 
GLU CD     C N N 190 
GLU OE1    O N N 191 
GLU OE2    O N N 192 
GLU OXT    O N N 193 
GLU H      H N N 194 
GLU H2     H N N 195 
GLU HA     H N N 196 
GLU HB2    H N N 197 
GLU HB3    H N N 198 
GLU HG2    H N N 199 
GLU HG3    H N N 200 
GLU HE2    H N N 201 
GLU HXT    H N N 202 
GLY N      N N N 203 
GLY CA     C N N 204 
GLY C      C N N 205 
GLY O      O N N 206 
GLY OXT    O N N 207 
GLY H      H N N 208 
GLY H2     H N N 209 
GLY HA2    H N N 210 
GLY HA3    H N N 211 
GLY HXT    H N N 212 
HIS N      N N N 213 
HIS CA     C N S 214 
HIS C      C N N 215 
HIS O      O N N 216 
HIS CB     C N N 217 
HIS CG     C Y N 218 
HIS ND1    N Y N 219 
HIS CD2    C Y N 220 
HIS CE1    C Y N 221 
HIS NE2    N Y N 222 
HIS OXT    O N N 223 
HIS H      H N N 224 
HIS H2     H N N 225 
HIS HA     H N N 226 
HIS HB2    H N N 227 
HIS HB3    H N N 228 
HIS HD1    H N N 229 
HIS HD2    H N N 230 
HIS HE1    H N N 231 
HIS HE2    H N N 232 
HIS HXT    H N N 233 
HOH O      O N N 234 
HOH H1     H N N 235 
HOH H2     H N N 236 
ILE N      N N N 237 
ILE CA     C N S 238 
ILE C      C N N 239 
ILE O      O N N 240 
ILE CB     C N S 241 
ILE CG1    C N N 242 
ILE CG2    C N N 243 
ILE CD1    C N N 244 
ILE OXT    O N N 245 
ILE H      H N N 246 
ILE H2     H N N 247 
ILE HA     H N N 248 
ILE HB     H N N 249 
ILE HG12   H N N 250 
ILE HG13   H N N 251 
ILE HG21   H N N 252 
ILE HG22   H N N 253 
ILE HG23   H N N 254 
ILE HD11   H N N 255 
ILE HD12   H N N 256 
ILE HD13   H N N 257 
ILE HXT    H N N 258 
LEU N      N N N 259 
LEU CA     C N S 260 
LEU C      C N N 261 
LEU O      O N N 262 
LEU CB     C N N 263 
LEU CG     C N N 264 
LEU CD1    C N N 265 
LEU CD2    C N N 266 
LEU OXT    O N N 267 
LEU H      H N N 268 
LEU H2     H N N 269 
LEU HA     H N N 270 
LEU HB2    H N N 271 
LEU HB3    H N N 272 
LEU HG     H N N 273 
LEU HD11   H N N 274 
LEU HD12   H N N 275 
LEU HD13   H N N 276 
LEU HD21   H N N 277 
LEU HD22   H N N 278 
LEU HD23   H N N 279 
LEU HXT    H N N 280 
LYS N      N N N 281 
LYS CA     C N S 282 
LYS C      C N N 283 
LYS O      O N N 284 
LYS CB     C N N 285 
LYS CG     C N N 286 
LYS CD     C N N 287 
LYS CE     C N N 288 
LYS NZ     N N N 289 
LYS OXT    O N N 290 
LYS H      H N N 291 
LYS H2     H N N 292 
LYS HA     H N N 293 
LYS HB2    H N N 294 
LYS HB3    H N N 295 
LYS HG2    H N N 296 
LYS HG3    H N N 297 
LYS HD2    H N N 298 
LYS HD3    H N N 299 
LYS HE2    H N N 300 
LYS HE3    H N N 301 
LYS HZ1    H N N 302 
LYS HZ2    H N N 303 
LYS HZ3    H N N 304 
LYS HXT    H N N 305 
MET N      N N N 306 
MET CA     C N S 307 
MET C      C N N 308 
MET O      O N N 309 
MET CB     C N N 310 
MET CG     C N N 311 
MET SD     S N N 312 
MET CE     C N N 313 
MET OXT    O N N 314 
MET H      H N N 315 
MET H2     H N N 316 
MET HA     H N N 317 
MET HB2    H N N 318 
MET HB3    H N N 319 
MET HG2    H N N 320 
MET HG3    H N N 321 
MET HE1    H N N 322 
MET HE2    H N N 323 
MET HE3    H N N 324 
MET HXT    H N N 325 
PHE N      N N N 326 
PHE CA     C N S 327 
PHE C      C N N 328 
PHE O      O N N 329 
PHE CB     C N N 330 
PHE CG     C Y N 331 
PHE CD1    C Y N 332 
PHE CD2    C Y N 333 
PHE CE1    C Y N 334 
PHE CE2    C Y N 335 
PHE CZ     C Y N 336 
PHE OXT    O N N 337 
PHE H      H N N 338 
PHE H2     H N N 339 
PHE HA     H N N 340 
PHE HB2    H N N 341 
PHE HB3    H N N 342 
PHE HD1    H N N 343 
PHE HD2    H N N 344 
PHE HE1    H N N 345 
PHE HE2    H N N 346 
PHE HZ     H N N 347 
PHE HXT    H N N 348 
PRO N      N N N 349 
PRO CA     C N S 350 
PRO C      C N N 351 
PRO O      O N N 352 
PRO CB     C N N 353 
PRO CG     C N N 354 
PRO CD     C N N 355 
PRO OXT    O N N 356 
PRO H      H N N 357 
PRO HA     H N N 358 
PRO HB2    H N N 359 
PRO HB3    H N N 360 
PRO HG2    H N N 361 
PRO HG3    H N N 362 
PRO HD2    H N N 363 
PRO HD3    H N N 364 
PRO HXT    H N N 365 
SER N      N N N 366 
SER CA     C N S 367 
SER C      C N N 368 
SER O      O N N 369 
SER CB     C N N 370 
SER OG     O N N 371 
SER OXT    O N N 372 
SER H      H N N 373 
SER H2     H N N 374 
SER HA     H N N 375 
SER HB2    H N N 376 
SER HB3    H N N 377 
SER HG     H N N 378 
SER HXT    H N N 379 
THR N      N N N 380 
THR CA     C N S 381 
THR C      C N N 382 
THR O      O N N 383 
THR CB     C N R 384 
THR OG1    O N N 385 
THR CG2    C N N 386 
THR OXT    O N N 387 
THR H      H N N 388 
THR H2     H N N 389 
THR HA     H N N 390 
THR HB     H N N 391 
THR HG1    H N N 392 
THR HG21   H N N 393 
THR HG22   H N N 394 
THR HG23   H N N 395 
THR HXT    H N N 396 
TRP N      N N N 397 
TRP CA     C N S 398 
TRP C      C N N 399 
TRP O      O N N 400 
TRP CB     C N N 401 
TRP CG     C Y N 402 
TRP CD1    C Y N 403 
TRP CD2    C Y N 404 
TRP NE1    N Y N 405 
TRP CE2    C Y N 406 
TRP CE3    C Y N 407 
TRP CZ2    C Y N 408 
TRP CZ3    C Y N 409 
TRP CH2    C Y N 410 
TRP OXT    O N N 411 
TRP H      H N N 412 
TRP H2     H N N 413 
TRP HA     H N N 414 
TRP HB2    H N N 415 
TRP HB3    H N N 416 
TRP HD1    H N N 417 
TRP HE1    H N N 418 
TRP HE3    H N N 419 
TRP HZ2    H N N 420 
TRP HZ3    H N N 421 
TRP HH2    H N N 422 
TRP HXT    H N N 423 
TYR N      N N N 424 
TYR CA     C N S 425 
TYR C      C N N 426 
TYR O      O N N 427 
TYR CB     C N N 428 
TYR CG     C Y N 429 
TYR CD1    C Y N 430 
TYR CD2    C Y N 431 
TYR CE1    C Y N 432 
TYR CE2    C Y N 433 
TYR CZ     C Y N 434 
TYR OH     O N N 435 
TYR OXT    O N N 436 
TYR H      H N N 437 
TYR H2     H N N 438 
TYR HA     H N N 439 
TYR HB2    H N N 440 
TYR HB3    H N N 441 
TYR HD1    H N N 442 
TYR HD2    H N N 443 
TYR HE1    H N N 444 
TYR HE2    H N N 445 
TYR HH     H N N 446 
TYR HXT    H N N 447 
U   OP3    O N N 448 
U   P      P N N 449 
U   OP1    O N N 450 
U   OP2    O N N 451 
U   "O5'"  O N N 452 
U   "C5'"  C N N 453 
U   "C4'"  C N R 454 
U   "O4'"  O N N 455 
U   "C3'"  C N S 456 
U   "O3'"  O N N 457 
U   "C2'"  C N R 458 
U   "O2'"  O N N 459 
U   "C1'"  C N R 460 
U   N1     N N N 461 
U   C2     C N N 462 
U   O2     O N N 463 
U   N3     N N N 464 
U   C4     C N N 465 
U   O4     O N N 466 
U   C5     C N N 467 
U   C6     C N N 468 
U   HOP3   H N N 469 
U   HOP2   H N N 470 
U   "H5'"  H N N 471 
U   "H5''" H N N 472 
U   "H4'"  H N N 473 
U   "H3'"  H N N 474 
U   "HO3'" H N N 475 
U   "H2'"  H N N 476 
U   "HO2'" H N N 477 
U   "H1'"  H N N 478 
U   H3     H N N 479 
U   H5     H N N 480 
U   H6     H N N 481 
VAL N      N N N 482 
VAL CA     C N S 483 
VAL C      C N N 484 
VAL O      O N N 485 
VAL CB     C N N 486 
VAL CG1    C N N 487 
VAL CG2    C N N 488 
VAL OXT    O N N 489 
VAL H      H N N 490 
VAL H2     H N N 491 
VAL HA     H N N 492 
VAL HB     H N N 493 
VAL HG11   H N N 494 
VAL HG12   H N N 495 
VAL HG13   H N N 496 
VAL HG21   H N N 497 
VAL HG22   H N N 498 
VAL HG23   H N N 499 
VAL HXT    H N N 500 
# 
loop_
_chem_comp_bond.comp_id 
_chem_comp_bond.atom_id_1 
_chem_comp_bond.atom_id_2 
_chem_comp_bond.value_order 
_chem_comp_bond.pdbx_aromatic_flag 
_chem_comp_bond.pdbx_stereo_config 
_chem_comp_bond.pdbx_ordinal 
A   OP3   P      sing N N 1   
A   OP3   HOP3   sing N N 2   
A   P     OP1    doub N N 3   
A   P     OP2    sing N N 4   
A   P     "O5'"  sing N N 5   
A   OP2   HOP2   sing N N 6   
A   "O5'" "C5'"  sing N N 7   
A   "C5'" "C4'"  sing N N 8   
A   "C5'" "H5'"  sing N N 9   
A   "C5'" "H5''" sing N N 10  
A   "C4'" "O4'"  sing N N 11  
A   "C4'" "C3'"  sing N N 12  
A   "C4'" "H4'"  sing N N 13  
A   "O4'" "C1'"  sing N N 14  
A   "C3'" "O3'"  sing N N 15  
A   "C3'" "C2'"  sing N N 16  
A   "C3'" "H3'"  sing N N 17  
A   "O3'" "HO3'" sing N N 18  
A   "C2'" "O2'"  sing N N 19  
A   "C2'" "C1'"  sing N N 20  
A   "C2'" "H2'"  sing N N 21  
A   "O2'" "HO2'" sing N N 22  
A   "C1'" N9     sing N N 23  
A   "C1'" "H1'"  sing N N 24  
A   N9    C8     sing Y N 25  
A   N9    C4     sing Y N 26  
A   C8    N7     doub Y N 27  
A   C8    H8     sing N N 28  
A   N7    C5     sing Y N 29  
A   C5    C6     sing Y N 30  
A   C5    C4     doub Y N 31  
A   C6    N6     sing N N 32  
A   C6    N1     doub Y N 33  
A   N6    H61    sing N N 34  
A   N6    H62    sing N N 35  
A   N1    C2     sing Y N 36  
A   C2    N3     doub Y N 37  
A   C2    H2     sing N N 38  
A   N3    C4     sing Y N 39  
ALA N     CA     sing N N 40  
ALA N     H      sing N N 41  
ALA N     H2     sing N N 42  
ALA CA    C      sing N N 43  
ALA CA    CB     sing N N 44  
ALA CA    HA     sing N N 45  
ALA C     O      doub N N 46  
ALA C     OXT    sing N N 47  
ALA CB    HB1    sing N N 48  
ALA CB    HB2    sing N N 49  
ALA CB    HB3    sing N N 50  
ALA OXT   HXT    sing N N 51  
ARG N     CA     sing N N 52  
ARG N     H      sing N N 53  
ARG N     H2     sing N N 54  
ARG CA    C      sing N N 55  
ARG CA    CB     sing N N 56  
ARG CA    HA     sing N N 57  
ARG C     O      doub N N 58  
ARG C     OXT    sing N N 59  
ARG CB    CG     sing N N 60  
ARG CB    HB2    sing N N 61  
ARG CB    HB3    sing N N 62  
ARG CG    CD     sing N N 63  
ARG CG    HG2    sing N N 64  
ARG CG    HG3    sing N N 65  
ARG CD    NE     sing N N 66  
ARG CD    HD2    sing N N 67  
ARG CD    HD3    sing N N 68  
ARG NE    CZ     sing N N 69  
ARG NE    HE     sing N N 70  
ARG CZ    NH1    sing N N 71  
ARG CZ    NH2    doub N N 72  
ARG NH1   HH11   sing N N 73  
ARG NH1   HH12   sing N N 74  
ARG NH2   HH21   sing N N 75  
ARG NH2   HH22   sing N N 76  
ARG OXT   HXT    sing N N 77  
ASN N     CA     sing N N 78  
ASN N     H      sing N N 79  
ASN N     H2     sing N N 80  
ASN CA    C      sing N N 81  
ASN CA    CB     sing N N 82  
ASN CA    HA     sing N N 83  
ASN C     O      doub N N 84  
ASN C     OXT    sing N N 85  
ASN CB    CG     sing N N 86  
ASN CB    HB2    sing N N 87  
ASN CB    HB3    sing N N 88  
ASN CG    OD1    doub N N 89  
ASN CG    ND2    sing N N 90  
ASN ND2   HD21   sing N N 91  
ASN ND2   HD22   sing N N 92  
ASN OXT   HXT    sing N N 93  
ASP N     CA     sing N N 94  
ASP N     H      sing N N 95  
ASP N     H2     sing N N 96  
ASP CA    C      sing N N 97  
ASP CA    CB     sing N N 98  
ASP CA    HA     sing N N 99  
ASP C     O      doub N N 100 
ASP C     OXT    sing N N 101 
ASP CB    CG     sing N N 102 
ASP CB    HB2    sing N N 103 
ASP CB    HB3    sing N N 104 
ASP CG    OD1    doub N N 105 
ASP CG    OD2    sing N N 106 
ASP OD2   HD2    sing N N 107 
ASP OXT   HXT    sing N N 108 
C   OP3   P      sing N N 109 
C   OP3   HOP3   sing N N 110 
C   P     OP1    doub N N 111 
C   P     OP2    sing N N 112 
C   P     "O5'"  sing N N 113 
C   OP2   HOP2   sing N N 114 
C   "O5'" "C5'"  sing N N 115 
C   "C5'" "C4'"  sing N N 116 
C   "C5'" "H5'"  sing N N 117 
C   "C5'" "H5''" sing N N 118 
C   "C4'" "O4'"  sing N N 119 
C   "C4'" "C3'"  sing N N 120 
C   "C4'" "H4'"  sing N N 121 
C   "O4'" "C1'"  sing N N 122 
C   "C3'" "O3'"  sing N N 123 
C   "C3'" "C2'"  sing N N 124 
C   "C3'" "H3'"  sing N N 125 
C   "O3'" "HO3'" sing N N 126 
C   "C2'" "O2'"  sing N N 127 
C   "C2'" "C1'"  sing N N 128 
C   "C2'" "H2'"  sing N N 129 
C   "O2'" "HO2'" sing N N 130 
C   "C1'" N1     sing N N 131 
C   "C1'" "H1'"  sing N N 132 
C   N1    C2     sing N N 133 
C   N1    C6     sing N N 134 
C   C2    O2     doub N N 135 
C   C2    N3     sing N N 136 
C   N3    C4     doub N N 137 
C   C4    N4     sing N N 138 
C   C4    C5     sing N N 139 
C   N4    H41    sing N N 140 
C   N4    H42    sing N N 141 
C   C5    C6     doub N N 142 
C   C5    H5     sing N N 143 
C   C6    H6     sing N N 144 
G   OP3   P      sing N N 145 
G   OP3   HOP3   sing N N 146 
G   P     OP1    doub N N 147 
G   P     OP2    sing N N 148 
G   P     "O5'"  sing N N 149 
G   OP2   HOP2   sing N N 150 
G   "O5'" "C5'"  sing N N 151 
G   "C5'" "C4'"  sing N N 152 
G   "C5'" "H5'"  sing N N 153 
G   "C5'" "H5''" sing N N 154 
G   "C4'" "O4'"  sing N N 155 
G   "C4'" "C3'"  sing N N 156 
G   "C4'" "H4'"  sing N N 157 
G   "O4'" "C1'"  sing N N 158 
G   "C3'" "O3'"  sing N N 159 
G   "C3'" "C2'"  sing N N 160 
G   "C3'" "H3'"  sing N N 161 
G   "O3'" "HO3'" sing N N 162 
G   "C2'" "O2'"  sing N N 163 
G   "C2'" "C1'"  sing N N 164 
G   "C2'" "H2'"  sing N N 165 
G   "O2'" "HO2'" sing N N 166 
G   "C1'" N9     sing N N 167 
G   "C1'" "H1'"  sing N N 168 
G   N9    C8     sing Y N 169 
G   N9    C4     sing Y N 170 
G   C8    N7     doub Y N 171 
G   C8    H8     sing N N 172 
G   N7    C5     sing Y N 173 
G   C5    C6     sing N N 174 
G   C5    C4     doub Y N 175 
G   C6    O6     doub N N 176 
G   C6    N1     sing N N 177 
G   N1    C2     sing N N 178 
G   N1    H1     sing N N 179 
G   C2    N2     sing N N 180 
G   C2    N3     doub N N 181 
G   N2    H21    sing N N 182 
G   N2    H22    sing N N 183 
G   N3    C4     sing N N 184 
GLU N     CA     sing N N 185 
GLU N     H      sing N N 186 
GLU N     H2     sing N N 187 
GLU CA    C      sing N N 188 
GLU CA    CB     sing N N 189 
GLU CA    HA     sing N N 190 
GLU C     O      doub N N 191 
GLU C     OXT    sing N N 192 
GLU CB    CG     sing N N 193 
GLU CB    HB2    sing N N 194 
GLU CB    HB3    sing N N 195 
GLU CG    CD     sing N N 196 
GLU CG    HG2    sing N N 197 
GLU CG    HG3    sing N N 198 
GLU CD    OE1    doub N N 199 
GLU CD    OE2    sing N N 200 
GLU OE2   HE2    sing N N 201 
GLU OXT   HXT    sing N N 202 
GLY N     CA     sing N N 203 
GLY N     H      sing N N 204 
GLY N     H2     sing N N 205 
GLY CA    C      sing N N 206 
GLY CA    HA2    sing N N 207 
GLY CA    HA3    sing N N 208 
GLY C     O      doub N N 209 
GLY C     OXT    sing N N 210 
GLY OXT   HXT    sing N N 211 
HIS N     CA     sing N N 212 
HIS N     H      sing N N 213 
HIS N     H2     sing N N 214 
HIS CA    C      sing N N 215 
HIS CA    CB     sing N N 216 
HIS CA    HA     sing N N 217 
HIS C     O      doub N N 218 
HIS C     OXT    sing N N 219 
HIS CB    CG     sing N N 220 
HIS CB    HB2    sing N N 221 
HIS CB    HB3    sing N N 222 
HIS CG    ND1    sing Y N 223 
HIS CG    CD2    doub Y N 224 
HIS ND1   CE1    doub Y N 225 
HIS ND1   HD1    sing N N 226 
HIS CD2   NE2    sing Y N 227 
HIS CD2   HD2    sing N N 228 
HIS CE1   NE2    sing Y N 229 
HIS CE1   HE1    sing N N 230 
HIS NE2   HE2    sing N N 231 
HIS OXT   HXT    sing N N 232 
HOH O     H1     sing N N 233 
HOH O     H2     sing N N 234 
ILE N     CA     sing N N 235 
ILE N     H      sing N N 236 
ILE N     H2     sing N N 237 
ILE CA    C      sing N N 238 
ILE CA    CB     sing N N 239 
ILE CA    HA     sing N N 240 
ILE C     O      doub N N 241 
ILE C     OXT    sing N N 242 
ILE CB    CG1    sing N N 243 
ILE CB    CG2    sing N N 244 
ILE CB    HB     sing N N 245 
ILE CG1   CD1    sing N N 246 
ILE CG1   HG12   sing N N 247 
ILE CG1   HG13   sing N N 248 
ILE CG2   HG21   sing N N 249 
ILE CG2   HG22   sing N N 250 
ILE CG2   HG23   sing N N 251 
ILE CD1   HD11   sing N N 252 
ILE CD1   HD12   sing N N 253 
ILE CD1   HD13   sing N N 254 
ILE OXT   HXT    sing N N 255 
LEU N     CA     sing N N 256 
LEU N     H      sing N N 257 
LEU N     H2     sing N N 258 
LEU CA    C      sing N N 259 
LEU CA    CB     sing N N 260 
LEU CA    HA     sing N N 261 
LEU C     O      doub N N 262 
LEU C     OXT    sing N N 263 
LEU CB    CG     sing N N 264 
LEU CB    HB2    sing N N 265 
LEU CB    HB3    sing N N 266 
LEU CG    CD1    sing N N 267 
LEU CG    CD2    sing N N 268 
LEU CG    HG     sing N N 269 
LEU CD1   HD11   sing N N 270 
LEU CD1   HD12   sing N N 271 
LEU CD1   HD13   sing N N 272 
LEU CD2   HD21   sing N N 273 
LEU CD2   HD22   sing N N 274 
LEU CD2   HD23   sing N N 275 
LEU OXT   HXT    sing N N 276 
LYS N     CA     sing N N 277 
LYS N     H      sing N N 278 
LYS N     H2     sing N N 279 
LYS CA    C      sing N N 280 
LYS CA    CB     sing N N 281 
LYS CA    HA     sing N N 282 
LYS C     O      doub N N 283 
LYS C     OXT    sing N N 284 
LYS CB    CG     sing N N 285 
LYS CB    HB2    sing N N 286 
LYS CB    HB3    sing N N 287 
LYS CG    CD     sing N N 288 
LYS CG    HG2    sing N N 289 
LYS CG    HG3    sing N N 290 
LYS CD    CE     sing N N 291 
LYS CD    HD2    sing N N 292 
LYS CD    HD3    sing N N 293 
LYS CE    NZ     sing N N 294 
LYS CE    HE2    sing N N 295 
LYS CE    HE3    sing N N 296 
LYS NZ    HZ1    sing N N 297 
LYS NZ    HZ2    sing N N 298 
LYS NZ    HZ3    sing N N 299 
LYS OXT   HXT    sing N N 300 
MET N     CA     sing N N 301 
MET N     H      sing N N 302 
MET N     H2     sing N N 303 
MET CA    C      sing N N 304 
MET CA    CB     sing N N 305 
MET CA    HA     sing N N 306 
MET C     O      doub N N 307 
MET C     OXT    sing N N 308 
MET CB    CG     sing N N 309 
MET CB    HB2    sing N N 310 
MET CB    HB3    sing N N 311 
MET CG    SD     sing N N 312 
MET CG    HG2    sing N N 313 
MET CG    HG3    sing N N 314 
MET SD    CE     sing N N 315 
MET CE    HE1    sing N N 316 
MET CE    HE2    sing N N 317 
MET CE    HE3    sing N N 318 
MET OXT   HXT    sing N N 319 
PHE N     CA     sing N N 320 
PHE N     H      sing N N 321 
PHE N     H2     sing N N 322 
PHE CA    C      sing N N 323 
PHE CA    CB     sing N N 324 
PHE CA    HA     sing N N 325 
PHE C     O      doub N N 326 
PHE C     OXT    sing N N 327 
PHE CB    CG     sing N N 328 
PHE CB    HB2    sing N N 329 
PHE CB    HB3    sing N N 330 
PHE CG    CD1    doub Y N 331 
PHE CG    CD2    sing Y N 332 
PHE CD1   CE1    sing Y N 333 
PHE CD1   HD1    sing N N 334 
PHE CD2   CE2    doub Y N 335 
PHE CD2   HD2    sing N N 336 
PHE CE1   CZ     doub Y N 337 
PHE CE1   HE1    sing N N 338 
PHE CE2   CZ     sing Y N 339 
PHE CE2   HE2    sing N N 340 
PHE CZ    HZ     sing N N 341 
PHE OXT   HXT    sing N N 342 
PRO N     CA     sing N N 343 
PRO N     CD     sing N N 344 
PRO N     H      sing N N 345 
PRO CA    C      sing N N 346 
PRO CA    CB     sing N N 347 
PRO CA    HA     sing N N 348 
PRO C     O      doub N N 349 
PRO C     OXT    sing N N 350 
PRO CB    CG     sing N N 351 
PRO CB    HB2    sing N N 352 
PRO CB    HB3    sing N N 353 
PRO CG    CD     sing N N 354 
PRO CG    HG2    sing N N 355 
PRO CG    HG3    sing N N 356 
PRO CD    HD2    sing N N 357 
PRO CD    HD3    sing N N 358 
PRO OXT   HXT    sing N N 359 
SER N     CA     sing N N 360 
SER N     H      sing N N 361 
SER N     H2     sing N N 362 
SER CA    C      sing N N 363 
SER CA    CB     sing N N 364 
SER CA    HA     sing N N 365 
SER C     O      doub N N 366 
SER C     OXT    sing N N 367 
SER CB    OG     sing N N 368 
SER CB    HB2    sing N N 369 
SER CB    HB3    sing N N 370 
SER OG    HG     sing N N 371 
SER OXT   HXT    sing N N 372 
THR N     CA     sing N N 373 
THR N     H      sing N N 374 
THR N     H2     sing N N 375 
THR CA    C      sing N N 376 
THR CA    CB     sing N N 377 
THR CA    HA     sing N N 378 
THR C     O      doub N N 379 
THR C     OXT    sing N N 380 
THR CB    OG1    sing N N 381 
THR CB    CG2    sing N N 382 
THR CB    HB     sing N N 383 
THR OG1   HG1    sing N N 384 
THR CG2   HG21   sing N N 385 
THR CG2   HG22   sing N N 386 
THR CG2   HG23   sing N N 387 
THR OXT   HXT    sing N N 388 
TRP N     CA     sing N N 389 
TRP N     H      sing N N 390 
TRP N     H2     sing N N 391 
TRP CA    C      sing N N 392 
TRP CA    CB     sing N N 393 
TRP CA    HA     sing N N 394 
TRP C     O      doub N N 395 
TRP C     OXT    sing N N 396 
TRP CB    CG     sing N N 397 
TRP CB    HB2    sing N N 398 
TRP CB    HB3    sing N N 399 
TRP CG    CD1    doub Y N 400 
TRP CG    CD2    sing Y N 401 
TRP CD1   NE1    sing Y N 402 
TRP CD1   HD1    sing N N 403 
TRP CD2   CE2    doub Y N 404 
TRP CD2   CE3    sing Y N 405 
TRP NE1   CE2    sing Y N 406 
TRP NE1   HE1    sing N N 407 
TRP CE2   CZ2    sing Y N 408 
TRP CE3   CZ3    doub Y N 409 
TRP CE3   HE3    sing N N 410 
TRP CZ2   CH2    doub Y N 411 
TRP CZ2   HZ2    sing N N 412 
TRP CZ3   CH2    sing Y N 413 
TRP CZ3   HZ3    sing N N 414 
TRP CH2   HH2    sing N N 415 
TRP OXT   HXT    sing N N 416 
TYR N     CA     sing N N 417 
TYR N     H      sing N N 418 
TYR N     H2     sing N N 419 
TYR CA    C      sing N N 420 
TYR CA    CB     sing N N 421 
TYR CA    HA     sing N N 422 
TYR C     O      doub N N 423 
TYR C     OXT    sing N N 424 
TYR CB    CG     sing N N 425 
TYR CB    HB2    sing N N 426 
TYR CB    HB3    sing N N 427 
TYR CG    CD1    doub Y N 428 
TYR CG    CD2    sing Y N 429 
TYR CD1   CE1    sing Y N 430 
TYR CD1   HD1    sing N N 431 
TYR CD2   CE2    doub Y N 432 
TYR CD2   HD2    sing N N 433 
TYR CE1   CZ     doub Y N 434 
TYR CE1   HE1    sing N N 435 
TYR CE2   CZ     sing Y N 436 
TYR CE2   HE2    sing N N 437 
TYR CZ    OH     sing N N 438 
TYR OH    HH     sing N N 439 
TYR OXT   HXT    sing N N 440 
U   OP3   P      sing N N 441 
U   OP3   HOP3   sing N N 442 
U   P     OP1    doub N N 443 
U   P     OP2    sing N N 444 
U   P     "O5'"  sing N N 445 
U   OP2   HOP2   sing N N 446 
U   "O5'" "C5'"  sing N N 447 
U   "C5'" "C4'"  sing N N 448 
U   "C5'" "H5'"  sing N N 449 
U   "C5'" "H5''" sing N N 450 
U   "C4'" "O4'"  sing N N 451 
U   "C4'" "C3'"  sing N N 452 
U   "C4'" "H4'"  sing N N 453 
U   "O4'" "C1'"  sing N N 454 
U   "C3'" "O3'"  sing N N 455 
U   "C3'" "C2'"  sing N N 456 
U   "C3'" "H3'"  sing N N 457 
U   "O3'" "HO3'" sing N N 458 
U   "C2'" "O2'"  sing N N 459 
U   "C2'" "C1'"  sing N N 460 
U   "C2'" "H2'"  sing N N 461 
U   "O2'" "HO2'" sing N N 462 
U   "C1'" N1     sing N N 463 
U   "C1'" "H1'"  sing N N 464 
U   N1    C2     sing N N 465 
U   N1    C6     sing N N 466 
U   C2    O2     doub N N 467 
U   C2    N3     sing N N 468 
U   N3    C4     sing N N 469 
U   N3    H3     sing N N 470 
U   C4    O4     doub N N 471 
U   C4    C5     sing N N 472 
U   C5    C6     doub N N 473 
U   C5    H5     sing N N 474 
U   C6    H6     sing N N 475 
VAL N     CA     sing N N 476 
VAL N     H      sing N N 477 
VAL N     H2     sing N N 478 
VAL CA    C      sing N N 479 
VAL CA    CB     sing N N 480 
VAL CA    HA     sing N N 481 
VAL C     O      doub N N 482 
VAL C     OXT    sing N N 483 
VAL CB    CG1    sing N N 484 
VAL CB    CG2    sing N N 485 
VAL CB    HB     sing N N 486 
VAL CG1   HG11   sing N N 487 
VAL CG1   HG12   sing N N 488 
VAL CG1   HG13   sing N N 489 
VAL CG2   HG21   sing N N 490 
VAL CG2   HG22   sing N N 491 
VAL CG2   HG23   sing N N 492 
VAL OXT   HXT    sing N N 493 
# 
loop_
_ndb_struct_conf_na.entry_id 
_ndb_struct_conf_na.feature 
2F8K 'a-form double helix' 
2F8K 'hairpin loop'        
# 
loop_
_ndb_struct_na_base_pair.model_number 
_ndb_struct_na_base_pair.i_label_asym_id 
_ndb_struct_na_base_pair.i_label_comp_id 
_ndb_struct_na_base_pair.i_label_seq_id 
_ndb_struct_na_base_pair.i_symmetry 
_ndb_struct_na_base_pair.j_label_asym_id 
_ndb_struct_na_base_pair.j_label_comp_id 
_ndb_struct_na_base_pair.j_label_seq_id 
_ndb_struct_na_base_pair.j_symmetry 
_ndb_struct_na_base_pair.shear 
_ndb_struct_na_base_pair.stretch 
_ndb_struct_na_base_pair.stagger 
_ndb_struct_na_base_pair.buckle 
_ndb_struct_na_base_pair.propeller 
_ndb_struct_na_base_pair.opening 
_ndb_struct_na_base_pair.pair_number 
_ndb_struct_na_base_pair.pair_name 
_ndb_struct_na_base_pair.i_auth_asym_id 
_ndb_struct_na_base_pair.i_auth_seq_id 
_ndb_struct_na_base_pair.i_PDB_ins_code 
_ndb_struct_na_base_pair.j_auth_asym_id 
_ndb_struct_na_base_pair.j_auth_seq_id 
_ndb_struct_na_base_pair.j_PDB_ins_code 
_ndb_struct_na_base_pair.hbond_type_28 
_ndb_struct_na_base_pair.hbond_type_12 
1 A A 2 1_555 A U 16 1_555 0.128  0.020  0.122  -5.818 -3.223  7.448  1 B_A1:U15_B B 1 ? B 15 ? 20 1 
1 A A 3 1_555 A U 15 1_555 0.327  -0.171 0.151  2.552  -12.938 4.587  2 B_A2:U14_B B 2 ? B 14 ? 20 1 
1 A U 4 1_555 A A 14 1_555 -0.171 -0.126 -0.225 7.808  -19.038 6.475  3 B_U3:A13_B B 3 ? B 13 ? 20 1 
1 A C 5 1_555 A G 13 1_555 0.211  -0.238 -0.184 6.507  -15.313 2.132  4 B_C4:G12_B B 4 ? B 12 ? 19 1 
1 A U 6 1_555 A A 12 1_555 -0.033 -0.100 -0.052 2.026  -6.852  -0.775 5 B_U5:A11_B B 5 ? B 11 ? 20 1 
1 A U 7 1_555 A A 10 1_555 -0.086 -0.177 -0.391 15.923 11.217  2.903  6 B_U6:A9_B  B 6 ? B 9  ? 20 1 
# 
loop_
_ndb_struct_na_base_pair_step.model_number 
_ndb_struct_na_base_pair_step.i_label_asym_id_1 
_ndb_struct_na_base_pair_step.i_label_comp_id_1 
_ndb_struct_na_base_pair_step.i_label_seq_id_1 
_ndb_struct_na_base_pair_step.i_symmetry_1 
_ndb_struct_na_base_pair_step.j_label_asym_id_1 
_ndb_struct_na_base_pair_step.j_label_comp_id_1 
_ndb_struct_na_base_pair_step.j_label_seq_id_1 
_ndb_struct_na_base_pair_step.j_symmetry_1 
_ndb_struct_na_base_pair_step.i_label_asym_id_2 
_ndb_struct_na_base_pair_step.i_label_comp_id_2 
_ndb_struct_na_base_pair_step.i_label_seq_id_2 
_ndb_struct_na_base_pair_step.i_symmetry_2 
_ndb_struct_na_base_pair_step.j_label_asym_id_2 
_ndb_struct_na_base_pair_step.j_label_comp_id_2 
_ndb_struct_na_base_pair_step.j_label_seq_id_2 
_ndb_struct_na_base_pair_step.j_symmetry_2 
_ndb_struct_na_base_pair_step.shift 
_ndb_struct_na_base_pair_step.slide 
_ndb_struct_na_base_pair_step.rise 
_ndb_struct_na_base_pair_step.tilt 
_ndb_struct_na_base_pair_step.roll 
_ndb_struct_na_base_pair_step.twist 
_ndb_struct_na_base_pair_step.x_displacement 
_ndb_struct_na_base_pair_step.y_displacement 
_ndb_struct_na_base_pair_step.helical_rise 
_ndb_struct_na_base_pair_step.inclination 
_ndb_struct_na_base_pair_step.tip 
_ndb_struct_na_base_pair_step.helical_twist 
_ndb_struct_na_base_pair_step.step_number 
_ndb_struct_na_base_pair_step.step_name 
_ndb_struct_na_base_pair_step.i_auth_asym_id_1 
_ndb_struct_na_base_pair_step.i_auth_seq_id_1 
_ndb_struct_na_base_pair_step.i_PDB_ins_code_1 
_ndb_struct_na_base_pair_step.j_auth_asym_id_1 
_ndb_struct_na_base_pair_step.j_auth_seq_id_1 
_ndb_struct_na_base_pair_step.j_PDB_ins_code_1 
_ndb_struct_na_base_pair_step.i_auth_asym_id_2 
_ndb_struct_na_base_pair_step.i_auth_seq_id_2 
_ndb_struct_na_base_pair_step.i_PDB_ins_code_2 
_ndb_struct_na_base_pair_step.j_auth_asym_id_2 
_ndb_struct_na_base_pair_step.j_auth_seq_id_2 
_ndb_struct_na_base_pair_step.j_PDB_ins_code_2 
1 A A 2 1_555 A U 16 1_555 A A 3 1_555 A U 15 1_555 -0.342 -1.275 2.984 -0.423 7.209  32.439 -3.283 0.537  2.651 12.709 0.746   
33.212 1 BB_A1A2:U14U15_BB B 1 ? B 15 ? B 2 ? B 14 ? 
1 A A 3 1_555 A U 15 1_555 A U 4 1_555 A A 14 1_555 -0.181 -1.280 3.092 2.311  7.099  27.639 -4.032 0.835  2.663 14.527 -4.729  
28.610 2 BB_A2U3:A13U14_BB B 2 ? B 14 ? B 3 ? B 13 ? 
1 A U 4 1_555 A A 14 1_555 A C 5 1_555 A G 13 1_555 -0.203 -1.510 3.318 -2.246 7.086  31.783 -3.880 -0.016 2.929 12.722 4.033   
32.619 3 BB_U3C4:G12A13_BB B 3 ? B 13 ? B 4 ? B 12 ? 
1 A C 5 1_555 A G 13 1_555 A U 6 1_555 A A 12 1_555 -0.549 -1.612 3.414 -2.315 10.756 31.650 -4.526 0.581  2.766 19.016 4.093   
33.461 4 BB_C4U5:A11G12_BB B 4 ? B 12 ? B 5 ? B 11 ? 
1 A U 6 1_555 A A 12 1_555 A U 7 1_555 A A 10 1_555 -0.535 -1.186 3.079 3.523  9.977  16.093 -7.699 3.065  1.871 31.573 -11.149 
19.241 5 BB_U5U6:A9A11_BB  B 5 ? B 11 ? B 6 ? B 9  ? 
# 
_pdbx_entity_nonpoly.entity_id   3 
_pdbx_entity_nonpoly.name        water 
_pdbx_entity_nonpoly.comp_id     HOH 
# 
_pdbx_initial_refinement_model.id               1 
_pdbx_initial_refinement_model.entity_id_list   ? 
_pdbx_initial_refinement_model.type             'experimental model' 
_pdbx_initial_refinement_model.source_name      PDB 
_pdbx_initial_refinement_model.accession_code   2D3D 
_pdbx_initial_refinement_model.details          'PDB Entry: 2D3D' 
# 
